data_6K0W
#
_entry.id   6K0W
#
_cell.length_a   123.810
_cell.length_b   88.480
_cell.length_c   163.330
_cell.angle_alpha   90.00
_cell.angle_beta   96.50
_cell.angle_gamma   90.00
#
_symmetry.space_group_name_H-M   'P 1 2 1'
#
loop_
_entity.id
_entity.type
_entity.pdbx_description
1 polymer 'Adenine specific DNA methyltransferase (Mod)'
2 non-polymer SINEFUNGIN
3 water water
#
_entity_poly.entity_id   1
_entity_poly.type   'polypeptide(L)'
_entity_poly.pdbx_seq_one_letter_code
;MGSSHHHHHHSSGLVPRGSHMLLKNFPQTIKDGQVSLSAIKMLLGFNESMNDISGYELTWTGKGFANALYSEPCQKQLKL
QESFTPQTSASKHPNNAIIIGDNLDALKLLKSAYSEKIKMIYIDPPYNTGNDEFIYPDNFRQDYQKILREVGLMEIDENG
KEIESESLKFFKNTQGSGTHSGWLSFMLPRLKLARDLLKEDGVIFISIDDNECANLKILCDEIFGEDNFVGDFIRKTKST
TNDAKIGLNYQHEFLLCYAKDKNYTNLLGGEKNLENYKNPDNDPNGAWINDNPSAKSGNMKTGYFGVTNPYTNKVDYPPV
GMFWRFSQNTIQKHIDEGRICFKKEHKDNERGFIYKRYLKDLKTTQKTFDSLIFSDNCYMNQAATKELLNLGMGEYFTYP
KGVEFMKKIILHSTTPNEGDIILDFFAGSGTTVHAVMELNAEDKGNREFILVQIDEEIKEDESAYDFCKKELKSAKPVIS
DITIERVKRAAQKISQLSKDSGLDLGFKVYTLQDKVQIINDKEEITLFNRSDLTPFDKALNLALQCGKTLNQALEIIIKD
KLYKCEDAYFCIVCDEEAQEYLAKSKNEMIFLDGYEEIDLEAFLNLNASFKERLSVVY
;
_entity_poly.pdbx_strand_id   B,A,C,D
#
# COMPACT_ATOMS: atom_id res chain seq x y z
N VAL A 35 17.66 -13.79 -19.18
CA VAL A 35 16.92 -14.91 -18.60
C VAL A 35 16.93 -14.86 -17.07
N SER A 36 16.27 -13.86 -16.49
CA SER A 36 16.21 -13.74 -15.04
C SER A 36 14.91 -13.03 -14.64
N LEU A 37 14.86 -12.59 -13.38
CA LEU A 37 13.63 -12.47 -12.60
C LEU A 37 13.14 -11.02 -12.60
N SER A 38 11.92 -10.82 -13.11
CA SER A 38 11.42 -9.47 -13.37
C SER A 38 11.31 -8.59 -12.12
N ALA A 39 11.57 -9.14 -10.93
CA ALA A 39 11.88 -8.26 -9.81
C ALA A 39 13.37 -7.96 -9.88
N ILE A 40 13.81 -7.47 -11.05
CA ILE A 40 15.12 -6.88 -11.28
C ILE A 40 15.04 -5.42 -10.88
N LYS A 41 13.91 -5.01 -10.30
CA LYS A 41 13.81 -3.68 -9.71
C LYS A 41 14.93 -3.46 -8.72
N MET A 42 15.42 -4.54 -8.10
CA MET A 42 16.68 -4.47 -7.36
C MET A 42 17.74 -3.77 -8.21
N LEU A 43 18.03 -4.34 -9.39
CA LEU A 43 19.08 -3.77 -10.24
C LEU A 43 18.70 -2.36 -10.69
N LEU A 44 17.46 -2.17 -11.13
CA LEU A 44 17.07 -0.84 -11.58
C LEU A 44 17.09 0.17 -10.45
N GLY A 45 16.75 -0.26 -9.24
CA GLY A 45 16.85 0.63 -8.10
C GLY A 45 18.29 1.00 -7.80
N PHE A 46 19.16 -0.01 -7.66
CA PHE A 46 20.58 0.26 -7.44
C PHE A 46 21.15 1.15 -8.53
N ASN A 47 20.74 0.95 -9.78
CA ASN A 47 21.25 1.82 -10.83
C ASN A 47 20.81 3.25 -10.62
N GLU A 48 19.51 3.46 -10.36
CA GLU A 48 18.99 4.82 -10.27
C GLU A 48 19.60 5.56 -9.09
N SER A 49 19.68 4.90 -7.93
CA SER A 49 20.31 5.53 -6.77
C SER A 49 21.76 5.87 -7.06
N MET A 50 22.44 5.06 -7.87
CA MET A 50 23.81 5.39 -8.23
C MET A 50 23.88 6.53 -9.25
N ASN A 51 22.85 6.74 -10.07
CA ASN A 51 22.84 7.93 -10.90
C ASN A 51 22.62 9.18 -10.05
N ASP A 52 21.96 9.03 -8.90
CA ASP A 52 21.80 10.14 -7.96
C ASP A 52 23.13 10.47 -7.28
N ILE A 53 23.79 9.46 -6.69
CA ILE A 53 25.10 9.68 -6.06
C ILE A 53 26.10 10.18 -7.09
N SER A 54 26.15 9.57 -8.28
CA SER A 54 27.10 10.00 -9.29
C SER A 54 26.89 11.47 -9.67
N GLY A 55 25.66 11.96 -9.59
CA GLY A 55 25.41 13.38 -9.80
C GLY A 55 24.77 13.70 -11.14
N TYR A 56 24.65 15.00 -11.36
CA TYR A 56 24.17 15.56 -12.62
C TYR A 56 24.99 15.04 -13.81
N GLU A 57 24.29 14.44 -14.78
CA GLU A 57 24.87 13.96 -16.01
C GLU A 57 23.81 13.49 -17.00
N LEU A 58 23.92 13.93 -18.25
CA LEU A 58 23.07 13.44 -19.33
C LEU A 58 23.65 12.13 -19.83
N THR A 59 22.95 11.02 -19.58
CA THR A 59 23.34 9.70 -20.07
C THR A 59 22.54 9.34 -21.33
N TRP A 60 23.03 8.33 -22.05
CA TRP A 60 22.35 7.83 -23.24
C TRP A 60 23.01 6.55 -23.69
N THR A 61 22.26 5.77 -24.49
CA THR A 61 22.71 4.44 -24.86
C THR A 61 23.94 4.53 -25.76
N GLY A 62 25.03 3.91 -25.33
CA GLY A 62 26.24 3.86 -26.12
C GLY A 62 27.29 4.89 -25.75
N LYS A 63 26.95 5.86 -24.88
CA LYS A 63 27.93 6.87 -24.46
C LYS A 63 29.27 6.24 -24.07
N GLY A 64 29.24 5.06 -23.44
CA GLY A 64 30.48 4.43 -23.00
C GLY A 64 31.41 4.14 -24.15
N PHE A 65 30.86 3.62 -25.25
CA PHE A 65 31.72 3.31 -26.40
C PHE A 65 32.16 4.58 -27.11
N ALA A 66 31.29 5.61 -27.15
CA ALA A 66 31.67 6.83 -27.85
C ALA A 66 32.88 7.47 -27.20
N ASN A 67 33.04 7.26 -25.91
CA ASN A 67 34.20 7.82 -25.23
C ASN A 67 35.43 6.97 -25.49
N ALA A 68 35.24 5.67 -25.74
CA ALA A 68 36.36 4.78 -26.03
C ALA A 68 36.88 4.95 -27.45
N LEU A 69 35.97 5.19 -28.43
CA LEU A 69 36.42 5.53 -29.77
C LEU A 69 37.38 6.71 -29.76
N TYR A 70 37.20 7.65 -28.81
CA TYR A 70 38.04 8.84 -28.75
C TYR A 70 39.51 8.50 -28.45
N SER A 71 39.74 7.46 -27.67
CA SER A 71 41.09 7.10 -27.26
C SER A 71 41.76 6.09 -28.17
N GLU A 72 41.09 5.62 -29.20
CA GLU A 72 41.73 4.65 -30.09
C GLU A 72 42.84 5.33 -30.88
N PRO A 73 43.92 4.61 -31.17
CA PRO A 73 44.98 5.17 -32.02
C PRO A 73 44.43 5.60 -33.37
N CYS A 74 45.22 6.37 -34.10
CA CYS A 74 44.84 6.76 -35.44
C CYS A 74 45.37 5.74 -36.43
N GLN A 75 44.50 5.26 -37.31
CA GLN A 75 44.82 4.22 -38.27
C GLN A 75 45.17 4.76 -39.65
N LYS A 76 45.01 6.06 -39.86
CA LYS A 76 45.04 6.65 -41.19
C LYS A 76 46.31 7.44 -41.42
N GLN A 77 46.59 7.70 -42.70
CA GLN A 77 47.70 8.52 -43.15
C GLN A 77 47.23 9.44 -44.27
N LEU A 78 47.92 10.58 -44.43
CA LEU A 78 47.58 11.54 -45.47
C LEU A 78 48.23 11.14 -46.79
N LYS A 79 47.49 11.32 -47.89
CA LYS A 79 48.02 11.16 -49.24
C LYS A 79 47.67 12.39 -50.06
N LEU A 80 48.68 13.05 -50.64
CA LEU A 80 48.43 14.23 -51.47
C LEU A 80 47.63 13.83 -52.70
N GLN A 81 46.69 14.68 -53.09
CA GLN A 81 45.79 14.40 -54.19
C GLN A 81 45.79 15.46 -55.28
N GLU A 82 46.03 16.73 -54.94
CA GLU A 82 45.82 17.84 -55.86
C GLU A 82 46.32 19.11 -55.17
N SER A 83 46.76 20.06 -55.98
CA SER A 83 47.21 21.36 -55.48
C SER A 83 46.63 22.43 -56.41
N PHE A 84 45.69 23.18 -55.89
CA PHE A 84 44.97 24.19 -56.65
C PHE A 84 45.56 25.57 -56.34
N THR A 85 45.76 26.37 -57.38
CA THR A 85 46.35 27.69 -57.21
C THR A 85 45.43 28.84 -57.60
N PRO A 86 44.63 28.67 -58.66
CA PRO A 86 43.98 29.78 -59.35
C PRO A 86 45.03 30.63 -60.06
N GLN A 87 46.16 29.98 -60.39
CA GLN A 87 47.30 30.57 -61.08
C GLN A 87 47.65 31.95 -60.53
N THR A 88 48.28 31.98 -59.35
CA THR A 88 48.78 33.21 -58.77
C THR A 88 50.25 33.02 -58.37
N SER A 89 50.51 32.05 -57.50
CA SER A 89 51.87 31.69 -57.14
C SER A 89 52.49 30.76 -58.19
N HIS A 93 53.41 27.31 -52.64
CA HIS A 93 52.82 26.31 -51.74
C HIS A 93 51.70 26.90 -50.89
N PRO A 94 50.53 26.28 -50.92
CA PRO A 94 49.35 26.90 -50.31
C PRO A 94 49.25 26.61 -48.82
N ASN A 95 48.84 27.66 -48.08
CA ASN A 95 48.64 27.58 -46.63
C ASN A 95 47.37 26.87 -46.23
N ASN A 96 46.56 26.46 -47.20
CA ASN A 96 45.24 25.91 -46.90
C ASN A 96 45.17 24.46 -47.35
N ALA A 97 44.16 23.76 -46.82
CA ALA A 97 44.13 22.32 -46.98
C ALA A 97 42.68 21.84 -46.89
N ILE A 98 42.37 20.82 -47.68
CA ILE A 98 41.09 20.12 -47.62
C ILE A 98 41.43 18.65 -47.46
N ILE A 99 40.85 18.02 -46.44
CA ILE A 99 41.06 16.61 -46.16
C ILE A 99 39.74 15.89 -46.46
N ILE A 100 39.83 14.73 -47.12
CA ILE A 100 38.67 13.93 -47.47
C ILE A 100 38.66 12.70 -46.58
N GLY A 101 37.53 12.43 -45.95
CA GLY A 101 37.40 11.29 -45.06
C GLY A 101 36.50 11.62 -43.88
N ASP A 102 36.31 10.60 -43.04
CA ASP A 102 35.59 10.79 -41.78
C ASP A 102 36.33 11.84 -40.94
N ASN A 103 35.60 12.82 -40.40
CA ASN A 103 36.27 13.80 -39.57
C ASN A 103 36.82 13.17 -38.29
N LEU A 104 36.30 12.02 -37.88
CA LEU A 104 36.90 11.33 -36.75
C LEU A 104 38.36 11.01 -37.03
N ASP A 105 38.67 10.56 -38.25
CA ASP A 105 40.06 10.22 -38.59
C ASP A 105 40.91 11.45 -38.78
N ALA A 106 40.41 12.44 -39.51
CA ALA A 106 41.16 13.67 -39.73
C ALA A 106 41.62 14.27 -38.42
N LEU A 107 40.67 14.51 -37.51
CA LEU A 107 41.01 15.18 -36.25
C LEU A 107 42.07 14.39 -35.48
N LYS A 108 41.87 13.08 -35.35
CA LYS A 108 42.91 12.26 -34.74
C LYS A 108 44.25 12.47 -35.44
N LEU A 109 44.25 12.50 -36.77
CA LEU A 109 45.51 12.72 -37.47
C LEU A 109 46.07 14.12 -37.21
N LEU A 110 45.20 15.13 -37.17
CA LEU A 110 45.71 16.49 -37.02
C LEU A 110 46.23 16.76 -35.61
N LYS A 111 45.85 15.92 -34.65
CA LYS A 111 46.25 16.14 -33.26
C LYS A 111 47.77 16.14 -33.10
N SER A 112 48.46 15.33 -33.90
CA SER A 112 49.92 15.21 -33.80
C SER A 112 50.62 16.55 -34.05
N ALA A 113 50.03 17.45 -34.85
CA ALA A 113 50.68 18.73 -35.13
C ALA A 113 49.84 19.96 -34.81
N TYR A 114 48.57 19.81 -34.46
CA TYR A 114 47.70 20.96 -34.24
C TYR A 114 47.08 21.02 -32.84
N SER A 115 47.57 20.22 -31.88
CA SER A 115 47.11 20.37 -30.51
C SER A 115 47.37 21.80 -30.03
N GLU A 116 46.30 22.51 -29.67
CA GLU A 116 46.40 23.88 -29.15
C GLU A 116 46.98 24.83 -30.20
N LYS A 117 46.64 24.59 -31.47
CA LYS A 117 47.05 25.49 -32.54
C LYS A 117 45.90 26.15 -33.29
N ILE A 118 44.65 25.71 -33.12
CA ILE A 118 43.56 26.22 -33.95
C ILE A 118 42.93 27.42 -33.25
N LYS A 119 42.72 28.50 -34.00
CA LYS A 119 42.11 29.68 -33.40
C LYS A 119 40.61 29.55 -33.33
N MET A 120 40.00 28.97 -34.37
CA MET A 120 38.55 28.81 -34.39
C MET A 120 38.15 27.56 -35.15
N ILE A 121 37.17 26.85 -34.59
CA ILE A 121 36.44 25.77 -35.26
C ILE A 121 35.01 26.22 -35.48
N TYR A 122 34.49 26.01 -36.69
CA TYR A 122 33.07 26.12 -36.98
C TYR A 122 32.57 24.82 -37.54
N ILE A 123 31.47 24.30 -37.01
CA ILE A 123 30.88 23.10 -37.59
C ILE A 123 29.36 23.25 -37.65
N ASP A 124 28.81 22.97 -38.82
CA ASP A 124 27.39 22.85 -39.10
C ASP A 124 27.06 21.36 -39.24
N PRO A 125 26.94 20.63 -38.14
CA PRO A 125 26.78 19.18 -38.22
C PRO A 125 25.37 18.83 -38.64
N PRO A 126 25.08 17.55 -38.89
CA PRO A 126 23.68 17.18 -39.14
C PRO A 126 22.84 17.48 -37.91
N TYR A 127 21.87 18.37 -38.08
CA TYR A 127 20.72 18.40 -37.16
C TYR A 127 20.06 17.03 -37.21
N ASN A 128 19.36 16.67 -36.16
CA ASN A 128 18.79 15.34 -36.22
C ASN A 128 17.28 15.43 -36.41
N THR A 129 16.85 16.07 -37.50
CA THR A 129 15.45 16.39 -37.71
C THR A 129 14.61 15.15 -38.02
N GLY A 130 13.30 15.33 -38.03
CA GLY A 130 12.44 14.27 -38.51
C GLY A 130 12.71 13.95 -39.97
N ASN A 131 12.78 14.98 -40.80
CA ASN A 131 12.99 14.88 -42.25
C ASN A 131 14.27 14.14 -42.61
N ASP A 132 15.42 14.84 -42.60
CA ASP A 132 16.72 14.19 -42.81
C ASP A 132 17.17 13.63 -41.46
N GLU A 133 16.72 12.43 -41.16
CA GLU A 133 17.01 11.82 -39.87
C GLU A 133 18.29 11.01 -39.94
N PHE A 134 18.96 10.93 -38.80
CA PHE A 134 20.38 10.64 -38.72
C PHE A 134 20.61 9.19 -38.30
N ILE A 135 21.44 8.47 -39.05
CA ILE A 135 21.84 7.11 -38.71
C ILE A 135 23.24 7.15 -38.10
N TYR A 136 23.42 6.44 -36.97
CA TYR A 136 24.73 6.32 -36.33
C TYR A 136 25.71 5.61 -37.24
N PRO A 137 26.73 6.32 -37.76
CA PRO A 137 27.67 5.73 -38.72
C PRO A 137 28.77 4.90 -38.07
N ASP A 138 29.15 5.23 -36.84
CA ASP A 138 30.30 4.59 -36.22
C ASP A 138 30.06 3.12 -35.89
N ASN A 139 28.82 2.64 -36.00
CA ASN A 139 28.49 1.22 -35.94
C ASN A 139 29.42 0.40 -36.83
N PHE A 140 29.81 0.99 -37.95
CA PHE A 140 30.46 0.25 -39.03
C PHE A 140 31.98 0.28 -38.97
N ARG A 141 32.57 1.26 -38.27
CA ARG A 141 34.03 1.40 -38.22
C ARG A 141 34.70 0.18 -37.59
N GLN A 142 35.81 -0.23 -38.19
CA GLN A 142 36.53 -1.39 -37.69
C GLN A 142 37.00 -1.18 -36.25
N ASP A 143 37.56 -0.01 -35.94
CA ASP A 143 38.03 0.22 -34.58
C ASP A 143 36.87 0.30 -33.59
N TYR A 144 35.67 0.63 -34.05
CA TYR A 144 34.50 0.51 -33.19
C TYR A 144 34.14 -0.95 -32.96
N GLN A 145 34.19 -1.78 -34.01
CA GLN A 145 33.94 -3.19 -33.81
C GLN A 145 35.08 -3.85 -33.04
N LYS A 146 36.30 -3.34 -33.18
CA LYS A 146 37.38 -3.80 -32.30
C LYS A 146 37.12 -3.35 -30.87
N ILE A 147 36.61 -2.12 -30.68
CA ILE A 147 36.22 -1.67 -29.34
C ILE A 147 35.12 -2.52 -28.75
N LEU A 148 34.28 -3.14 -29.60
CA LEU A 148 33.18 -3.97 -29.13
C LEU A 148 33.64 -5.41 -28.89
N ARG A 149 34.91 -5.59 -28.51
CA ARG A 149 35.44 -6.91 -28.19
C ARG A 149 34.76 -7.53 -26.98
N GLU A 150 34.00 -6.74 -26.21
CA GLU A 150 33.37 -7.25 -24.98
C GLU A 150 32.38 -8.36 -25.28
N VAL A 151 31.64 -8.26 -26.40
CA VAL A 151 30.71 -9.30 -26.84
C VAL A 151 30.15 -8.99 -28.23
N GLY A 152 30.52 -9.79 -29.23
CA GLY A 152 30.11 -9.57 -30.62
C GLY A 152 28.70 -10.09 -30.89
N GLU A 166 24.99 -11.27 -30.05
CA GLU A 166 23.82 -11.73 -29.31
C GLU A 166 22.98 -10.56 -28.84
N SER A 167 23.10 -10.23 -27.55
CA SER A 167 22.39 -9.10 -26.97
C SER A 167 22.66 -7.79 -27.69
N LEU A 168 23.71 -7.73 -28.52
CA LEU A 168 24.01 -6.50 -29.25
C LEU A 168 22.85 -6.04 -30.12
N LYS A 169 21.97 -6.97 -30.51
CA LYS A 169 20.82 -6.60 -31.34
C LYS A 169 19.91 -5.62 -30.62
N PHE A 170 19.70 -5.82 -29.31
CA PHE A 170 18.81 -4.95 -28.56
C PHE A 170 19.35 -3.52 -28.50
N PHE A 171 20.66 -3.36 -28.27
CA PHE A 171 21.24 -2.04 -28.17
C PHE A 171 21.20 -1.31 -29.51
N LYS A 172 21.31 -2.05 -30.62
CA LYS A 172 21.22 -1.42 -31.94
C LYS A 172 19.86 -0.79 -32.15
N ASN A 173 18.79 -1.48 -31.75
CA ASN A 173 17.45 -0.91 -31.85
C ASN A 173 17.28 0.25 -30.87
N THR A 174 17.84 0.13 -29.67
CA THR A 174 17.70 1.18 -28.66
C THR A 174 18.45 2.44 -29.05
N GLN A 175 19.68 2.30 -29.53
CA GLN A 175 20.41 3.46 -30.05
C GLN A 175 19.70 4.04 -31.27
N GLY A 176 19.46 3.21 -32.29
CA GLY A 176 18.62 3.40 -33.46
C GLY A 176 18.95 4.58 -34.37
N SER A 177 17.93 4.96 -35.15
CA SER A 177 17.97 6.08 -36.08
C SER A 177 17.00 7.17 -35.65
N GLY A 178 17.40 8.43 -35.83
CA GLY A 178 16.61 9.55 -35.38
C GLY A 178 16.53 9.71 -33.89
N THR A 179 17.07 8.78 -33.12
CA THR A 179 17.11 8.89 -31.67
C THR A 179 18.25 9.82 -31.25
N HIS A 180 18.17 10.32 -30.03
CA HIS A 180 19.24 11.16 -29.53
C HIS A 180 20.51 10.36 -29.25
N SER A 181 20.37 9.12 -28.79
CA SER A 181 21.53 8.31 -28.40
C SER A 181 22.53 8.22 -29.55
N GLY A 182 22.05 7.92 -30.75
CA GLY A 182 22.95 7.81 -31.90
C GLY A 182 23.67 9.12 -32.19
N TRP A 183 22.91 10.21 -32.26
CA TRP A 183 23.49 11.50 -32.58
C TRP A 183 24.54 11.92 -31.56
N LEU A 184 24.24 11.74 -30.27
CA LEU A 184 25.16 12.17 -29.22
C LEU A 184 26.44 11.33 -29.23
N SER A 185 26.31 10.00 -29.33
CA SER A 185 27.47 9.13 -29.52
C SER A 185 28.35 9.64 -30.67
N PHE A 186 27.73 10.01 -31.78
CA PHE A 186 28.46 10.51 -32.93
C PHE A 186 29.19 11.80 -32.60
N MET A 187 28.57 12.70 -31.85
CA MET A 187 29.17 14.03 -31.66
C MET A 187 30.28 14.03 -30.61
N LEU A 188 30.17 13.18 -29.57
CA LEU A 188 31.09 13.17 -28.43
C LEU A 188 32.56 13.09 -28.84
N PRO A 189 33.05 11.97 -29.39
CA PRO A 189 34.50 11.87 -29.63
C PRO A 189 35.02 12.98 -30.54
N ARG A 190 34.20 13.46 -31.48
CA ARG A 190 34.67 14.52 -32.38
C ARG A 190 34.77 15.86 -31.66
N LEU A 191 33.82 16.16 -30.76
CA LEU A 191 33.94 17.39 -29.98
C LEU A 191 35.15 17.33 -29.06
N LYS A 192 35.38 16.19 -28.40
CA LYS A 192 36.57 16.07 -27.56
C LYS A 192 37.84 16.39 -28.33
N LEU A 193 37.99 15.81 -29.52
CA LEU A 193 39.17 16.08 -30.33
C LEU A 193 39.24 17.56 -30.72
N ALA A 194 38.11 18.12 -31.16
CA ALA A 194 38.08 19.54 -31.52
C ALA A 194 38.61 20.40 -30.38
N ARG A 195 38.21 20.09 -29.14
CA ARG A 195 38.75 20.80 -27.99
C ARG A 195 40.27 20.66 -27.92
N ASP A 196 40.79 19.44 -28.15
CA ASP A 196 42.23 19.22 -28.14
C ASP A 196 42.97 20.11 -29.13
N LEU A 197 42.33 20.50 -30.23
CA LEU A 197 43.04 21.27 -31.25
C LEU A 197 43.01 22.77 -30.99
N LEU A 198 42.14 23.24 -30.11
CA LEU A 198 41.98 24.68 -29.88
C LEU A 198 43.14 25.25 -29.08
N LYS A 199 43.68 26.39 -29.53
CA LYS A 199 44.50 27.22 -28.66
C LYS A 199 43.69 27.68 -27.46
N GLU A 200 44.37 28.16 -26.42
CA GLU A 200 43.65 28.55 -25.21
C GLU A 200 42.73 29.74 -25.47
N ASP A 201 43.11 30.66 -26.36
CA ASP A 201 42.22 31.72 -26.80
C ASP A 201 41.36 31.30 -28.00
N GLY A 202 41.26 30.00 -28.29
CA GLY A 202 40.38 29.55 -29.35
C GLY A 202 38.93 29.43 -28.92
N VAL A 203 38.02 29.42 -29.90
CA VAL A 203 36.61 29.13 -29.67
C VAL A 203 36.09 28.21 -30.76
N ILE A 204 35.01 27.50 -30.44
CA ILE A 204 34.29 26.65 -31.37
C ILE A 204 32.85 27.14 -31.49
N PHE A 205 32.37 27.29 -32.72
CA PHE A 205 30.98 27.58 -33.02
C PHE A 205 30.34 26.34 -33.64
N ILE A 206 29.08 26.08 -33.30
CA ILE A 206 28.31 24.94 -33.77
C ILE A 206 26.90 25.40 -34.06
N SER A 207 26.46 25.23 -35.31
CA SER A 207 25.09 25.48 -35.71
C SER A 207 24.20 24.29 -35.38
N ILE A 208 22.98 24.56 -34.90
CA ILE A 208 22.08 23.50 -34.44
C ILE A 208 20.68 24.06 -34.42
N ASP A 209 19.68 23.18 -34.53
CA ASP A 209 18.29 23.59 -34.48
C ASP A 209 17.65 23.05 -33.20
N ASP A 210 16.31 23.03 -33.12
CA ASP A 210 15.64 22.66 -31.87
C ASP A 210 15.81 21.18 -31.51
N ASN A 211 15.95 20.29 -32.48
CA ASN A 211 15.95 18.87 -32.17
C ASN A 211 17.10 18.45 -31.25
N GLU A 212 18.24 19.14 -31.30
CA GLU A 212 19.38 18.73 -30.48
C GLU A 212 20.12 19.89 -29.84
N CYS A 213 19.64 21.12 -29.99
CA CYS A 213 20.23 22.25 -29.29
C CYS A 213 20.52 21.90 -27.83
N ALA A 214 19.51 21.47 -27.08
CA ALA A 214 19.70 21.32 -25.63
C ALA A 214 20.69 20.21 -25.32
N ASN A 215 20.49 19.02 -25.91
CA ASN A 215 21.47 17.95 -25.78
C ASN A 215 22.86 18.43 -26.14
N LEU A 216 22.97 19.24 -27.20
CA LEU A 216 24.29 19.71 -27.62
C LEU A 216 24.90 20.60 -26.55
N LYS A 217 24.11 21.54 -26.02
CA LYS A 217 24.64 22.45 -25.02
C LYS A 217 25.13 21.67 -23.82
N ILE A 218 24.38 20.64 -23.42
CA ILE A 218 24.77 19.88 -22.24
C ILE A 218 25.98 19.01 -22.53
N LEU A 219 26.09 18.49 -23.76
CA LEU A 219 27.27 17.71 -24.11
C LEU A 219 28.52 18.59 -24.11
N CYS A 220 28.42 19.78 -24.69
CA CYS A 220 29.56 20.68 -24.72
C CYS A 220 29.94 21.14 -23.33
N ASP A 221 28.95 21.38 -22.45
CA ASP A 221 29.25 21.65 -21.06
C ASP A 221 30.15 20.57 -20.49
N GLU A 222 29.76 19.31 -20.70
CA GLU A 222 30.54 18.21 -20.13
C GLU A 222 31.94 18.18 -20.73
N ILE A 223 32.08 18.50 -22.02
CA ILE A 223 33.38 18.42 -22.68
C ILE A 223 34.20 19.68 -22.41
N PHE A 224 33.64 20.85 -22.67
CA PHE A 224 34.43 22.08 -22.60
C PHE A 224 34.41 22.72 -21.23
N GLY A 225 33.59 22.22 -20.31
CA GLY A 225 33.43 22.89 -19.03
C GLY A 225 32.36 23.95 -19.11
N GLU A 226 31.38 23.85 -18.21
CA GLU A 226 30.24 24.76 -18.25
C GLU A 226 30.69 26.21 -18.15
N ASP A 227 31.79 26.47 -17.45
CA ASP A 227 32.29 27.84 -17.35
C ASP A 227 32.76 28.37 -18.69
N ASN A 228 33.10 27.51 -19.64
CA ASN A 228 33.62 27.97 -20.91
C ASN A 228 32.55 28.19 -21.97
N PHE A 229 31.28 28.02 -21.63
CA PHE A 229 30.20 28.45 -22.50
C PHE A 229 30.31 29.95 -22.75
N VAL A 230 30.51 30.34 -24.00
CA VAL A 230 30.52 31.78 -24.27
C VAL A 230 29.09 32.31 -24.38
N GLY A 231 28.21 31.61 -25.07
CA GLY A 231 26.91 32.15 -25.39
C GLY A 231 26.37 31.57 -26.68
N ASP A 232 25.13 31.91 -26.96
CA ASP A 232 24.45 31.39 -28.13
C ASP A 232 23.95 32.55 -28.98
N PHE A 233 23.97 32.34 -30.29
CA PHE A 233 23.51 33.35 -31.22
C PHE A 233 22.27 32.81 -31.88
N ILE A 234 21.34 33.68 -32.19
CA ILE A 234 20.11 33.33 -32.87
C ILE A 234 20.22 33.81 -34.29
N ARG A 235 19.93 32.94 -35.25
CA ARG A 235 19.88 33.28 -36.66
C ARG A 235 18.46 33.12 -37.12
N LYS A 236 17.93 34.15 -37.77
CA LYS A 236 16.64 34.04 -38.42
C LYS A 236 16.79 33.23 -39.70
N THR A 237 15.96 32.20 -39.87
CA THR A 237 16.08 31.27 -41.00
C THR A 237 15.12 31.56 -42.14
N LYS A 238 13.93 32.07 -41.84
CA LYS A 238 12.92 32.35 -42.86
C LYS A 238 11.97 33.41 -42.34
N SER A 239 11.11 33.89 -43.25
CA SER A 239 10.13 34.91 -42.93
C SER A 239 8.79 34.29 -42.56
N THR A 240 8.25 33.48 -43.46
CA THR A 240 6.97 32.81 -43.27
C THR A 240 7.21 31.32 -43.31
N THR A 241 6.51 30.58 -42.46
CA THR A 241 6.62 29.14 -42.46
C THR A 241 5.56 28.53 -43.36
N ASN A 242 5.84 27.33 -43.88
CA ASN A 242 4.85 26.57 -44.63
C ASN A 242 4.24 25.44 -43.83
N ASP A 243 4.91 25.00 -42.76
CA ASP A 243 4.30 24.10 -41.78
C ASP A 243 3.76 24.92 -40.61
N ALA A 244 2.71 25.68 -40.92
CA ALA A 244 1.96 26.45 -39.92
C ALA A 244 0.76 25.67 -39.43
N LYS A 245 0.99 24.39 -39.11
CA LYS A 245 -0.08 23.46 -38.83
C LYS A 245 -0.78 23.76 -37.50
N ILE A 246 -0.05 24.25 -36.50
CA ILE A 246 -0.66 24.63 -35.23
C ILE A 246 -0.56 26.14 -35.00
N GLY A 247 -0.45 26.93 -36.06
CA GLY A 247 -0.44 28.37 -35.92
C GLY A 247 0.87 28.97 -35.46
N LEU A 248 1.92 28.16 -35.39
CA LEU A 248 3.25 28.63 -35.02
C LEU A 248 4.09 28.77 -36.27
N ASN A 249 4.79 29.90 -36.38
CA ASN A 249 5.73 30.18 -37.47
C ASN A 249 7.14 30.13 -36.88
N TYR A 250 7.71 28.93 -36.86
CA TYR A 250 9.02 28.69 -36.23
C TYR A 250 10.11 29.05 -37.23
N GLN A 251 10.92 30.06 -36.90
CA GLN A 251 11.72 30.75 -37.90
C GLN A 251 13.15 31.01 -37.47
N HIS A 252 13.74 30.19 -36.59
CA HIS A 252 15.11 30.48 -36.20
C HIS A 252 15.90 29.21 -35.84
N GLU A 253 17.22 29.38 -35.70
CA GLU A 253 18.11 28.32 -35.22
C GLU A 253 19.16 28.96 -34.30
N PHE A 254 20.13 28.15 -33.85
CA PHE A 254 21.10 28.49 -32.84
C PHE A 254 22.54 28.35 -33.34
N LEU A 255 23.40 29.23 -32.82
CA LEU A 255 24.86 29.10 -32.98
C LEU A 255 25.49 29.16 -31.59
N LEU A 256 25.91 27.99 -31.08
CA LEU A 256 26.53 27.89 -29.77
C LEU A 256 28.01 28.19 -29.87
N CYS A 257 28.52 28.89 -28.87
CA CYS A 257 29.93 29.27 -28.82
C CYS A 257 30.54 28.84 -27.49
N TYR A 258 31.59 28.03 -27.56
CA TYR A 258 32.33 27.56 -26.40
C TYR A 258 33.78 28.00 -26.54
N ALA A 259 34.37 28.42 -25.43
CA ALA A 259 35.78 28.77 -25.42
C ALA A 259 36.61 27.59 -24.93
N LYS A 260 37.83 27.47 -25.45
CA LYS A 260 38.74 26.50 -24.85
C LYS A 260 39.03 26.90 -23.41
N ASP A 261 39.35 28.18 -23.18
CA ASP A 261 39.56 28.75 -21.84
C ASP A 261 39.03 30.18 -21.88
N LYS A 262 37.84 30.40 -21.28
CA LYS A 262 37.16 31.68 -21.49
C LYS A 262 37.94 32.85 -20.92
N ASN A 263 38.90 32.60 -20.03
CA ASN A 263 39.79 33.68 -19.60
C ASN A 263 40.54 34.34 -20.74
N TYR A 264 40.83 33.60 -21.82
CA TYR A 264 41.62 34.18 -22.90
C TYR A 264 40.76 34.63 -24.08
N THR A 265 39.46 34.36 -24.04
CA THR A 265 38.57 34.65 -25.15
C THR A 265 38.43 36.15 -25.42
N ASN A 266 38.38 36.52 -26.70
CA ASN A 266 38.07 37.89 -27.09
C ASN A 266 37.32 37.85 -28.41
N LEU A 267 36.09 38.38 -28.43
CA LEU A 267 35.26 38.38 -29.61
C LEU A 267 34.95 39.77 -30.14
N LEU A 268 35.63 40.80 -29.62
CA LEU A 268 35.57 42.12 -30.25
C LEU A 268 35.88 42.01 -31.74
N GLY A 269 35.31 42.91 -32.52
CA GLY A 269 35.52 42.92 -33.96
C GLY A 269 36.66 43.81 -34.40
N ASN A 282 51.31 61.69 -30.42
CA ASN A 282 51.99 60.52 -30.97
C ASN A 282 52.69 60.87 -32.30
N ASP A 283 53.85 60.25 -32.55
CA ASP A 283 54.63 60.54 -33.75
C ASP A 283 55.59 59.41 -34.09
N PRO A 284 55.92 58.57 -33.12
CA PRO A 284 56.81 57.44 -33.34
C PRO A 284 56.01 56.18 -33.65
N ASN A 285 56.59 55.32 -34.48
CA ASN A 285 55.91 54.10 -34.90
C ASN A 285 55.53 53.26 -33.68
N GLY A 286 54.34 52.66 -33.75
CA GLY A 286 53.82 51.85 -32.64
C GLY A 286 52.83 50.83 -33.20
N ALA A 287 52.22 50.07 -32.29
CA ALA A 287 51.31 48.98 -32.65
C ALA A 287 49.95 49.46 -33.15
N TRP A 288 49.89 50.61 -33.84
CA TRP A 288 48.65 51.03 -34.48
C TRP A 288 48.55 50.43 -35.88
N ILE A 289 49.55 50.69 -36.73
CA ILE A 289 49.62 50.23 -38.11
C ILE A 289 48.27 50.42 -38.80
N ASN A 290 47.94 51.67 -39.14
CA ASN A 290 46.59 52.02 -39.58
C ASN A 290 46.08 51.04 -40.63
N ASP A 291 44.79 50.69 -40.50
CA ASP A 291 44.19 49.58 -41.22
C ASP A 291 43.60 50.05 -42.55
N ASN A 292 42.79 49.21 -43.18
CA ASN A 292 42.28 49.51 -44.51
C ASN A 292 41.39 50.75 -44.48
N PRO A 293 41.55 51.68 -45.42
CA PRO A 293 40.66 52.85 -45.48
C PRO A 293 39.36 52.58 -46.23
N SER A 294 39.09 51.33 -46.63
CA SER A 294 37.92 50.96 -47.41
C SER A 294 37.28 49.72 -46.81
N ALA A 295 35.95 49.70 -46.74
CA ALA A 295 35.19 48.55 -46.28
C ALA A 295 34.02 48.31 -47.20
N LYS A 296 33.50 47.08 -47.19
CA LYS A 296 32.37 46.72 -48.02
C LYS A 296 31.08 47.38 -47.51
N SER A 297 30.94 48.69 -47.73
CA SER A 297 29.91 49.55 -47.18
C SER A 297 28.92 50.03 -48.25
N GLY A 298 28.16 51.07 -47.91
CA GLY A 298 27.09 51.55 -48.78
C GLY A 298 27.29 53.00 -49.16
N ASN A 299 28.49 53.51 -48.89
CA ASN A 299 28.83 54.90 -49.20
C ASN A 299 29.24 55.01 -50.66
N MET A 300 28.28 54.68 -51.53
CA MET A 300 28.46 54.74 -52.98
C MET A 300 28.93 56.13 -53.40
N LYS A 301 28.05 57.12 -53.44
CA LYS A 301 28.45 58.42 -53.97
C LYS A 301 29.37 59.17 -53.01
N THR A 302 29.07 59.18 -51.72
CA THR A 302 29.93 59.83 -50.75
C THR A 302 31.18 59.00 -50.39
N GLY A 303 31.60 58.06 -51.25
CA GLY A 303 32.75 57.25 -50.95
C GLY A 303 33.66 56.91 -52.12
N TYR A 304 33.16 57.05 -53.35
CA TYR A 304 33.94 56.79 -54.56
C TYR A 304 34.46 58.12 -55.09
N PHE A 305 35.73 58.41 -54.81
CA PHE A 305 36.36 59.68 -55.23
C PHE A 305 37.87 59.52 -55.17
N GLY A 306 38.59 60.62 -55.00
CA GLY A 306 40.04 60.64 -55.21
C GLY A 306 40.84 61.18 -54.04
N VAL A 307 41.94 60.48 -53.74
CA VAL A 307 42.88 60.91 -52.70
C VAL A 307 44.17 61.44 -53.33
N THR A 312 54.36 63.91 -53.69
CA THR A 312 54.37 63.13 -54.93
C THR A 312 52.94 62.77 -55.36
N ASN A 313 52.64 63.02 -56.63
CA ASN A 313 51.26 62.96 -57.14
C ASN A 313 50.90 61.55 -57.59
N LYS A 314 49.72 61.10 -57.15
CA LYS A 314 49.13 59.82 -57.52
C LYS A 314 47.68 59.77 -57.04
N VAL A 315 46.73 59.53 -57.94
CA VAL A 315 45.31 59.53 -57.59
C VAL A 315 44.89 58.13 -57.13
N ASP A 316 44.53 58.01 -55.86
CA ASP A 316 44.15 56.73 -55.26
C ASP A 316 42.63 56.62 -55.20
N TYR A 317 42.09 55.52 -55.74
CA TYR A 317 40.67 55.21 -55.66
C TYR A 317 40.47 53.87 -54.96
N PRO A 318 39.33 53.73 -54.26
CA PRO A 318 39.10 52.57 -53.41
C PRO A 318 38.91 51.30 -54.25
N PRO A 319 39.23 50.13 -53.68
CA PRO A 319 39.00 48.87 -54.40
C PRO A 319 37.52 48.64 -54.68
N VAL A 320 37.22 48.18 -55.90
CA VAL A 320 35.83 48.04 -56.31
C VAL A 320 35.12 47.00 -55.43
N GLY A 321 33.81 47.16 -55.29
CA GLY A 321 33.07 46.46 -54.26
C GLY A 321 33.27 47.03 -52.87
N MET A 322 34.04 48.11 -52.73
CA MET A 322 34.36 48.74 -51.46
C MET A 322 34.55 50.23 -51.67
N PHE A 323 34.32 51.01 -50.62
CA PHE A 323 34.31 52.46 -50.70
C PHE A 323 35.10 53.04 -49.53
N TRP A 324 35.68 54.23 -49.77
CA TRP A 324 36.51 54.88 -48.77
C TRP A 324 35.76 55.02 -47.45
N ARG A 325 36.51 55.00 -46.36
CA ARG A 325 35.94 55.21 -45.03
C ARG A 325 35.87 56.69 -44.65
N PHE A 326 36.05 57.59 -45.62
CA PHE A 326 36.06 59.03 -45.40
C PHE A 326 35.32 59.69 -46.56
N SER A 327 35.18 61.01 -46.49
CA SER A 327 34.37 61.74 -47.45
C SER A 327 35.03 63.07 -47.81
N GLN A 328 34.66 63.58 -48.98
CA GLN A 328 35.16 64.86 -49.46
C GLN A 328 34.62 65.99 -48.58
N LYS A 363 38.27 53.08 -27.94
CA LYS A 363 37.16 52.46 -27.22
C LYS A 363 35.87 52.56 -28.04
N THR A 364 35.64 53.72 -28.66
CA THR A 364 34.55 53.87 -29.61
C THR A 364 34.87 53.29 -30.99
N THR A 365 35.88 52.42 -31.08
CA THR A 365 36.30 51.79 -32.32
C THR A 365 36.14 50.27 -32.34
N GLN A 366 36.09 49.62 -31.18
CA GLN A 366 35.87 48.18 -31.12
C GLN A 366 34.38 47.89 -31.20
N LYS A 367 34.04 46.74 -31.81
CA LYS A 367 32.67 46.32 -31.99
C LYS A 367 32.43 45.00 -31.27
N THR A 368 31.31 44.90 -30.55
CA THR A 368 30.99 43.68 -29.82
C THR A 368 30.18 42.71 -30.68
N PHE A 369 30.35 41.42 -30.40
CA PHE A 369 29.52 40.38 -31.00
C PHE A 369 28.18 40.37 -30.26
N ASP A 370 27.10 40.73 -30.96
CA ASP A 370 25.79 40.88 -30.34
C ASP A 370 25.00 39.59 -30.52
N SER A 371 24.41 39.10 -29.42
CA SER A 371 23.82 37.77 -29.44
C SER A 371 22.69 37.64 -30.45
N LEU A 372 22.06 38.75 -30.84
CA LEU A 372 20.99 38.74 -31.83
C LEU A 372 21.40 39.31 -33.20
N ILE A 373 22.69 39.42 -33.51
CA ILE A 373 23.08 40.10 -34.73
C ILE A 373 22.50 39.38 -35.95
N PHE A 374 22.33 38.07 -35.85
CA PHE A 374 21.81 37.27 -36.94
C PHE A 374 20.31 37.11 -36.91
N SER A 375 19.59 37.95 -36.17
CA SER A 375 18.13 37.87 -36.26
C SER A 375 17.60 38.72 -37.40
N ASP A 376 18.48 39.33 -38.18
CA ASP A 376 18.16 40.19 -39.30
C ASP A 376 17.85 39.38 -40.57
N ASN A 377 16.93 39.91 -41.39
CA ASN A 377 16.54 39.27 -42.64
C ASN A 377 17.72 38.94 -43.57
N CYS A 378 18.86 39.62 -43.43
CA CYS A 378 20.04 39.35 -44.25
C CYS A 378 20.57 37.92 -44.13
N TYR A 379 20.47 37.28 -42.95
CA TYR A 379 21.10 36.00 -42.72
C TYR A 379 20.12 34.83 -42.84
N MET A 380 19.04 35.03 -43.60
CA MET A 380 18.05 33.98 -43.75
C MET A 380 18.53 32.97 -44.79
N ASN A 381 17.86 31.80 -44.82
CA ASN A 381 18.29 30.74 -45.73
C ASN A 381 18.28 31.22 -47.16
N GLN A 382 17.40 32.16 -47.50
CA GLN A 382 17.34 32.68 -48.87
C GLN A 382 18.71 33.18 -49.35
N ALA A 383 19.51 33.78 -48.47
CA ALA A 383 20.76 34.39 -48.90
C ALA A 383 21.78 33.33 -49.33
N ALA A 384 21.85 32.22 -48.62
CA ALA A 384 22.81 31.19 -48.97
C ALA A 384 22.42 30.53 -50.29
N THR A 385 21.13 30.26 -50.45
CA THR A 385 20.63 29.63 -51.66
C THR A 385 20.98 30.45 -52.88
N LYS A 386 20.87 31.78 -52.78
CA LYS A 386 21.23 32.63 -53.90
C LYS A 386 22.73 32.65 -54.14
N GLU A 387 23.52 32.47 -53.07
CA GLU A 387 24.98 32.41 -53.26
C GLU A 387 25.39 31.18 -54.07
N LEU A 388 24.84 30.01 -53.74
CA LEU A 388 25.20 28.81 -54.49
C LEU A 388 24.53 28.74 -55.84
N LEU A 389 23.33 29.30 -55.98
CA LEU A 389 22.71 29.45 -57.29
C LEU A 389 23.66 30.14 -58.24
N ASN A 390 24.36 31.14 -57.72
CA ASN A 390 25.17 32.04 -58.51
C ASN A 390 26.56 31.47 -58.81
N LEU A 391 27.05 30.51 -58.03
CA LEU A 391 28.21 29.70 -58.37
C LEU A 391 27.85 28.54 -59.31
N GLY A 392 26.61 28.48 -59.79
CA GLY A 392 26.15 27.36 -60.59
C GLY A 392 26.01 26.05 -59.87
N MET A 393 26.36 25.99 -58.59
CA MET A 393 26.26 24.77 -57.83
C MET A 393 24.96 24.70 -57.04
N GLY A 394 23.95 25.47 -57.45
CA GLY A 394 22.69 25.50 -56.72
C GLY A 394 21.88 24.22 -56.84
N GLU A 395 22.07 23.47 -57.92
CA GLU A 395 21.37 22.19 -58.04
C GLU A 395 21.91 21.13 -57.08
N TYR A 396 23.09 21.33 -56.52
CA TYR A 396 23.84 20.24 -55.94
C TYR A 396 24.00 20.31 -54.42
N PHE A 397 23.65 21.44 -53.79
CA PHE A 397 23.73 21.60 -52.34
C PHE A 397 22.45 22.25 -51.85
N THR A 398 21.73 21.55 -50.99
CA THR A 398 20.36 21.94 -50.75
C THR A 398 20.20 22.85 -49.52
N TYR A 399 21.11 22.74 -48.53
CA TYR A 399 21.01 23.55 -47.31
C TYR A 399 22.34 24.19 -46.91
N PRO A 400 22.92 25.04 -47.76
CA PRO A 400 24.16 25.72 -47.37
C PRO A 400 23.87 26.78 -46.33
N LYS A 401 24.91 27.14 -45.58
CA LYS A 401 24.88 28.37 -44.83
C LYS A 401 25.33 29.51 -45.73
N GLY A 402 25.23 30.72 -45.21
CA GLY A 402 25.47 31.93 -45.99
C GLY A 402 26.81 32.55 -45.67
N VAL A 403 27.39 33.19 -46.70
CA VAL A 403 28.73 33.76 -46.62
C VAL A 403 28.79 34.88 -45.58
N GLU A 404 27.96 35.92 -45.74
CA GLU A 404 28.01 37.06 -44.82
C GLU A 404 27.80 36.62 -43.37
N PHE A 405 27.01 35.57 -43.17
CA PHE A 405 26.90 34.95 -41.86
C PHE A 405 28.26 34.44 -41.38
N MET A 406 28.90 33.57 -42.17
CA MET A 406 30.19 33.00 -41.77
C MET A 406 31.25 34.10 -41.65
N LYS A 407 31.20 35.08 -42.54
CA LYS A 407 32.19 36.15 -42.54
C LYS A 407 32.21 36.85 -41.19
N LYS A 408 31.02 37.12 -40.63
CA LYS A 408 30.92 37.79 -39.33
C LYS A 408 31.44 36.92 -38.19
N ILE A 409 31.14 35.62 -38.22
CA ILE A 409 31.70 34.74 -37.20
C ILE A 409 33.22 34.81 -37.24
N ILE A 410 33.81 34.64 -38.44
CA ILE A 410 35.26 34.68 -38.59
C ILE A 410 35.81 36.02 -38.13
N LEU A 411 35.15 37.11 -38.53
CA LEU A 411 35.66 38.43 -38.18
C LEU A 411 35.72 38.65 -36.67
N HIS A 412 34.85 38.00 -35.91
CA HIS A 412 34.83 38.25 -34.48
C HIS A 412 35.68 37.27 -33.68
N SER A 413 36.01 36.10 -34.25
CA SER A 413 36.77 35.07 -33.57
C SER A 413 38.20 34.91 -34.09
N THR A 414 38.67 35.78 -34.97
CA THR A 414 40.04 35.69 -35.47
C THR A 414 40.62 37.08 -35.63
N THR A 415 41.88 37.14 -35.77
CA THR A 415 42.61 38.36 -36.07
C THR A 415 43.03 38.34 -37.53
N PRO A 416 43.19 39.50 -38.18
CA PRO A 416 43.53 39.48 -39.61
C PRO A 416 44.96 39.05 -39.94
N ASN A 417 45.94 39.28 -39.07
CA ASN A 417 47.32 39.34 -39.52
C ASN A 417 48.24 38.48 -38.65
N GLU A 418 47.75 37.34 -38.16
CA GLU A 418 48.61 36.48 -37.34
C GLU A 418 48.49 35.01 -37.72
N GLY A 419 48.09 34.71 -38.96
CA GLY A 419 48.02 33.33 -39.40
C GLY A 419 47.04 32.49 -38.63
N ASP A 420 45.94 33.07 -38.16
CA ASP A 420 44.92 32.26 -37.49
C ASP A 420 44.37 31.21 -38.44
N ILE A 421 44.24 30.01 -37.93
CA ILE A 421 43.76 28.87 -38.69
C ILE A 421 42.32 28.63 -38.31
N ILE A 422 41.49 28.40 -39.31
CA ILE A 422 40.08 28.11 -39.13
C ILE A 422 39.84 26.68 -39.59
N LEU A 423 39.21 25.88 -38.74
CA LEU A 423 38.94 24.48 -39.05
C LEU A 423 37.44 24.23 -39.08
N ASP A 424 36.96 23.65 -40.18
CA ASP A 424 35.57 23.24 -40.34
C ASP A 424 35.58 21.78 -40.79
N PHE A 425 35.11 20.88 -39.95
CA PHE A 425 35.24 19.46 -40.27
C PHE A 425 33.88 18.82 -40.55
N PHE A 426 32.90 19.63 -40.88
CA PHE A 426 31.61 19.19 -41.41
C PHE A 426 31.29 20.01 -42.67
N ALA A 427 32.22 20.03 -43.62
CA ALA A 427 32.33 21.14 -44.57
C ALA A 427 31.06 21.34 -45.40
N GLY A 428 30.57 20.27 -46.02
CA GLY A 428 29.41 20.41 -46.88
C GLY A 428 29.79 21.14 -48.15
N SER A 429 29.13 22.27 -48.43
CA SER A 429 29.43 23.05 -49.63
C SER A 429 30.64 23.99 -49.45
N GLY A 430 31.36 23.94 -48.33
CA GLY A 430 32.54 24.79 -48.16
C GLY A 430 32.27 26.26 -47.92
N THR A 431 31.06 26.62 -47.48
CA THR A 431 30.74 28.03 -47.25
C THR A 431 31.77 28.71 -46.35
N THR A 432 32.35 27.98 -45.40
CA THR A 432 33.26 28.61 -44.46
C THR A 432 34.47 29.17 -45.17
N VAL A 433 35.10 28.37 -46.04
CA VAL A 433 36.31 28.86 -46.69
C VAL A 433 35.97 29.92 -47.72
N HIS A 434 34.80 29.84 -48.35
CA HIS A 434 34.37 30.95 -49.19
C HIS A 434 34.36 32.25 -48.37
N ALA A 435 33.90 32.17 -47.12
CA ALA A 435 33.90 33.34 -46.24
C ALA A 435 35.33 33.77 -45.89
N VAL A 436 36.17 32.80 -45.51
CA VAL A 436 37.54 33.11 -45.12
C VAL A 436 38.27 33.81 -46.26
N MET A 437 38.25 33.21 -47.44
CA MET A 437 38.95 33.80 -48.59
C MET A 437 38.40 35.17 -48.90
N GLU A 438 37.08 35.36 -48.74
CA GLU A 438 36.46 36.63 -49.10
C GLU A 438 36.78 37.70 -48.07
N LEU A 439 36.79 37.32 -46.79
CA LEU A 439 37.18 38.30 -45.77
C LEU A 439 38.65 38.62 -45.88
N ASN A 440 39.49 37.59 -46.02
CA ASN A 440 40.92 37.81 -46.19
C ASN A 440 41.20 38.82 -47.30
N ALA A 441 40.49 38.70 -48.41
CA ALA A 441 40.69 39.64 -49.51
C ALA A 441 40.25 41.05 -49.12
N GLU A 442 39.29 41.17 -48.20
CA GLU A 442 38.72 42.48 -47.91
C GLU A 442 39.65 43.31 -47.04
N ASP A 443 40.20 42.72 -45.97
CA ASP A 443 41.10 43.45 -45.09
C ASP A 443 42.55 43.09 -45.32
N LYS A 444 42.83 42.32 -46.38
CA LYS A 444 44.18 41.90 -46.73
C LYS A 444 44.81 41.14 -45.58
N GLY A 445 44.13 40.06 -45.16
CA GLY A 445 44.58 39.23 -44.06
C GLY A 445 45.18 37.90 -44.53
N ASN A 446 45.71 37.16 -43.56
CA ASN A 446 46.38 35.89 -43.84
C ASN A 446 45.77 34.75 -43.02
N ARG A 447 44.45 34.68 -42.97
CA ARG A 447 43.79 33.55 -42.33
C ARG A 447 44.00 32.28 -43.16
N GLU A 448 44.31 31.17 -42.50
CA GLU A 448 44.45 29.89 -43.15
C GLU A 448 43.26 29.00 -42.81
N PHE A 449 43.03 27.97 -43.62
CA PHE A 449 41.91 27.10 -43.32
C PHE A 449 42.22 25.63 -43.56
N ILE A 450 41.52 24.80 -42.79
CA ILE A 450 41.54 23.35 -42.94
C ILE A 450 40.09 22.92 -43.07
N LEU A 451 39.77 22.21 -44.15
CA LEU A 451 38.41 21.75 -44.38
C LEU A 451 38.39 20.22 -44.34
N VAL A 452 37.33 19.65 -43.78
CA VAL A 452 37.14 18.20 -43.79
C VAL A 452 35.73 17.89 -44.27
N GLN A 453 35.65 16.92 -45.19
CA GLN A 453 34.38 16.45 -45.73
C GLN A 453 34.48 14.96 -46.01
N ILE A 454 33.52 14.18 -45.51
CA ILE A 454 33.51 12.75 -45.78
C ILE A 454 33.19 12.53 -47.27
N ASP A 455 33.66 11.39 -47.81
CA ASP A 455 33.43 11.04 -49.21
C ASP A 455 32.30 10.01 -49.26
N GLU A 456 31.07 10.49 -49.32
CA GLU A 456 29.91 9.63 -49.34
C GLU A 456 29.31 9.64 -50.74
N GLU A 457 29.00 8.46 -51.24
CA GLU A 457 28.44 8.28 -52.58
C GLU A 457 27.26 9.22 -52.77
N ILE A 458 27.30 9.98 -53.86
CA ILE A 458 26.10 10.65 -54.35
C ILE A 458 25.28 9.64 -55.12
N LYS A 459 23.99 9.55 -54.81
CA LYS A 459 23.13 8.57 -55.45
C LYS A 459 22.85 9.01 -56.89
N GLU A 460 22.55 8.02 -57.74
CA GLU A 460 22.34 8.25 -59.18
C GLU A 460 21.23 9.27 -59.43
N ASP A 461 20.17 9.24 -58.62
CA ASP A 461 19.00 10.09 -58.89
C ASP A 461 19.22 11.54 -58.52
N GLU A 462 20.38 11.91 -57.99
CA GLU A 462 20.66 13.29 -57.64
C GLU A 462 21.31 14.00 -58.82
N SER A 463 21.07 15.32 -58.92
CA SER A 463 21.59 16.09 -60.04
C SER A 463 23.11 16.13 -60.02
N ALA A 464 23.69 16.18 -58.82
CA ALA A 464 25.14 16.28 -58.70
C ALA A 464 25.84 15.08 -59.27
N TYR A 465 25.12 13.95 -59.40
CA TYR A 465 25.74 12.71 -59.86
C TYR A 465 26.34 12.87 -61.25
N ASP A 466 25.54 13.31 -62.21
CA ASP A 466 26.06 13.51 -63.56
C ASP A 466 27.06 14.65 -63.58
N PHE A 467 26.78 15.73 -62.85
CA PHE A 467 27.73 16.84 -62.76
C PHE A 467 29.10 16.35 -62.32
N CYS A 468 29.13 15.49 -61.30
CA CYS A 468 30.39 14.87 -60.90
C CYS A 468 30.99 14.05 -62.02
N LYS A 469 30.21 13.17 -62.64
CA LYS A 469 30.74 12.31 -63.69
C LYS A 469 31.27 13.15 -64.86
N LYS A 470 30.39 13.95 -65.46
CA LYS A 470 30.75 14.66 -66.69
C LYS A 470 31.61 15.89 -66.39
N GLU A 471 31.08 16.88 -65.70
CA GLU A 471 31.83 18.12 -65.50
C GLU A 471 33.06 17.91 -64.62
N LEU A 472 33.00 17.01 -63.64
CA LEU A 472 34.07 16.88 -62.63
C LEU A 472 34.86 15.59 -62.75
N LYS A 473 34.91 14.99 -63.93
CA LYS A 473 35.84 13.91 -64.25
C LYS A 473 35.84 12.79 -63.20
N SER A 474 34.76 12.63 -62.41
CA SER A 474 34.79 11.75 -61.24
C SER A 474 34.23 10.36 -61.56
N ALA A 475 34.96 9.32 -61.13
CA ALA A 475 34.52 7.94 -61.35
C ALA A 475 33.29 7.60 -60.50
N LYS A 476 33.39 7.75 -59.17
CA LYS A 476 32.24 7.61 -58.29
C LYS A 476 31.92 8.96 -57.64
N PRO A 477 30.82 9.62 -58.00
CA PRO A 477 30.45 10.90 -57.37
C PRO A 477 30.42 10.87 -55.85
N VAL A 478 31.29 11.65 -55.21
CA VAL A 478 31.32 11.83 -53.77
C VAL A 478 30.95 13.27 -53.41
N ILE A 479 30.47 13.47 -52.17
CA ILE A 479 30.10 14.81 -51.73
C ILE A 479 31.31 15.73 -51.75
N SER A 480 32.50 15.19 -51.51
CA SER A 480 33.68 16.05 -51.47
C SER A 480 34.00 16.63 -52.84
N ASP A 481 33.61 15.94 -53.92
CA ASP A 481 33.77 16.49 -55.28
C ASP A 481 33.18 17.89 -55.37
N ILE A 482 31.92 18.06 -54.98
CA ILE A 482 31.35 19.40 -55.14
C ILE A 482 31.79 20.33 -54.02
N THR A 483 32.13 19.80 -52.84
CA THR A 483 32.82 20.62 -51.86
C THR A 483 34.02 21.31 -52.50
N ILE A 484 34.97 20.51 -53.02
CA ILE A 484 36.17 21.06 -53.65
C ILE A 484 35.79 22.01 -54.78
N GLU A 485 34.80 21.63 -55.61
CA GLU A 485 34.48 22.47 -56.75
C GLU A 485 33.94 23.83 -56.32
N ARG A 486 33.06 23.86 -55.30
CA ARG A 486 32.54 25.14 -54.81
C ARG A 486 33.68 26.03 -54.35
N VAL A 487 34.63 25.45 -53.60
CA VAL A 487 35.81 26.19 -53.15
C VAL A 487 36.61 26.70 -54.35
N LYS A 488 36.80 25.85 -55.38
CA LYS A 488 37.51 26.30 -56.57
C LYS A 488 36.84 27.53 -57.17
N ARG A 489 35.53 27.44 -57.42
CA ARG A 489 34.83 28.53 -58.09
C ARG A 489 34.86 29.81 -57.27
N ALA A 490 34.70 29.70 -55.95
CA ALA A 490 34.79 30.89 -55.11
C ALA A 490 36.20 31.46 -55.15
N ALA A 491 37.21 30.61 -54.96
CA ALA A 491 38.60 31.07 -55.05
C ALA A 491 38.88 31.66 -56.42
N GLN A 492 38.33 31.05 -57.47
CA GLN A 492 38.55 31.58 -58.80
C GLN A 492 37.90 32.95 -58.94
N LYS A 493 36.68 33.12 -58.39
CA LYS A 493 35.97 34.37 -58.58
C LYS A 493 36.48 35.47 -57.64
N ILE A 494 36.92 35.11 -56.45
CA ILE A 494 37.63 36.09 -55.63
C ILE A 494 38.93 36.48 -56.32
N SER A 495 39.68 35.50 -56.85
CA SER A 495 40.96 35.79 -57.49
C SER A 495 40.79 36.77 -58.63
N GLN A 496 39.78 36.59 -59.48
CA GLN A 496 39.59 37.50 -60.61
C GLN A 496 39.39 38.93 -60.12
N LEU A 497 38.61 39.12 -59.06
CA LEU A 497 38.25 40.46 -58.64
C LEU A 497 39.32 41.09 -57.76
N SER A 498 39.97 40.29 -56.91
CA SER A 498 41.03 40.81 -56.05
C SER A 498 42.33 40.90 -56.84
N LYS A 499 43.09 41.97 -56.60
CA LYS A 499 44.35 42.18 -57.30
C LYS A 499 45.57 41.74 -56.52
N ASP A 500 45.50 41.73 -55.19
CA ASP A 500 46.66 41.42 -54.35
C ASP A 500 47.15 40.01 -54.60
N SER A 501 48.36 39.88 -55.16
CA SER A 501 48.94 38.56 -55.36
C SER A 501 49.54 37.99 -54.07
N GLY A 502 49.78 38.84 -53.07
CA GLY A 502 50.23 38.37 -51.77
C GLY A 502 49.09 37.75 -50.98
N LEU A 503 48.07 37.34 -51.72
CA LEU A 503 46.82 36.83 -51.19
C LEU A 503 46.63 35.40 -51.70
N ASP A 504 46.37 34.47 -50.79
CA ASP A 504 46.50 33.03 -51.07
C ASP A 504 45.12 32.38 -51.13
N LEU A 505 44.70 32.02 -52.35
CA LEU A 505 43.46 31.29 -52.58
C LEU A 505 43.70 29.81 -52.94
N GLY A 506 44.91 29.34 -52.84
CA GLY A 506 45.16 27.97 -53.17
C GLY A 506 44.95 27.05 -52.00
N PHE A 507 44.79 25.77 -52.31
CA PHE A 507 44.73 24.76 -51.29
C PHE A 507 45.29 23.46 -51.85
N LYS A 508 45.50 22.52 -50.95
CA LYS A 508 45.92 21.17 -51.28
C LYS A 508 44.89 20.19 -50.75
N VAL A 509 44.58 19.18 -51.55
CA VAL A 509 43.63 18.15 -51.20
C VAL A 509 44.40 16.93 -50.70
N TYR A 510 43.89 16.30 -49.67
CA TYR A 510 44.49 15.09 -49.12
C TYR A 510 43.42 14.05 -48.89
N THR A 511 43.77 12.78 -49.02
CA THR A 511 42.88 11.72 -48.59
C THR A 511 43.48 10.96 -47.42
N LEU A 512 42.72 9.98 -46.94
CA LEU A 512 43.05 9.23 -45.74
C LEU A 512 43.15 7.76 -46.13
N GLN A 513 44.35 7.21 -46.08
CA GLN A 513 44.55 5.81 -46.41
C GLN A 513 44.83 5.05 -45.12
N ASP A 514 44.34 3.82 -45.06
CA ASP A 514 44.57 2.99 -43.90
C ASP A 514 46.05 2.62 -43.79
N LYS A 515 46.62 2.81 -42.61
CA LYS A 515 48.03 2.48 -42.36
C LYS A 515 48.20 0.97 -42.31
N SER A 531 51.08 0.23 -49.38
CA SER A 531 52.32 0.79 -49.91
C SER A 531 52.04 1.78 -51.02
N ASP A 532 50.76 2.11 -51.22
CA ASP A 532 50.38 3.07 -52.24
C ASP A 532 50.61 4.50 -51.77
N LEU A 533 51.75 4.77 -51.16
CA LEU A 533 52.14 6.11 -50.76
C LEU A 533 53.35 6.54 -51.60
N THR A 534 53.32 7.78 -52.05
CA THR A 534 54.48 8.34 -52.67
C THR A 534 55.58 8.43 -51.61
N PRO A 535 56.84 8.50 -52.01
CA PRO A 535 57.86 8.95 -51.03
C PRO A 535 57.47 10.27 -50.40
N PHE A 536 56.86 11.16 -51.18
CA PHE A 536 56.46 12.44 -50.63
C PHE A 536 55.37 12.28 -49.56
N ASP A 537 54.36 11.45 -49.82
CA ASP A 537 53.35 11.18 -48.80
C ASP A 537 53.98 10.62 -47.54
N LYS A 538 54.92 9.67 -47.72
CA LYS A 538 55.60 9.11 -46.56
C LYS A 538 56.35 10.19 -45.80
N ALA A 539 57.00 11.11 -46.51
CA ALA A 539 57.76 12.14 -45.81
C ALA A 539 56.85 13.19 -45.17
N LEU A 540 55.76 13.57 -45.85
CA LEU A 540 54.86 14.54 -45.26
C LEU A 540 54.16 13.99 -44.03
N ASN A 541 53.88 12.68 -44.02
CA ASN A 541 53.33 12.05 -42.82
C ASN A 541 54.34 12.04 -41.68
N LEU A 542 55.61 11.81 -41.98
CA LEU A 542 56.62 11.87 -40.93
C LEU A 542 56.77 13.29 -40.38
N ALA A 543 56.67 14.29 -41.26
CA ALA A 543 56.82 15.67 -40.79
C ALA A 543 55.62 16.11 -39.96
N LEU A 544 54.41 15.69 -40.34
CA LEU A 544 53.24 15.84 -39.49
C LEU A 544 53.47 15.22 -38.13
N GLN A 545 53.97 13.97 -38.10
CA GLN A 545 54.21 13.33 -36.82
C GLN A 545 55.32 13.99 -36.03
N CYS A 546 55.99 15.00 -36.59
CA CYS A 546 57.13 15.63 -35.94
C CYS A 546 56.86 17.08 -35.57
N GLY A 547 55.61 17.50 -35.61
CA GLY A 547 55.22 18.84 -35.23
C GLY A 547 54.94 19.77 -36.40
N LYS A 548 55.35 19.42 -37.61
CA LYS A 548 55.19 20.31 -38.73
C LYS A 548 53.76 20.25 -39.25
N THR A 549 53.25 21.39 -39.69
CA THR A 549 51.86 21.56 -40.07
C THR A 549 51.71 21.62 -41.59
N LEU A 550 50.46 21.55 -42.05
CA LEU A 550 50.18 21.46 -43.48
C LEU A 550 50.50 22.74 -44.21
N ASN A 551 50.55 23.88 -43.51
CA ASN A 551 50.92 25.12 -44.16
C ASN A 551 52.43 25.32 -44.19
N GLN A 552 53.15 24.72 -43.24
CA GLN A 552 54.60 24.85 -43.24
C GLN A 552 55.14 24.30 -44.55
N ALA A 553 55.78 25.21 -45.31
CA ALA A 553 56.15 25.05 -46.72
C ALA A 553 56.33 23.59 -47.12
N LEU A 554 55.47 23.10 -48.02
CA LEU A 554 55.53 21.76 -48.55
C LEU A 554 56.98 21.38 -48.68
N GLU A 555 57.49 20.73 -47.62
CA GLU A 555 58.92 20.57 -47.38
C GLU A 555 59.71 20.50 -48.68
N ILE A 556 60.80 21.25 -48.75
CA ILE A 556 61.64 21.26 -49.94
C ILE A 556 62.04 19.82 -50.28
N ILE A 557 62.00 19.52 -51.57
CA ILE A 557 62.45 18.22 -52.07
C ILE A 557 63.97 18.21 -52.16
N ILE A 558 64.58 17.10 -51.74
CA ILE A 558 65.99 16.83 -52.02
C ILE A 558 66.15 15.35 -52.41
N LYS A 559 65.88 15.02 -53.68
CA LYS A 559 66.23 13.76 -54.34
C LYS A 559 65.35 12.54 -54.01
N ASP A 560 64.04 12.70 -53.91
CA ASP A 560 63.10 11.58 -53.78
C ASP A 560 63.38 10.72 -52.53
N LYS A 561 64.27 11.15 -51.65
CA LYS A 561 64.72 10.36 -50.52
C LYS A 561 64.85 11.21 -49.27
N LEU A 562 65.33 12.46 -49.41
CA LEU A 562 65.45 13.38 -48.29
C LEU A 562 64.67 14.67 -48.55
N TYR A 563 63.94 15.14 -47.54
CA TYR A 563 63.15 16.35 -47.64
C TYR A 563 63.43 17.23 -46.42
N LYS A 564 63.06 18.50 -46.51
CA LYS A 564 63.42 19.45 -45.45
C LYS A 564 62.27 20.42 -45.21
N CYS A 565 61.75 20.43 -43.98
CA CYS A 565 60.65 21.30 -43.59
C CYS A 565 61.10 22.26 -42.49
N GLU A 566 60.73 23.53 -42.64
CA GLU A 566 61.23 24.60 -41.79
C GLU A 566 62.75 24.52 -41.76
N ASP A 567 63.33 24.06 -40.64
CA ASP A 567 64.77 23.84 -40.58
C ASP A 567 65.10 22.44 -40.06
N ALA A 568 64.27 21.45 -40.40
CA ALA A 568 64.53 20.06 -40.09
C ALA A 568 64.38 19.24 -41.36
N TYR A 569 65.23 18.23 -41.51
CA TYR A 569 65.15 17.33 -42.66
C TYR A 569 64.39 16.07 -42.29
N PHE A 570 63.79 15.44 -43.31
CA PHE A 570 63.00 14.24 -43.14
C PHE A 570 63.44 13.22 -44.17
N CYS A 571 63.92 12.07 -43.69
CA CYS A 571 64.63 11.08 -44.50
C CYS A 571 63.79 9.82 -44.62
N ILE A 572 63.67 9.31 -45.85
CA ILE A 572 62.79 8.18 -46.16
C ILE A 572 63.58 7.02 -46.77
N VAL A 573 64.41 7.31 -47.76
CA VAL A 573 65.29 6.31 -48.35
C VAL A 573 66.71 6.58 -47.88
N CYS A 574 66.94 6.36 -46.58
CA CYS A 574 68.25 6.60 -45.98
C CYS A 574 69.30 5.67 -46.56
N ASP A 575 69.43 5.68 -47.89
CA ASP A 575 70.60 5.13 -48.56
C ASP A 575 71.67 6.20 -48.53
N GLU A 576 72.76 5.94 -47.81
CA GLU A 576 73.88 6.86 -47.68
C GLU A 576 74.38 7.37 -49.02
N GLU A 577 73.52 8.08 -49.75
CA GLU A 577 73.91 8.82 -50.95
C GLU A 577 74.65 10.06 -50.49
N ALA A 578 74.49 11.18 -51.19
CA ALA A 578 74.70 12.46 -50.54
C ALA A 578 73.83 12.58 -49.30
N GLN A 579 72.84 11.69 -49.14
CA GLN A 579 72.11 11.54 -47.89
C GLN A 579 73.04 11.66 -46.68
N GLU A 580 74.11 10.86 -46.66
CA GLU A 580 75.13 11.05 -45.62
C GLU A 580 76.03 12.24 -45.91
N TYR A 581 76.37 12.50 -47.19
CA TYR A 581 77.27 13.59 -47.52
C TYR A 581 76.61 14.95 -47.36
N LEU A 582 75.32 15.07 -47.69
CA LEU A 582 74.57 16.28 -47.34
C LEU A 582 74.42 16.38 -45.83
N ALA A 583 74.07 15.27 -45.17
CA ALA A 583 74.02 15.27 -43.71
C ALA A 583 75.39 15.42 -43.06
N LYS A 584 76.44 15.78 -43.81
CA LYS A 584 77.61 16.43 -43.24
C LYS A 584 77.35 17.90 -42.91
N SER A 585 76.14 18.39 -43.18
CA SER A 585 75.67 19.68 -42.68
C SER A 585 75.13 19.50 -41.27
N LYS A 586 75.77 20.15 -40.31
CA LYS A 586 75.37 20.04 -38.91
C LYS A 586 74.38 21.16 -38.56
N ASN A 587 73.83 21.06 -37.34
CA ASN A 587 73.01 22.07 -36.67
C ASN A 587 71.55 22.05 -37.08
N GLU A 588 71.02 20.91 -37.53
CA GLU A 588 69.61 20.81 -37.90
C GLU A 588 69.11 19.39 -37.62
N MET A 589 67.87 19.29 -37.13
CA MET A 589 67.33 18.00 -36.73
C MET A 589 67.05 17.11 -37.93
N ILE A 590 67.43 15.83 -37.82
CA ILE A 590 67.18 14.83 -38.85
C ILE A 590 66.26 13.75 -38.29
N PHE A 591 65.13 13.53 -38.96
CA PHE A 591 64.15 12.51 -38.61
C PHE A 591 64.14 11.42 -39.68
N LEU A 592 64.30 10.17 -39.28
CA LEU A 592 64.16 9.04 -40.18
C LEU A 592 62.80 8.36 -39.96
N ASP A 593 62.27 7.75 -41.02
CA ASP A 593 61.06 6.94 -40.90
C ASP A 593 61.46 5.53 -40.51
N GLY A 594 61.21 5.16 -39.25
CA GLY A 594 61.62 3.87 -38.73
C GLY A 594 60.86 2.67 -39.28
N TYR A 595 59.81 2.89 -40.09
CA TYR A 595 59.05 1.81 -40.72
C TYR A 595 59.48 1.56 -42.15
N GLU A 596 60.44 2.32 -42.66
CA GLU A 596 61.02 2.08 -43.97
C GLU A 596 62.15 1.06 -43.85
N GLU A 597 62.83 0.82 -44.96
CA GLU A 597 64.08 0.09 -44.93
C GLU A 597 65.23 1.07 -44.74
N ILE A 598 66.32 0.59 -44.14
CA ILE A 598 67.35 1.48 -43.62
C ILE A 598 68.68 0.72 -43.57
N ASP A 599 69.73 1.40 -44.03
CA ASP A 599 71.07 0.82 -44.13
C ASP A 599 71.84 1.09 -42.85
N LEU A 600 72.48 0.04 -42.31
CA LEU A 600 73.19 0.19 -41.04
C LEU A 600 74.32 1.22 -41.12
N GLU A 601 75.27 1.02 -42.04
CA GLU A 601 76.46 1.86 -42.07
C GLU A 601 76.10 3.36 -42.10
N ALA A 602 75.07 3.73 -42.85
CA ALA A 602 74.69 5.14 -42.91
C ALA A 602 74.22 5.65 -41.56
N PHE A 603 73.32 4.91 -40.91
CA PHE A 603 72.86 5.21 -39.56
C PHE A 603 74.01 5.50 -38.60
N LEU A 604 74.94 4.54 -38.46
CA LEU A 604 76.00 4.71 -37.47
C LEU A 604 76.92 5.87 -37.84
N ASN A 605 77.31 5.98 -39.12
CA ASN A 605 78.21 7.06 -39.53
C ASN A 605 77.57 8.43 -39.28
N LEU A 606 76.24 8.51 -39.33
CA LEU A 606 75.50 9.68 -38.86
C LEU A 606 75.50 9.64 -37.32
N ASN A 607 76.67 9.97 -36.76
CA ASN A 607 77.00 9.50 -35.42
C ASN A 607 76.11 10.05 -34.31
N ALA A 608 76.18 11.36 -34.04
CA ALA A 608 75.84 11.91 -32.72
C ALA A 608 74.34 11.93 -32.43
N SER A 609 73.84 13.04 -31.87
CA SER A 609 72.64 12.94 -31.05
C SER A 609 71.50 13.88 -31.40
N PHE A 610 71.60 14.70 -32.45
CA PHE A 610 70.39 15.44 -32.86
C PHE A 610 69.65 14.71 -33.96
N LYS A 611 69.48 13.39 -33.78
CA LYS A 611 68.78 12.52 -34.71
C LYS A 611 67.66 11.77 -33.98
N GLU A 612 66.65 11.35 -34.76
CA GLU A 612 65.48 10.67 -34.20
C GLU A 612 64.89 9.72 -35.24
N ARG A 613 64.87 8.42 -34.92
CA ARG A 613 64.10 7.46 -35.69
C ARG A 613 62.72 7.33 -35.07
N LEU A 614 61.69 7.25 -35.91
CA LEU A 614 60.31 7.20 -35.43
C LEU A 614 59.58 5.94 -35.86
N GLY B 55 -6.54 -6.26 32.04
CA GLY B 55 -7.74 -6.71 32.75
C GLY B 55 -7.95 -8.22 32.74
N TYR B 56 -9.04 -8.64 32.09
CA TYR B 56 -9.49 -10.03 32.12
C TYR B 56 -8.89 -10.76 30.91
N GLU B 57 -8.17 -11.85 31.18
CA GLU B 57 -7.47 -12.54 30.10
C GLU B 57 -7.21 -14.00 30.50
N LEU B 58 -7.45 -14.91 29.56
CA LEU B 58 -6.90 -16.26 29.64
C LEU B 58 -5.46 -16.20 29.14
N THR B 59 -4.51 -16.59 29.98
CA THR B 59 -3.10 -16.54 29.66
C THR B 59 -2.49 -17.94 29.71
N TRP B 60 -1.42 -18.12 28.93
CA TRP B 60 -0.71 -19.39 28.84
C TRP B 60 0.63 -19.12 28.20
N THR B 61 1.65 -19.91 28.56
CA THR B 61 2.97 -19.66 28.01
C THR B 61 2.97 -19.93 26.51
N GLY B 62 3.63 -19.03 25.77
CA GLY B 62 3.69 -19.12 24.33
C GLY B 62 2.51 -18.52 23.58
N LYS B 63 1.65 -17.76 24.25
CA LYS B 63 0.53 -17.13 23.57
C LYS B 63 0.99 -15.98 22.67
N GLY B 64 2.00 -15.24 23.11
CA GLY B 64 2.52 -14.16 22.29
C GLY B 64 3.14 -14.65 21.00
N PHE B 65 3.92 -15.75 21.08
CA PHE B 65 4.51 -16.32 19.87
C PHE B 65 3.43 -16.87 18.94
N ALA B 66 2.38 -17.45 19.51
CA ALA B 66 1.27 -17.90 18.70
C ALA B 66 0.66 -16.74 17.92
N ASN B 67 0.50 -15.59 18.57
CA ASN B 67 -0.08 -14.43 17.92
C ASN B 67 0.86 -13.86 16.86
N ALA B 68 2.18 -13.98 17.07
CA ALA B 68 3.12 -13.52 16.06
C ALA B 68 3.08 -14.41 14.83
N LEU B 69 2.83 -15.70 15.04
CA LEU B 69 2.76 -16.64 13.94
C LEU B 69 1.61 -16.29 12.98
N TYR B 70 0.55 -15.68 13.50
CA TYR B 70 -0.58 -15.30 12.65
C TYR B 70 -0.17 -14.24 11.65
N SER B 71 0.72 -13.34 12.05
CA SER B 71 1.16 -12.24 11.22
C SER B 71 2.27 -12.60 10.26
N GLU B 72 2.77 -13.84 10.29
CA GLU B 72 3.83 -14.24 9.38
C GLU B 72 3.30 -14.31 7.95
N PRO B 73 4.10 -13.90 6.97
CA PRO B 73 3.66 -13.96 5.58
C PRO B 73 3.45 -15.41 5.15
N CYS B 74 2.66 -15.57 4.10
CA CYS B 74 2.48 -16.88 3.49
C CYS B 74 3.65 -17.15 2.55
N GLN B 75 4.23 -18.33 2.67
CA GLN B 75 5.35 -18.75 1.86
C GLN B 75 4.96 -19.78 0.80
N LYS B 76 3.75 -20.31 0.87
CA LYS B 76 3.35 -21.48 0.13
C LYS B 76 2.56 -21.12 -1.12
N GLN B 77 2.42 -22.11 -2.00
CA GLN B 77 1.63 -22.00 -3.22
C GLN B 77 0.84 -23.28 -3.42
N LEU B 78 -0.15 -23.20 -4.31
CA LEU B 78 -1.02 -24.34 -4.64
C LEU B 78 -0.52 -25.02 -5.90
N LYS B 79 -0.39 -26.35 -5.84
CA LYS B 79 -0.14 -27.21 -6.99
C LYS B 79 -1.32 -28.14 -7.21
N LEU B 80 -1.81 -28.18 -8.45
CA LEU B 80 -2.97 -29.02 -8.73
C LEU B 80 -2.54 -30.47 -8.85
N GLN B 81 -3.17 -31.33 -8.03
CA GLN B 81 -2.80 -32.73 -8.03
C GLN B 81 -3.75 -33.61 -8.84
N GLU B 82 -5.05 -33.29 -8.86
CA GLU B 82 -6.04 -34.20 -9.43
C GLU B 82 -7.40 -33.54 -9.54
N SER B 83 -8.19 -33.93 -10.54
CA SER B 83 -9.50 -33.35 -10.80
C SER B 83 -10.54 -34.47 -10.88
N PHE B 84 -11.52 -34.47 -9.98
CA PHE B 84 -12.45 -35.57 -9.83
C PHE B 84 -13.86 -35.19 -10.25
N THR B 85 -14.54 -36.11 -10.94
CA THR B 85 -15.90 -35.96 -11.40
C THR B 85 -16.47 -37.37 -11.36
N PRO B 86 -17.64 -37.55 -10.79
CA PRO B 86 -18.10 -38.91 -10.49
C PRO B 86 -18.41 -39.82 -11.67
N GLN B 87 -19.30 -39.45 -12.58
CA GLN B 87 -19.79 -40.41 -13.56
C GLN B 87 -19.35 -40.06 -14.98
N THR B 88 -18.08 -39.65 -15.11
CA THR B 88 -17.38 -39.30 -16.37
C THR B 88 -18.05 -38.16 -17.13
N SER B 89 -18.93 -37.41 -16.47
CA SER B 89 -19.61 -36.30 -17.13
C SER B 89 -18.64 -35.25 -17.68
N ALA B 90 -17.42 -35.18 -17.15
CA ALA B 90 -16.37 -34.28 -17.64
C ALA B 90 -16.91 -32.86 -17.71
N SER B 91 -17.62 -32.48 -16.64
CA SER B 91 -18.31 -31.20 -16.56
C SER B 91 -17.38 -30.04 -16.19
N LYS B 92 -16.26 -29.95 -16.91
CA LYS B 92 -15.37 -28.79 -16.87
C LYS B 92 -14.73 -28.56 -15.50
N HIS B 93 -15.07 -27.45 -14.87
CA HIS B 93 -14.38 -27.00 -13.67
C HIS B 93 -15.28 -27.17 -12.45
N PRO B 94 -14.93 -28.03 -11.51
CA PRO B 94 -15.78 -28.20 -10.34
C PRO B 94 -15.71 -26.97 -9.43
N ASN B 95 -16.81 -26.74 -8.71
CA ASN B 95 -16.88 -25.62 -7.79
C ASN B 95 -16.17 -25.90 -6.47
N ASN B 96 -15.66 -27.11 -6.29
CA ASN B 96 -15.21 -27.57 -4.99
C ASN B 96 -13.72 -27.88 -4.99
N ALA B 97 -13.11 -27.78 -3.82
CA ALA B 97 -11.67 -27.80 -3.64
C ALA B 97 -11.30 -28.55 -2.37
N ILE B 98 -10.26 -29.38 -2.47
CA ILE B 98 -9.65 -30.04 -1.33
C ILE B 98 -8.20 -29.61 -1.31
N ILE B 99 -7.78 -28.95 -0.23
CA ILE B 99 -6.39 -28.56 -0.06
C ILE B 99 -5.73 -29.50 0.93
N ILE B 100 -4.60 -30.06 0.53
CA ILE B 100 -3.81 -31.00 1.33
C ILE B 100 -2.65 -30.23 1.94
N GLY B 101 -2.50 -30.32 3.24
CA GLY B 101 -1.43 -29.62 3.93
C GLY B 101 -1.87 -29.10 5.29
N ASP B 102 -1.03 -28.24 5.87
CA ASP B 102 -1.30 -27.63 7.16
C ASP B 102 -2.34 -26.55 7.00
N ASN B 103 -3.45 -26.63 7.77
CA ASN B 103 -4.48 -25.62 7.63
C ASN B 103 -3.96 -24.23 7.95
N LEU B 104 -2.88 -24.12 8.73
CA LEU B 104 -2.32 -22.79 8.99
C LEU B 104 -1.87 -22.14 7.69
N ASP B 105 -1.12 -22.89 6.87
CA ASP B 105 -0.69 -22.37 5.57
C ASP B 105 -1.88 -22.17 4.63
N ALA B 106 -2.82 -23.11 4.63
CA ALA B 106 -3.98 -23.02 3.75
C ALA B 106 -4.75 -21.73 4.01
N LEU B 107 -5.13 -21.48 5.27
CA LEU B 107 -5.87 -20.26 5.56
C LEU B 107 -5.09 -19.02 5.13
N LYS B 108 -3.79 -19.00 5.42
CA LYS B 108 -2.96 -17.88 4.94
C LYS B 108 -3.08 -17.70 3.43
N LEU B 109 -3.07 -18.81 2.69
CA LEU B 109 -3.16 -18.72 1.23
C LEU B 109 -4.53 -18.24 0.80
N LEU B 110 -5.60 -18.83 1.36
CA LEU B 110 -6.95 -18.41 1.00
C LEU B 110 -7.23 -16.97 1.38
N LYS B 111 -6.40 -16.36 2.23
CA LYS B 111 -6.69 -15.01 2.70
C LYS B 111 -6.67 -14.02 1.54
N SER B 112 -5.84 -14.28 0.53
CA SER B 112 -5.74 -13.38 -0.61
C SER B 112 -7.09 -13.15 -1.25
N ALA B 113 -7.86 -14.22 -1.46
CA ALA B 113 -9.07 -14.13 -2.27
C ALA B 113 -10.35 -14.40 -1.49
N TYR B 114 -10.28 -15.13 -0.39
CA TYR B 114 -11.47 -15.56 0.33
C TYR B 114 -11.72 -14.75 1.60
N SER B 115 -10.99 -13.66 1.80
CA SER B 115 -11.22 -12.85 3.00
C SER B 115 -12.63 -12.27 2.98
N GLU B 116 -13.42 -12.63 3.99
CA GLU B 116 -14.81 -12.19 4.11
C GLU B 116 -15.67 -12.71 2.96
N LYS B 117 -15.44 -13.96 2.54
CA LYS B 117 -16.22 -14.56 1.47
C LYS B 117 -16.89 -15.87 1.87
N ILE B 118 -16.58 -16.40 3.04
CA ILE B 118 -17.04 -17.71 3.45
C ILE B 118 -18.31 -17.54 4.27
N LYS B 119 -19.32 -18.36 3.97
CA LYS B 119 -20.58 -18.28 4.69
C LYS B 119 -20.50 -19.00 6.04
N MET B 120 -19.91 -20.20 6.06
CA MET B 120 -19.88 -21.01 7.26
C MET B 120 -18.57 -21.78 7.34
N ILE B 121 -18.01 -21.87 8.55
CA ILE B 121 -16.88 -22.69 8.86
C ILE B 121 -17.32 -23.72 9.88
N TYR B 122 -17.02 -24.99 9.63
CA TYR B 122 -17.13 -26.03 10.65
C TYR B 122 -15.75 -26.66 10.81
N ILE B 123 -15.28 -26.77 12.05
CA ILE B 123 -14.06 -27.51 12.33
C ILE B 123 -14.32 -28.43 13.52
N ASP B 124 -13.65 -29.57 13.51
CA ASP B 124 -13.74 -30.57 14.57
C ASP B 124 -12.30 -30.90 14.98
N PRO B 125 -11.63 -29.95 15.61
CA PRO B 125 -10.19 -30.10 15.89
C PRO B 125 -9.95 -31.22 16.89
N PRO B 126 -8.68 -31.67 17.06
CA PRO B 126 -8.40 -32.63 18.13
C PRO B 126 -8.88 -32.09 19.46
N TYR B 127 -9.80 -32.81 20.08
CA TYR B 127 -9.95 -32.71 21.53
C TYR B 127 -8.60 -33.06 22.14
N ASN B 128 -8.25 -32.41 23.23
CA ASN B 128 -6.95 -32.69 23.84
C ASN B 128 -7.16 -33.55 25.09
N THR B 129 -7.66 -34.75 24.84
CA THR B 129 -8.14 -35.66 25.86
C THR B 129 -6.96 -36.36 26.54
N GLY B 130 -7.29 -37.23 27.49
CA GLY B 130 -6.24 -37.90 28.24
C GLY B 130 -5.43 -38.89 27.43
N ASN B 131 -5.98 -39.41 26.34
CA ASN B 131 -5.36 -40.49 25.58
C ASN B 131 -5.02 -40.10 24.15
N ASP B 132 -5.87 -39.34 23.48
CA ASP B 132 -5.46 -38.62 22.26
C ASP B 132 -4.92 -37.25 22.67
N GLU B 133 -3.85 -37.30 23.46
CA GLU B 133 -3.21 -36.12 23.99
C GLU B 133 -2.54 -35.33 22.87
N PHE B 134 -2.77 -34.01 22.86
CA PHE B 134 -2.21 -33.15 21.84
C PHE B 134 -0.70 -33.00 22.01
N ILE B 135 -0.01 -32.74 20.90
CA ILE B 135 1.45 -32.75 20.88
C ILE B 135 2.06 -31.43 20.42
N TYR B 136 1.26 -30.45 20.04
CA TYR B 136 1.69 -29.12 19.59
C TYR B 136 2.69 -29.12 18.44
N PRO B 137 2.24 -28.96 17.20
CA PRO B 137 3.15 -29.09 16.05
C PRO B 137 3.98 -27.87 15.76
N ASP B 138 3.58 -26.67 16.20
CA ASP B 138 4.15 -25.46 15.61
C ASP B 138 5.61 -25.22 15.99
N ASN B 139 6.19 -25.99 16.91
CA ASN B 139 7.63 -25.84 17.17
C ASN B 139 8.45 -26.16 15.93
N PHE B 140 7.99 -27.11 15.14
CA PHE B 140 8.73 -27.62 14.00
C PHE B 140 8.59 -26.75 12.76
N ARG B 141 7.68 -25.78 12.77
CA ARG B 141 7.55 -24.86 11.66
C ARG B 141 8.82 -24.03 11.50
N GLN B 142 9.21 -23.78 10.25
CA GLN B 142 10.38 -22.95 10.03
C GLN B 142 10.13 -21.51 10.43
N ASP B 143 8.92 -21.00 10.19
CA ASP B 143 8.66 -19.59 10.51
C ASP B 143 8.53 -19.37 12.01
N TYR B 144 7.97 -20.32 12.74
CA TYR B 144 8.06 -20.28 14.19
C TYR B 144 9.53 -20.29 14.63
N GLN B 145 10.33 -21.22 14.08
CA GLN B 145 11.74 -21.29 14.43
C GLN B 145 12.45 -19.96 14.18
N LYS B 146 12.00 -19.19 13.19
CA LYS B 146 12.45 -17.81 13.05
C LYS B 146 11.90 -16.91 14.17
N ILE B 147 11.79 -17.45 15.40
CA ILE B 147 11.42 -16.67 16.57
C ILE B 147 12.49 -15.65 16.95
N LEU B 148 13.61 -15.58 16.19
CA LEU B 148 14.65 -14.57 16.29
C LEU B 148 14.81 -13.99 17.69
N ARG B 149 14.90 -14.87 18.68
CA ARG B 149 15.23 -14.50 20.06
C ARG B 149 16.08 -15.55 20.76
N GLU B 150 16.08 -16.80 20.31
CA GLU B 150 16.96 -17.87 20.78
C GLU B 150 16.76 -18.19 22.27
N GLU B 164 19.03 -22.76 22.09
CA GLU B 164 18.67 -23.57 23.24
C GLU B 164 18.63 -22.73 24.50
N SER B 165 19.32 -23.20 25.55
CA SER B 165 19.46 -22.52 26.84
C SER B 165 18.07 -22.39 27.49
N GLU B 166 17.73 -21.20 28.01
CA GLU B 166 16.48 -21.03 28.72
C GLU B 166 15.25 -21.34 27.86
N SER B 167 15.40 -21.34 26.54
CA SER B 167 14.27 -21.64 25.66
C SER B 167 13.81 -23.09 25.79
N LEU B 168 14.73 -24.01 26.10
CA LEU B 168 14.33 -25.39 26.35
C LEU B 168 13.39 -25.47 27.54
N LYS B 169 13.68 -24.71 28.61
CA LYS B 169 12.82 -24.66 29.77
C LYS B 169 11.41 -24.25 29.39
N PHE B 170 11.28 -23.23 28.55
CA PHE B 170 9.95 -22.76 28.12
C PHE B 170 9.26 -23.79 27.24
N PHE B 171 9.96 -24.31 26.24
CA PHE B 171 9.39 -25.34 25.37
C PHE B 171 8.90 -26.52 26.19
N LYS B 172 9.80 -27.15 26.96
CA LYS B 172 9.51 -28.39 27.67
C LYS B 172 8.63 -28.15 28.89
N ASN B 173 9.15 -27.41 29.87
CA ASN B 173 8.49 -27.26 31.16
C ASN B 173 7.29 -26.32 31.10
N THR B 174 6.62 -26.25 29.95
CA THR B 174 5.41 -25.46 29.84
C THR B 174 4.51 -25.99 28.73
N GLN B 175 5.00 -26.03 27.49
CA GLN B 175 4.18 -26.45 26.36
C GLN B 175 4.25 -27.96 26.10
N GLY B 176 4.61 -28.75 27.10
CA GLY B 176 4.67 -30.20 26.98
C GLY B 176 3.42 -30.86 26.43
N SER B 177 3.49 -32.17 26.22
CA SER B 177 2.41 -32.91 25.61
C SER B 177 1.12 -32.83 26.43
N GLY B 178 0.00 -32.57 25.75
CA GLY B 178 -1.31 -32.60 26.36
C GLY B 178 -1.69 -31.40 27.19
N THR B 179 -0.78 -30.44 27.38
CA THR B 179 -1.10 -29.25 28.15
C THR B 179 -2.08 -28.37 27.38
N HIS B 180 -2.84 -27.56 28.14
CA HIS B 180 -3.70 -26.57 27.52
C HIS B 180 -2.89 -25.56 26.71
N SER B 181 -1.74 -25.15 27.23
CA SER B 181 -0.96 -24.13 26.55
C SER B 181 -0.61 -24.56 25.12
N GLY B 182 -0.10 -25.78 24.97
CA GLY B 182 0.20 -26.26 23.63
C GLY B 182 -1.01 -26.16 22.72
N TRP B 183 -2.16 -26.67 23.19
CA TRP B 183 -3.36 -26.71 22.36
C TRP B 183 -3.89 -25.32 22.06
N LEU B 184 -3.70 -24.37 22.98
CA LEU B 184 -4.23 -23.03 22.76
C LEU B 184 -3.36 -22.23 21.80
N SER B 185 -2.04 -22.29 21.97
CA SER B 185 -1.13 -21.69 20.98
C SER B 185 -1.42 -22.25 19.59
N PHE B 186 -1.74 -23.54 19.51
CA PHE B 186 -2.10 -24.14 18.24
C PHE B 186 -3.37 -23.52 17.67
N MET B 187 -4.40 -23.34 18.50
CA MET B 187 -5.69 -22.92 17.95
C MET B 187 -5.75 -21.42 17.66
N LEU B 188 -5.06 -20.59 18.47
CA LEU B 188 -5.06 -19.13 18.32
C LEU B 188 -4.92 -18.64 16.86
N PRO B 189 -3.80 -18.91 16.16
CA PRO B 189 -3.61 -18.28 14.84
C PRO B 189 -4.59 -18.79 13.80
N ARG B 190 -4.99 -20.07 13.88
CA ARG B 190 -5.91 -20.62 12.90
C ARG B 190 -7.31 -20.04 13.06
N LEU B 191 -7.77 -19.87 14.31
CA LEU B 191 -9.08 -19.25 14.54
C LEU B 191 -9.07 -17.80 14.09
N LYS B 192 -8.00 -17.07 14.38
CA LYS B 192 -7.91 -15.71 13.89
C LYS B 192 -8.05 -15.66 12.38
N LEU B 193 -7.43 -16.62 11.68
CA LEU B 193 -7.54 -16.65 10.24
C LEU B 193 -8.95 -17.05 9.80
N ALA B 194 -9.54 -18.04 10.46
CA ALA B 194 -10.94 -18.38 10.19
C ALA B 194 -11.82 -17.15 10.22
N ARG B 195 -11.59 -16.25 11.17
CA ARG B 195 -12.45 -15.08 11.31
C ARG B 195 -12.28 -14.11 10.14
N ASP B 196 -11.04 -13.92 9.68
CA ASP B 196 -10.81 -13.06 8.53
C ASP B 196 -11.53 -13.56 7.29
N LEU B 197 -11.70 -14.89 7.15
CA LEU B 197 -12.31 -15.40 5.92
C LEU B 197 -13.83 -15.28 5.91
N LEU B 198 -14.45 -15.06 7.09
CA LEU B 198 -15.91 -15.10 7.24
C LEU B 198 -16.58 -13.85 6.68
N LYS B 199 -17.65 -14.06 5.91
CA LYS B 199 -18.57 -12.96 5.64
C LYS B 199 -19.12 -12.44 6.96
N GLU B 200 -19.55 -11.16 6.98
CA GLU B 200 -20.15 -10.63 8.20
C GLU B 200 -21.39 -11.39 8.62
N ASP B 201 -22.15 -11.94 7.67
CA ASP B 201 -23.20 -12.88 8.05
C ASP B 201 -22.67 -14.30 8.18
N GLY B 202 -21.34 -14.48 8.19
CA GLY B 202 -20.76 -15.79 8.42
C GLY B 202 -20.71 -16.20 9.87
N VAL B 203 -20.88 -17.49 10.11
CA VAL B 203 -20.75 -18.06 11.44
C VAL B 203 -19.79 -19.24 11.36
N ILE B 204 -19.09 -19.51 12.48
CA ILE B 204 -18.19 -20.65 12.60
C ILE B 204 -18.69 -21.57 13.71
N PHE B 205 -18.66 -22.87 13.43
CA PHE B 205 -19.05 -23.93 14.35
C PHE B 205 -17.81 -24.76 14.68
N ILE B 206 -17.65 -25.09 15.97
CA ILE B 206 -16.49 -25.83 16.45
C ILE B 206 -16.99 -26.94 17.37
N SER B 207 -16.60 -28.17 17.09
CA SER B 207 -16.85 -29.27 17.99
C SER B 207 -15.71 -29.41 18.98
N ILE B 208 -16.04 -29.75 20.22
CA ILE B 208 -15.06 -29.84 21.29
C ILE B 208 -15.72 -30.62 22.41
N ASP B 209 -14.93 -31.27 23.24
CA ASP B 209 -15.51 -31.94 24.39
C ASP B 209 -15.15 -31.18 25.69
N ASP B 210 -15.19 -31.88 26.82
CA ASP B 210 -15.02 -31.19 28.09
C ASP B 210 -13.59 -30.74 28.34
N ASN B 211 -12.59 -31.38 27.74
CA ASN B 211 -11.21 -31.07 28.09
C ASN B 211 -10.83 -29.65 27.72
N GLU B 212 -11.35 -29.12 26.62
CA GLU B 212 -10.98 -27.78 26.19
C GLU B 212 -12.17 -26.85 25.95
N CYS B 213 -13.42 -27.29 26.16
CA CYS B 213 -14.57 -26.41 25.93
C CYS B 213 -14.38 -25.03 26.55
N ALA B 214 -14.24 -24.98 27.88
CA ALA B 214 -14.05 -23.71 28.56
C ALA B 214 -12.94 -22.88 27.91
N ASN B 215 -11.73 -23.47 27.79
CA ASN B 215 -10.59 -22.73 27.22
C ASN B 215 -10.91 -22.23 25.83
N LEU B 216 -11.63 -23.04 25.04
CA LEU B 216 -11.96 -22.65 23.68
C LEU B 216 -12.93 -21.49 23.66
N LYS B 217 -13.98 -21.56 24.48
CA LYS B 217 -14.98 -20.50 24.52
C LYS B 217 -14.33 -19.18 24.90
N ILE B 218 -13.42 -19.21 25.87
CA ILE B 218 -12.78 -17.97 26.27
C ILE B 218 -11.83 -17.49 25.19
N LEU B 219 -11.12 -18.41 24.53
CA LEU B 219 -10.27 -17.99 23.42
C LEU B 219 -11.09 -17.38 22.30
N CYS B 220 -12.21 -18.02 21.96
CA CYS B 220 -13.04 -17.48 20.88
C CYS B 220 -13.65 -16.14 21.27
N ASP B 221 -14.05 -15.99 22.54
CA ASP B 221 -14.52 -14.69 23.03
C ASP B 221 -13.50 -13.60 22.71
N GLU B 222 -12.22 -13.88 22.99
CA GLU B 222 -11.18 -12.89 22.72
C GLU B 222 -11.04 -12.62 21.23
N ILE B 223 -11.09 -13.66 20.41
CA ILE B 223 -10.84 -13.50 18.98
C ILE B 223 -12.07 -12.91 18.29
N PHE B 224 -13.26 -13.39 18.65
CA PHE B 224 -14.47 -13.05 17.92
C PHE B 224 -15.30 -11.95 18.58
N GLY B 225 -15.03 -11.63 19.84
CA GLY B 225 -15.90 -10.75 20.58
C GLY B 225 -16.94 -11.52 21.37
N GLU B 226 -16.88 -11.39 22.70
CA GLU B 226 -17.80 -12.10 23.58
C GLU B 226 -19.25 -11.89 23.16
N ASP B 227 -19.57 -10.68 22.67
CA ASP B 227 -20.90 -10.41 22.15
C ASP B 227 -21.21 -11.22 20.90
N ASN B 228 -20.19 -11.58 20.12
CA ASN B 228 -20.48 -12.31 18.90
C ASN B 228 -20.68 -13.79 19.15
N PHE B 229 -20.70 -14.20 20.41
CA PHE B 229 -21.01 -15.59 20.74
C PHE B 229 -22.49 -15.86 20.46
N VAL B 230 -22.76 -16.85 19.63
CA VAL B 230 -24.14 -17.17 19.30
C VAL B 230 -24.74 -18.16 20.30
N GLY B 231 -23.99 -19.20 20.64
CA GLY B 231 -24.54 -20.23 21.49
C GLY B 231 -23.81 -21.53 21.29
N ASP B 232 -24.02 -22.42 22.24
CA ASP B 232 -23.51 -23.77 22.19
C ASP B 232 -24.66 -24.76 21.98
N PHE B 233 -24.35 -25.83 21.29
CA PHE B 233 -25.28 -26.90 20.99
C PHE B 233 -24.74 -28.15 21.67
N ILE B 234 -25.65 -28.99 22.16
CA ILE B 234 -25.29 -30.21 22.87
C ILE B 234 -25.55 -31.38 21.94
N ARG B 235 -24.53 -32.18 21.68
CA ARG B 235 -24.72 -33.44 20.97
C ARG B 235 -24.58 -34.60 21.94
N LYS B 236 -25.55 -35.51 21.91
CA LYS B 236 -25.45 -36.75 22.66
C LYS B 236 -24.54 -37.75 21.93
N THR B 237 -23.55 -38.30 22.64
CA THR B 237 -22.47 -39.08 22.02
C THR B 237 -22.72 -40.58 22.06
N LYS B 238 -23.30 -41.07 23.14
CA LYS B 238 -23.49 -42.49 23.40
C LYS B 238 -24.64 -42.62 24.40
N SER B 239 -25.06 -43.85 24.63
CA SER B 239 -26.18 -43.99 25.55
C SER B 239 -25.74 -44.52 26.90
N THR B 240 -24.92 -45.56 26.92
CA THR B 240 -24.28 -45.97 28.16
C THR B 240 -22.78 -46.10 27.92
N THR B 241 -21.99 -45.71 28.92
CA THR B 241 -20.57 -45.56 28.75
C THR B 241 -19.85 -46.77 29.31
N ASN B 242 -18.71 -47.12 28.69
CA ASN B 242 -17.85 -48.15 29.25
C ASN B 242 -16.94 -47.59 30.34
N ASP B 243 -16.96 -46.28 30.55
CA ASP B 243 -16.08 -45.56 31.48
C ASP B 243 -16.93 -45.01 32.63
N ALA B 244 -17.30 -45.90 33.57
CA ALA B 244 -18.15 -45.49 34.69
C ALA B 244 -17.51 -45.83 36.03
N LYS B 245 -16.30 -45.31 36.24
CA LYS B 245 -15.54 -45.63 37.45
C LYS B 245 -16.18 -45.00 38.70
N ILE B 246 -16.76 -43.82 38.58
CA ILE B 246 -17.33 -43.11 39.72
C ILE B 246 -18.85 -43.00 39.59
N GLY B 247 -19.49 -43.92 38.85
CA GLY B 247 -20.92 -43.92 38.68
C GLY B 247 -21.44 -42.89 37.70
N LEU B 248 -20.55 -42.10 37.09
CA LEU B 248 -20.97 -41.12 36.10
C LEU B 248 -21.00 -41.73 34.69
N ASN B 249 -22.04 -41.42 33.94
CA ASN B 249 -22.19 -41.85 32.55
C ASN B 249 -22.14 -40.60 31.67
N TYR B 250 -20.93 -40.20 31.30
CA TYR B 250 -20.74 -38.96 30.55
C TYR B 250 -21.08 -39.22 29.09
N GLN B 251 -22.00 -38.43 28.52
CA GLN B 251 -22.57 -38.85 27.24
C GLN B 251 -22.83 -37.68 26.29
N HIS B 252 -22.10 -36.58 26.41
CA HIS B 252 -22.30 -35.50 25.46
C HIS B 252 -21.03 -34.73 25.18
N GLU B 253 -21.09 -33.92 24.13
CA GLU B 253 -20.04 -32.97 23.81
C GLU B 253 -20.70 -31.68 23.35
N PHE B 254 -19.89 -30.71 22.93
CA PHE B 254 -20.34 -29.36 22.64
C PHE B 254 -20.13 -28.97 21.18
N LEU B 255 -20.89 -27.94 20.78
CA LEU B 255 -20.75 -27.35 19.45
C LEU B 255 -20.85 -25.85 19.65
N LEU B 256 -19.72 -25.16 19.59
CA LEU B 256 -19.71 -23.71 19.79
C LEU B 256 -19.96 -23.02 18.47
N CYS B 257 -20.90 -22.08 18.46
CA CYS B 257 -21.16 -21.23 17.31
C CYS B 257 -20.79 -19.80 17.65
N TYR B 258 -19.94 -19.20 16.81
CA TYR B 258 -19.60 -17.80 16.86
C TYR B 258 -20.00 -17.12 15.56
N ALA B 259 -20.39 -15.85 15.65
CA ALA B 259 -20.69 -15.06 14.47
C ALA B 259 -19.50 -14.16 14.15
N LYS B 260 -19.32 -13.86 12.86
CA LYS B 260 -18.41 -12.78 12.50
C LYS B 260 -18.93 -11.45 13.04
N ASP B 261 -20.23 -11.17 12.83
CA ASP B 261 -20.92 -10.04 13.46
C ASP B 261 -22.37 -10.46 13.67
N LYS B 262 -22.75 -10.69 14.93
CA LYS B 262 -24.07 -11.26 15.24
C LYS B 262 -25.23 -10.42 14.73
N ASN B 263 -25.04 -9.12 14.46
CA ASN B 263 -26.09 -8.31 13.86
C ASN B 263 -26.58 -8.82 12.51
N TYR B 264 -25.90 -9.78 11.90
CA TYR B 264 -26.31 -10.32 10.61
C TYR B 264 -26.62 -11.81 10.63
N THR B 265 -26.43 -12.47 11.76
CA THR B 265 -26.67 -13.90 11.82
C THR B 265 -28.14 -14.22 11.57
N ASN B 266 -28.37 -15.37 10.95
CA ASN B 266 -29.70 -15.93 10.77
C ASN B 266 -29.51 -17.44 10.70
N LEU B 267 -29.98 -18.14 11.73
CA LEU B 267 -29.81 -19.58 11.82
C LEU B 267 -31.12 -20.33 11.58
N LEU B 268 -32.10 -19.66 10.96
CA LEU B 268 -33.38 -20.27 10.65
C LEU B 268 -33.21 -21.44 9.65
N GLY B 269 -34.30 -22.16 9.41
CA GLY B 269 -34.34 -23.32 8.53
C GLY B 269 -33.73 -23.21 7.14
N GLY B 270 -34.53 -22.99 6.11
CA GLY B 270 -33.97 -23.14 4.78
C GLY B 270 -33.52 -21.86 4.09
N GLU B 271 -34.29 -21.44 3.07
CA GLU B 271 -34.10 -20.15 2.44
C GLU B 271 -34.31 -19.04 3.47
N LYS B 272 -33.22 -18.38 3.86
CA LYS B 272 -33.31 -17.27 4.80
C LYS B 272 -33.53 -15.93 4.11
N ASN B 273 -32.86 -15.71 2.99
CA ASN B 273 -32.93 -14.44 2.25
C ASN B 273 -34.33 -14.23 1.69
N LEU B 274 -35.04 -13.20 2.20
CA LEU B 274 -36.43 -12.94 1.83
C LEU B 274 -36.60 -12.43 0.40
N GLU B 275 -35.51 -12.21 -0.34
CA GLU B 275 -35.61 -11.78 -1.73
C GLU B 275 -35.37 -12.95 -2.69
N PRO B 280 -43.06 -12.74 -9.38
CA PRO B 280 -44.32 -13.13 -8.77
C PRO B 280 -45.43 -13.05 -9.81
N ASP B 281 -45.26 -13.77 -10.91
CA ASP B 281 -46.18 -13.69 -12.05
C ASP B 281 -47.55 -14.25 -11.66
N ASN B 282 -48.58 -13.42 -11.81
CA ASN B 282 -49.96 -13.72 -11.47
C ASN B 282 -50.15 -14.07 -9.98
N ASP B 283 -49.12 -13.89 -9.16
CA ASP B 283 -49.15 -14.28 -7.76
C ASP B 283 -50.31 -13.63 -7.02
N PRO B 284 -51.47 -14.29 -7.01
CA PRO B 284 -52.63 -13.75 -6.31
C PRO B 284 -52.44 -13.77 -4.80
N ASN B 285 -51.62 -14.69 -4.29
CA ASN B 285 -51.34 -14.81 -2.86
C ASN B 285 -50.06 -14.10 -2.44
N GLY B 286 -49.53 -13.21 -3.28
CA GLY B 286 -48.30 -12.53 -2.98
C GLY B 286 -47.08 -13.27 -3.49
N ALA B 287 -45.92 -12.64 -3.30
CA ALA B 287 -44.69 -13.18 -3.85
C ALA B 287 -44.39 -14.56 -3.25
N TRP B 288 -43.70 -15.39 -4.05
CA TRP B 288 -43.38 -16.76 -3.68
C TRP B 288 -41.98 -17.09 -4.18
N ILE B 289 -41.41 -18.16 -3.63
CA ILE B 289 -40.11 -18.65 -4.01
C ILE B 289 -40.22 -20.12 -4.37
N ASN B 290 -39.49 -20.56 -5.39
CA ASN B 290 -39.49 -21.98 -5.73
C ASN B 290 -39.07 -22.81 -4.53
N ASP B 291 -39.95 -23.69 -4.08
CA ASP B 291 -39.72 -24.62 -2.99
C ASP B 291 -39.72 -26.06 -3.50
N ASN B 292 -39.32 -26.97 -2.62
CA ASN B 292 -39.20 -28.39 -2.97
C ASN B 292 -40.45 -29.13 -2.49
N PRO B 293 -41.16 -29.84 -3.38
CA PRO B 293 -42.37 -30.56 -2.95
C PRO B 293 -42.12 -31.86 -2.19
N SER B 294 -40.87 -32.26 -2.00
CA SER B 294 -40.56 -33.52 -1.32
C SER B 294 -39.64 -33.28 -0.13
N ALA B 295 -39.39 -34.35 0.63
CA ALA B 295 -38.53 -34.32 1.79
C ALA B 295 -38.12 -35.74 2.14
N LYS B 296 -37.01 -35.85 2.90
CA LYS B 296 -36.55 -37.13 3.42
C LYS B 296 -37.34 -37.52 4.67
N SER B 297 -38.66 -37.58 4.51
CA SER B 297 -39.59 -37.82 5.60
C SER B 297 -39.83 -39.32 5.82
N GLY B 298 -40.68 -39.62 6.81
CA GLY B 298 -41.10 -40.97 7.10
C GLY B 298 -42.42 -41.37 6.46
N ASN B 299 -42.97 -40.54 5.57
CA ASN B 299 -44.27 -40.80 4.96
C ASN B 299 -44.14 -41.75 3.78
N MET B 300 -43.91 -43.04 4.08
CA MET B 300 -43.85 -44.06 3.02
C MET B 300 -45.22 -44.33 2.40
N LYS B 301 -46.13 -44.95 3.18
CA LYS B 301 -47.42 -45.35 2.65
C LYS B 301 -48.33 -44.17 2.33
N THR B 302 -48.04 -42.97 2.88
CA THR B 302 -48.86 -41.79 2.58
C THR B 302 -48.12 -40.75 1.75
N GLY B 303 -46.93 -41.05 1.27
CA GLY B 303 -46.16 -40.04 0.57
C GLY B 303 -45.68 -40.49 -0.79
N TYR B 304 -46.02 -41.72 -1.16
CA TYR B 304 -45.59 -42.31 -2.42
C TYR B 304 -46.83 -42.52 -3.30
N PHE B 305 -47.02 -41.64 -4.27
CA PHE B 305 -48.15 -41.75 -5.20
C PHE B 305 -47.86 -40.90 -6.44
N GLY B 306 -48.90 -40.65 -7.24
CA GLY B 306 -48.78 -40.15 -8.60
C GLY B 306 -48.78 -38.65 -8.85
N VAL B 307 -49.74 -37.90 -8.29
CA VAL B 307 -49.99 -36.49 -8.60
C VAL B 307 -49.81 -36.21 -10.10
N THR B 308 -50.88 -36.38 -10.87
CA THR B 308 -50.82 -36.26 -12.32
C THR B 308 -51.16 -34.84 -12.77
N ASN B 309 -50.41 -34.35 -13.75
CA ASN B 309 -50.56 -32.97 -14.22
C ASN B 309 -51.85 -32.80 -15.02
N PRO B 310 -52.61 -31.76 -14.69
CA PRO B 310 -53.98 -31.62 -15.17
C PRO B 310 -54.08 -31.37 -16.66
N TYR B 311 -53.01 -30.92 -17.31
CA TYR B 311 -53.09 -30.58 -18.73
C TYR B 311 -52.27 -31.55 -19.57
N THR B 312 -50.94 -31.39 -19.59
CA THR B 312 -50.09 -32.44 -20.12
C THR B 312 -50.12 -33.64 -19.18
N ASN B 313 -50.24 -34.84 -19.74
CA ASN B 313 -50.48 -36.01 -18.91
C ASN B 313 -49.21 -36.57 -18.26
N LYS B 314 -48.22 -35.72 -18.02
CA LYS B 314 -47.04 -36.16 -17.28
C LYS B 314 -47.42 -36.50 -15.85
N VAL B 315 -46.88 -37.60 -15.34
CA VAL B 315 -47.18 -38.08 -14.00
C VAL B 315 -45.87 -38.22 -13.24
N ASP B 316 -45.72 -37.46 -12.15
CA ASP B 316 -44.45 -37.29 -11.46
C ASP B 316 -44.49 -37.99 -10.11
N TYR B 317 -43.46 -38.78 -9.83
CA TYR B 317 -43.25 -39.45 -8.56
C TYR B 317 -42.14 -38.75 -7.76
N PRO B 318 -42.10 -38.89 -6.44
CA PRO B 318 -41.09 -38.18 -5.66
C PRO B 318 -39.69 -38.64 -6.01
N PRO B 319 -38.65 -37.86 -5.71
CA PRO B 319 -37.29 -38.34 -5.89
C PRO B 319 -37.04 -39.54 -4.99
N VAL B 320 -36.07 -40.38 -5.40
CA VAL B 320 -35.80 -41.61 -4.68
C VAL B 320 -35.32 -41.28 -3.27
N GLY B 321 -35.79 -42.04 -2.28
CA GLY B 321 -35.58 -41.70 -0.89
C GLY B 321 -36.41 -40.56 -0.35
N MET B 322 -37.15 -39.83 -1.19
CA MET B 322 -37.97 -38.71 -0.76
C MET B 322 -39.45 -39.01 -1.02
N PHE B 323 -40.32 -38.29 -0.33
CA PHE B 323 -41.76 -38.50 -0.37
C PHE B 323 -42.45 -37.15 -0.46
N TRP B 324 -43.63 -37.12 -1.07
CA TRP B 324 -44.35 -35.87 -1.26
C TRP B 324 -44.68 -35.22 0.08
N ARG B 325 -44.59 -33.90 0.12
CA ARG B 325 -44.95 -33.15 1.31
C ARG B 325 -46.46 -32.95 1.45
N PHE B 326 -47.23 -33.49 0.50
CA PHE B 326 -48.68 -33.55 0.52
C PHE B 326 -49.07 -35.02 0.37
N SER B 327 -50.31 -35.34 0.74
CA SER B 327 -50.80 -36.71 0.62
C SER B 327 -51.94 -36.75 -0.37
N GLN B 328 -52.41 -37.96 -0.68
CA GLN B 328 -53.57 -38.09 -1.54
C GLN B 328 -54.80 -37.45 -0.89
N ASN B 329 -54.83 -37.39 0.43
CA ASN B 329 -55.95 -36.74 1.14
C ASN B 329 -55.81 -35.22 1.18
N THR B 330 -54.60 -34.69 1.01
CA THR B 330 -54.37 -33.25 1.08
C THR B 330 -53.77 -32.67 -0.21
N ILE B 331 -53.70 -33.46 -1.29
CA ILE B 331 -53.15 -32.97 -2.54
C ILE B 331 -53.99 -31.82 -3.09
N GLN B 332 -55.32 -31.93 -2.99
CA GLN B 332 -56.21 -30.91 -3.55
C GLN B 332 -56.20 -29.61 -2.75
N LYS B 333 -55.86 -29.67 -1.45
CA LYS B 333 -55.73 -28.44 -0.68
C LYS B 333 -54.53 -27.63 -1.13
N HIS B 334 -53.41 -28.29 -1.42
CA HIS B 334 -52.25 -27.60 -1.98
C HIS B 334 -52.44 -27.20 -3.43
N ILE B 335 -53.30 -27.92 -4.16
CA ILE B 335 -53.64 -27.49 -5.53
C ILE B 335 -54.54 -26.26 -5.49
N ASP B 336 -55.48 -26.21 -4.53
CA ASP B 336 -56.44 -25.11 -4.49
C ASP B 336 -55.78 -23.81 -4.04
N GLU B 337 -54.68 -23.89 -3.29
CA GLU B 337 -53.79 -22.76 -3.13
C GLU B 337 -52.74 -22.76 -4.23
N GLY B 338 -51.98 -21.68 -4.31
CA GLY B 338 -51.04 -21.54 -5.40
C GLY B 338 -49.80 -22.40 -5.28
N ARG B 339 -49.78 -23.31 -4.30
CA ARG B 339 -48.56 -24.04 -3.97
C ARG B 339 -48.20 -25.03 -5.08
N ILE B 340 -49.14 -25.86 -5.51
CA ILE B 340 -48.92 -26.77 -6.64
C ILE B 340 -49.44 -26.03 -7.88
N CYS B 341 -48.53 -25.36 -8.59
CA CYS B 341 -48.86 -24.62 -9.80
C CYS B 341 -48.51 -25.49 -11.01
N PHE B 342 -49.54 -26.10 -11.60
CA PHE B 342 -49.35 -27.03 -12.72
C PHE B 342 -48.86 -26.28 -13.96
N LYS B 343 -47.83 -26.81 -14.59
CA LYS B 343 -47.32 -26.24 -15.84
C LYS B 343 -48.13 -26.75 -17.03
N LYS B 344 -48.60 -25.83 -17.88
CA LYS B 344 -49.50 -26.21 -18.97
C LYS B 344 -48.82 -27.08 -20.01
N GLU B 345 -47.52 -26.90 -20.21
CA GLU B 345 -46.74 -27.76 -21.09
C GLU B 345 -45.28 -27.66 -20.65
N HIS B 346 -44.54 -28.76 -20.86
CA HIS B 346 -43.17 -28.84 -20.37
C HIS B 346 -42.44 -29.95 -21.12
N LYS B 347 -41.18 -30.14 -20.76
CA LYS B 347 -40.33 -31.15 -21.38
C LYS B 347 -40.46 -32.49 -20.63
N ASP B 348 -39.88 -33.54 -21.22
CA ASP B 348 -40.04 -34.90 -20.71
C ASP B 348 -39.22 -35.16 -19.45
N ASN B 349 -38.21 -34.35 -19.17
CA ASN B 349 -37.34 -34.53 -18.01
C ASN B 349 -37.51 -33.41 -16.99
N GLU B 350 -38.58 -32.61 -17.11
CA GLU B 350 -38.88 -31.52 -16.20
C GLU B 350 -40.18 -31.82 -15.47
N ARG B 351 -40.23 -31.47 -14.18
CA ARG B 351 -41.41 -31.73 -13.37
C ARG B 351 -42.61 -30.95 -13.89
N GLY B 352 -43.79 -31.58 -13.83
CA GLY B 352 -45.00 -31.00 -14.39
C GLY B 352 -45.58 -29.82 -13.61
N PHE B 353 -45.20 -29.66 -12.35
CA PHE B 353 -45.69 -28.58 -11.51
C PHE B 353 -44.53 -27.89 -10.80
N ILE B 354 -44.77 -26.65 -10.36
CA ILE B 354 -43.82 -25.92 -9.52
C ILE B 354 -44.45 -25.73 -8.14
N TYR B 355 -43.64 -25.93 -7.10
CA TYR B 355 -44.06 -25.83 -5.71
C TYR B 355 -43.69 -24.45 -5.16
N LYS B 356 -44.67 -23.77 -4.54
CA LYS B 356 -44.64 -22.31 -4.43
C LYS B 356 -44.13 -21.75 -3.11
N ARG B 357 -44.47 -22.33 -1.95
CA ARG B 357 -44.20 -21.75 -0.64
C ARG B 357 -44.36 -20.24 -0.58
N TYR B 358 -45.50 -19.76 -0.11
CA TYR B 358 -45.77 -18.33 -0.16
C TYR B 358 -45.12 -17.61 1.02
N LEU B 359 -45.10 -16.28 0.93
CA LEU B 359 -44.48 -15.43 1.94
C LEU B 359 -45.45 -14.98 3.03
N LYS B 360 -46.76 -14.95 2.75
CA LYS B 360 -47.74 -14.73 3.81
C LYS B 360 -47.54 -15.73 4.93
N ASP B 361 -47.14 -16.96 4.59
CA ASP B 361 -46.91 -18.03 5.56
C ASP B 361 -45.46 -18.09 6.03
N LEU B 362 -44.74 -16.97 6.04
CA LEU B 362 -43.32 -17.00 6.40
C LEU B 362 -43.13 -17.29 7.89
N LYS B 363 -44.00 -16.74 8.73
CA LYS B 363 -43.82 -16.80 10.18
C LYS B 363 -44.06 -18.18 10.77
N THR B 364 -44.83 -19.05 10.11
CA THR B 364 -45.01 -20.43 10.57
C THR B 364 -44.18 -21.45 9.78
N THR B 365 -43.56 -21.04 8.67
CA THR B 365 -42.77 -21.94 7.85
C THR B 365 -41.30 -22.01 8.26
N GLN B 366 -40.83 -21.09 9.09
CA GLN B 366 -39.42 -21.01 9.46
C GLN B 366 -39.18 -21.71 10.79
N LYS B 367 -38.09 -22.49 10.85
CA LYS B 367 -37.77 -23.30 12.01
C LYS B 367 -36.49 -22.83 12.68
N THR B 368 -36.51 -22.76 14.00
CA THR B 368 -35.36 -22.31 14.75
C THR B 368 -34.37 -23.44 14.91
N PHE B 369 -33.14 -23.06 15.17
CA PHE B 369 -32.08 -24.00 15.51
C PHE B 369 -32.13 -24.15 17.04
N ASP B 370 -32.51 -25.32 17.51
CA ASP B 370 -32.73 -25.55 18.94
C ASP B 370 -31.44 -26.10 19.58
N SER B 371 -30.97 -25.43 20.63
CA SER B 371 -29.70 -25.75 21.25
C SER B 371 -29.64 -27.18 21.77
N LEU B 372 -30.77 -27.87 21.94
CA LEU B 372 -30.75 -29.26 22.35
C LEU B 372 -31.18 -30.22 21.24
N ILE B 373 -31.23 -29.75 19.98
CA ILE B 373 -31.71 -30.60 18.89
C ILE B 373 -30.86 -31.87 18.76
N PHE B 374 -29.54 -31.76 18.94
CA PHE B 374 -28.66 -32.91 18.71
C PHE B 374 -28.53 -33.78 19.93
N SER B 375 -29.55 -33.85 20.77
CA SER B 375 -29.39 -34.66 21.96
C SER B 375 -30.24 -35.92 21.95
N ASP B 376 -31.00 -36.18 20.88
CA ASP B 376 -31.63 -37.49 20.90
C ASP B 376 -30.69 -38.53 20.27
N ASN B 377 -31.08 -39.80 20.36
CA ASN B 377 -30.19 -40.88 19.99
C ASN B 377 -29.76 -40.85 18.52
N CYS B 378 -30.41 -40.04 17.68
CA CYS B 378 -30.11 -39.96 16.26
C CYS B 378 -28.68 -39.53 15.97
N TYR B 379 -28.08 -38.67 16.81
CA TYR B 379 -26.80 -38.07 16.47
C TYR B 379 -25.67 -38.59 17.35
N MET B 380 -25.83 -39.79 17.90
CA MET B 380 -24.75 -40.39 18.66
C MET B 380 -23.66 -40.93 17.74
N ASN B 381 -22.58 -41.42 18.36
CA ASN B 381 -21.41 -41.84 17.58
C ASN B 381 -21.68 -43.06 16.71
N GLN B 382 -22.54 -43.97 17.15
CA GLN B 382 -22.70 -45.20 16.39
C GLN B 382 -23.29 -44.92 15.01
N ALA B 383 -24.09 -43.87 14.90
CA ALA B 383 -24.57 -43.46 13.59
C ALA B 383 -23.39 -43.19 12.66
N ALA B 384 -22.41 -42.42 13.11
CA ALA B 384 -21.30 -42.05 12.25
C ALA B 384 -20.46 -43.26 11.88
N THR B 385 -20.14 -44.09 12.88
CA THR B 385 -19.52 -45.38 12.62
C THR B 385 -20.22 -46.11 11.48
N LYS B 386 -21.56 -46.13 11.49
CA LYS B 386 -22.29 -46.94 10.53
C LYS B 386 -22.13 -46.37 9.12
N GLU B 387 -22.11 -45.04 8.99
CA GLU B 387 -21.98 -44.47 7.66
C GLU B 387 -20.64 -44.85 7.03
N LEU B 388 -19.55 -44.84 7.81
CA LEU B 388 -18.26 -45.23 7.26
C LEU B 388 -18.20 -46.70 6.90
N LEU B 389 -18.84 -47.57 7.69
CA LEU B 389 -18.94 -48.96 7.26
C LEU B 389 -19.67 -49.10 5.93
N ASN B 390 -20.79 -48.39 5.76
CA ASN B 390 -21.50 -48.45 4.50
C ASN B 390 -20.64 -48.01 3.31
N LEU B 391 -19.57 -47.27 3.54
CA LEU B 391 -18.62 -46.94 2.49
C LEU B 391 -17.42 -47.88 2.49
N GLY B 392 -17.44 -48.92 3.33
CA GLY B 392 -16.29 -49.81 3.43
C GLY B 392 -15.04 -49.15 3.97
N MET B 393 -15.15 -47.99 4.62
CA MET B 393 -14.01 -47.32 5.20
C MET B 393 -14.07 -47.28 6.72
N GLY B 394 -14.76 -48.25 7.33
CA GLY B 394 -14.82 -48.29 8.78
C GLY B 394 -13.48 -48.59 9.43
N GLU B 395 -12.66 -49.39 8.79
CA GLU B 395 -11.41 -49.77 9.41
C GLU B 395 -10.35 -48.69 9.31
N TYR B 396 -10.66 -47.57 8.65
CA TYR B 396 -9.63 -46.60 8.29
C TYR B 396 -9.81 -45.24 8.94
N PHE B 397 -10.96 -44.96 9.53
CA PHE B 397 -11.12 -43.70 10.26
C PHE B 397 -12.01 -43.97 11.47
N THR B 398 -11.48 -43.77 12.67
CA THR B 398 -12.17 -44.27 13.84
C THR B 398 -13.10 -43.25 14.49
N TYR B 399 -12.83 -41.95 14.37
CA TYR B 399 -13.58 -40.98 15.15
C TYR B 399 -14.43 -40.03 14.32
N PRO B 400 -15.21 -40.50 13.36
CA PRO B 400 -15.90 -39.56 12.46
C PRO B 400 -17.14 -38.94 13.07
N LYS B 401 -17.50 -37.78 12.56
CA LYS B 401 -18.81 -37.22 12.87
C LYS B 401 -19.83 -37.77 11.88
N GLY B 402 -21.10 -37.53 12.17
CA GLY B 402 -22.21 -38.11 11.43
C GLY B 402 -22.74 -37.14 10.39
N VAL B 403 -23.17 -37.69 9.25
CA VAL B 403 -23.67 -36.87 8.15
C VAL B 403 -24.89 -36.07 8.59
N GLU B 404 -25.90 -36.74 9.17
CA GLU B 404 -27.12 -36.07 9.61
C GLU B 404 -26.82 -34.91 10.56
N PHE B 405 -25.98 -35.13 11.57
CA PHE B 405 -25.49 -34.02 12.39
C PHE B 405 -24.92 -32.88 11.54
N MET B 406 -24.05 -33.21 10.58
CA MET B 406 -23.46 -32.15 9.79
C MET B 406 -24.48 -31.52 8.86
N LYS B 407 -25.41 -32.33 8.33
CA LYS B 407 -26.42 -31.81 7.40
C LYS B 407 -27.22 -30.67 8.02
N LYS B 408 -27.51 -30.78 9.33
CA LYS B 408 -28.39 -29.81 9.96
C LYS B 408 -27.65 -28.52 10.28
N ILE B 409 -26.40 -28.63 10.73
CA ILE B 409 -25.54 -27.46 10.89
C ILE B 409 -25.54 -26.66 9.59
N ILE B 410 -25.37 -27.36 8.46
CA ILE B 410 -25.29 -26.69 7.17
C ILE B 410 -26.64 -26.09 6.80
N LEU B 411 -27.71 -26.86 7.00
CA LEU B 411 -29.04 -26.40 6.63
C LEU B 411 -29.46 -25.12 7.37
N HIS B 412 -29.09 -24.99 8.65
CA HIS B 412 -29.51 -23.80 9.39
C HIS B 412 -28.58 -22.61 9.17
N SER B 413 -27.40 -22.82 8.62
CA SER B 413 -26.40 -21.76 8.53
C SER B 413 -26.05 -21.37 7.11
N THR B 414 -26.70 -21.94 6.10
CA THR B 414 -26.47 -21.56 4.71
C THR B 414 -27.79 -21.54 3.95
N THR B 415 -27.85 -20.71 2.93
CA THR B 415 -28.93 -20.53 1.96
C THR B 415 -28.74 -21.51 0.82
N PRO B 416 -29.81 -22.12 0.31
CA PRO B 416 -29.64 -23.21 -0.67
C PRO B 416 -28.98 -22.78 -1.98
N ASN B 417 -29.17 -21.56 -2.45
CA ASN B 417 -28.73 -21.27 -3.81
C ASN B 417 -28.09 -19.90 -3.96
N GLU B 418 -27.38 -19.43 -2.94
CA GLU B 418 -26.59 -18.21 -3.05
C GLU B 418 -25.14 -18.50 -3.38
N GLY B 419 -24.80 -19.77 -3.61
CA GLY B 419 -23.40 -20.15 -3.79
C GLY B 419 -22.58 -20.10 -2.53
N ASP B 420 -23.20 -20.38 -1.37
CA ASP B 420 -22.49 -20.26 -0.10
C ASP B 420 -21.34 -21.26 -0.05
N ILE B 421 -20.19 -20.82 0.43
CA ILE B 421 -19.01 -21.65 0.61
C ILE B 421 -18.96 -22.16 2.05
N ILE B 422 -18.96 -23.47 2.22
CA ILE B 422 -18.63 -24.11 3.49
C ILE B 422 -17.15 -24.47 3.50
N LEU B 423 -16.44 -24.04 4.54
CA LEU B 423 -15.01 -24.33 4.72
C LEU B 423 -14.81 -25.16 5.98
N ASP B 424 -14.22 -26.35 5.82
CA ASP B 424 -13.78 -27.21 6.93
C ASP B 424 -12.28 -27.45 6.78
N PHE B 425 -11.48 -26.94 7.73
CA PHE B 425 -10.04 -27.11 7.63
C PHE B 425 -9.46 -28.05 8.68
N PHE B 426 -10.27 -28.95 9.23
CA PHE B 426 -9.79 -30.11 9.96
C PHE B 426 -10.55 -31.33 9.44
N ALA B 427 -10.34 -31.64 8.15
CA ALA B 427 -11.31 -32.41 7.36
C ALA B 427 -11.54 -33.81 7.92
N GLY B 428 -10.49 -34.46 8.39
CA GLY B 428 -10.64 -35.86 8.80
C GLY B 428 -11.24 -36.71 7.68
N SER B 429 -12.30 -37.43 8.01
CA SER B 429 -12.90 -38.31 7.02
C SER B 429 -13.82 -37.57 6.05
N GLY B 430 -13.78 -36.24 6.02
CA GLY B 430 -14.59 -35.42 5.13
C GLY B 430 -16.09 -35.50 5.35
N THR B 431 -16.56 -35.81 6.57
CA THR B 431 -18.00 -35.89 6.79
C THR B 431 -18.72 -34.62 6.36
N THR B 432 -18.11 -33.46 6.61
CA THR B 432 -18.75 -32.20 6.26
C THR B 432 -19.11 -32.17 4.78
N VAL B 433 -18.19 -32.61 3.92
CA VAL B 433 -18.39 -32.54 2.48
C VAL B 433 -19.43 -33.55 2.05
N HIS B 434 -19.40 -34.74 2.65
CA HIS B 434 -20.46 -35.71 2.42
C HIS B 434 -21.83 -35.10 2.74
N ALA B 435 -21.90 -34.25 3.76
CA ALA B 435 -23.20 -33.70 4.13
C ALA B 435 -23.62 -32.58 3.18
N VAL B 436 -22.67 -31.73 2.77
CA VAL B 436 -22.97 -30.68 1.80
C VAL B 436 -23.49 -31.28 0.50
N MET B 437 -22.85 -32.34 0.01
CA MET B 437 -23.32 -32.95 -1.22
C MET B 437 -24.72 -33.53 -1.02
N GLU B 438 -24.88 -34.36 0.01
CA GLU B 438 -26.18 -35.01 0.23
C GLU B 438 -27.27 -33.96 0.39
N LEU B 439 -26.93 -32.79 0.94
CA LEU B 439 -27.91 -31.73 1.11
C LEU B 439 -28.20 -31.02 -0.19
N ASN B 440 -27.16 -30.67 -0.95
CA ASN B 440 -27.36 -30.09 -2.28
C ASN B 440 -28.21 -31.00 -3.16
N ALA B 441 -28.12 -32.31 -2.95
CA ALA B 441 -28.93 -33.22 -3.76
C ALA B 441 -30.40 -33.22 -3.35
N GLU B 442 -30.72 -32.85 -2.10
CA GLU B 442 -32.12 -32.93 -1.72
C GLU B 442 -32.91 -31.71 -2.21
N ASP B 443 -32.33 -30.51 -2.11
CA ASP B 443 -33.02 -29.28 -2.47
C ASP B 443 -32.38 -28.57 -3.67
N LYS B 444 -31.56 -29.28 -4.44
CA LYS B 444 -31.00 -28.76 -5.69
C LYS B 444 -30.17 -27.51 -5.44
N GLY B 445 -29.58 -27.44 -4.25
CA GLY B 445 -28.79 -26.29 -3.88
C GLY B 445 -27.42 -26.27 -4.56
N ASN B 446 -26.75 -25.13 -4.42
CA ASN B 446 -25.45 -24.94 -5.06
C ASN B 446 -24.37 -24.63 -4.04
N ARG B 447 -24.46 -25.19 -2.85
CA ARG B 447 -23.40 -25.00 -1.87
C ARG B 447 -22.07 -25.54 -2.41
N GLU B 448 -21.01 -24.76 -2.24
CA GLU B 448 -19.68 -25.23 -2.58
C GLU B 448 -18.88 -25.47 -1.31
N PHE B 449 -17.78 -26.22 -1.44
CA PHE B 449 -16.98 -26.50 -0.27
C PHE B 449 -15.49 -26.33 -0.54
N ILE B 450 -14.77 -26.19 0.57
CA ILE B 450 -13.32 -26.21 0.61
C ILE B 450 -12.96 -27.03 1.83
N LEU B 451 -12.19 -28.08 1.63
CA LEU B 451 -11.66 -28.88 2.72
C LEU B 451 -10.17 -28.61 2.84
N VAL B 452 -9.66 -28.65 4.06
CA VAL B 452 -8.21 -28.75 4.29
C VAL B 452 -7.95 -29.94 5.20
N GLN B 453 -6.96 -30.77 4.83
CA GLN B 453 -6.53 -31.90 5.63
C GLN B 453 -5.02 -32.01 5.57
N ILE B 454 -4.39 -32.29 6.72
CA ILE B 454 -2.94 -32.42 6.77
C ILE B 454 -2.55 -33.78 6.22
N ASP B 455 -1.42 -33.84 5.53
CA ASP B 455 -0.88 -35.09 5.04
C ASP B 455 -0.03 -35.77 6.11
N GLU B 456 -0.67 -36.08 7.23
CA GLU B 456 0.01 -36.84 8.26
C GLU B 456 0.26 -38.25 7.75
N GLU B 457 1.42 -38.79 8.08
CA GLU B 457 1.73 -40.14 7.62
C GLU B 457 1.00 -41.19 8.43
N ILE B 458 0.52 -42.21 7.73
CA ILE B 458 -0.12 -43.35 8.37
C ILE B 458 0.95 -44.37 8.70
N LYS B 459 0.91 -44.88 9.93
CA LYS B 459 1.94 -45.84 10.33
C LYS B 459 1.66 -47.19 9.71
N GLU B 460 2.73 -47.94 9.45
CA GLU B 460 2.65 -49.21 8.73
C GLU B 460 1.75 -50.24 9.41
N ASP B 461 1.54 -50.16 10.72
CA ASP B 461 0.69 -51.16 11.37
C ASP B 461 -0.77 -50.77 11.42
N GLU B 462 -1.12 -49.57 10.98
CA GLU B 462 -2.52 -49.19 10.85
C GLU B 462 -3.14 -49.88 9.64
N SER B 463 -4.46 -50.08 9.70
CA SER B 463 -5.16 -50.76 8.61
C SER B 463 -5.16 -49.91 7.35
N ALA B 464 -5.26 -48.59 7.49
CA ALA B 464 -5.32 -47.75 6.30
C ALA B 464 -4.02 -47.81 5.50
N TYR B 465 -2.92 -48.24 6.11
CA TYR B 465 -1.64 -48.22 5.39
C TYR B 465 -1.71 -49.06 4.14
N ASP B 466 -1.95 -50.36 4.30
CA ASP B 466 -2.01 -51.21 3.12
C ASP B 466 -3.16 -50.83 2.21
N PHE B 467 -4.22 -50.21 2.75
CA PHE B 467 -5.31 -49.78 1.89
C PHE B 467 -4.87 -48.61 1.01
N CYS B 468 -4.11 -47.68 1.57
CA CYS B 468 -3.63 -46.57 0.76
C CYS B 468 -2.65 -47.03 -0.32
N LYS B 469 -1.72 -47.91 0.04
CA LYS B 469 -0.71 -48.33 -0.92
C LYS B 469 -1.34 -49.17 -2.01
N LYS B 470 -2.08 -50.21 -1.63
CA LYS B 470 -2.56 -51.16 -2.62
C LYS B 470 -3.80 -50.65 -3.35
N GLU B 471 -4.74 -50.03 -2.65
CA GLU B 471 -5.98 -49.62 -3.32
C GLU B 471 -5.90 -48.23 -3.91
N LEU B 472 -5.46 -47.24 -3.13
CA LEU B 472 -5.35 -45.86 -3.61
C LEU B 472 -4.04 -45.58 -4.35
N LYS B 473 -3.16 -46.57 -4.47
CA LYS B 473 -1.90 -46.44 -5.20
C LYS B 473 -1.06 -45.29 -4.66
N SER B 474 -1.07 -45.09 -3.35
CA SER B 474 -0.32 -43.99 -2.74
C SER B 474 1.07 -44.50 -2.36
N ALA B 475 2.11 -43.84 -2.91
CA ALA B 475 3.48 -44.22 -2.57
C ALA B 475 3.72 -44.10 -1.08
N LYS B 476 3.07 -43.13 -0.45
CA LYS B 476 3.24 -42.87 0.97
C LYS B 476 1.89 -42.61 1.61
N PRO B 477 1.27 -43.62 2.22
CA PRO B 477 -0.01 -43.41 2.92
C PRO B 477 -0.01 -42.22 3.84
N VAL B 478 -0.97 -41.33 3.60
CA VAL B 478 -1.17 -40.15 4.42
C VAL B 478 -2.67 -39.99 4.62
N ILE B 479 -3.04 -39.31 5.71
CA ILE B 479 -4.45 -39.27 6.12
C ILE B 479 -5.31 -38.64 5.04
N SER B 480 -4.80 -37.60 4.38
CA SER B 480 -5.53 -36.99 3.28
C SER B 480 -5.89 -37.99 2.18
N ASP B 481 -5.14 -39.09 2.06
CA ASP B 481 -5.48 -40.11 1.07
C ASP B 481 -6.88 -40.66 1.32
N ILE B 482 -7.14 -41.11 2.54
CA ILE B 482 -8.45 -41.71 2.79
C ILE B 482 -9.51 -40.63 3.02
N THR B 483 -9.11 -39.40 3.32
CA THR B 483 -10.04 -38.28 3.26
C THR B 483 -10.65 -38.16 1.86
N ILE B 484 -9.76 -38.05 0.86
CA ILE B 484 -10.19 -37.89 -0.53
C ILE B 484 -10.94 -39.12 -1.01
N GLU B 485 -10.57 -40.31 -0.55
CA GLU B 485 -11.31 -41.47 -1.03
C GLU B 485 -12.73 -41.48 -0.48
N ARG B 486 -12.91 -41.07 0.77
CA ARG B 486 -14.25 -41.06 1.35
C ARG B 486 -15.17 -40.13 0.55
N VAL B 487 -14.69 -38.92 0.24
CA VAL B 487 -15.46 -37.97 -0.57
C VAL B 487 -15.83 -38.58 -1.92
N LYS B 488 -14.85 -39.20 -2.59
CA LYS B 488 -15.13 -39.80 -3.89
C LYS B 488 -16.20 -40.86 -3.76
N ARG B 489 -16.12 -41.70 -2.73
CA ARG B 489 -17.13 -42.75 -2.62
C ARG B 489 -18.48 -42.14 -2.28
N ALA B 490 -18.49 -41.08 -1.47
CA ALA B 490 -19.76 -40.43 -1.18
C ALA B 490 -20.30 -39.72 -2.42
N ALA B 491 -19.43 -39.03 -3.16
CA ALA B 491 -19.88 -38.36 -4.37
C ALA B 491 -20.43 -39.37 -5.36
N GLN B 492 -19.78 -40.52 -5.47
CA GLN B 492 -20.25 -41.50 -6.44
C GLN B 492 -21.60 -42.05 -6.04
N LYS B 493 -21.79 -42.33 -4.75
CA LYS B 493 -23.05 -42.89 -4.30
C LYS B 493 -24.20 -41.91 -4.54
N ILE B 494 -24.00 -40.64 -4.16
CA ILE B 494 -25.03 -39.63 -4.40
C ILE B 494 -25.30 -39.50 -5.89
N SER B 495 -24.23 -39.40 -6.69
CA SER B 495 -24.36 -39.36 -8.14
C SER B 495 -25.19 -40.53 -8.66
N GLN B 496 -24.92 -41.73 -8.17
CA GLN B 496 -25.71 -42.88 -8.61
C GLN B 496 -27.18 -42.74 -8.20
N LEU B 497 -27.45 -42.12 -7.05
CA LEU B 497 -28.81 -42.00 -6.53
C LEU B 497 -29.52 -40.78 -7.09
N SER B 498 -28.88 -39.61 -7.04
CA SER B 498 -29.35 -38.48 -7.82
C SER B 498 -29.39 -38.82 -9.30
N LYS B 499 -30.17 -38.04 -10.04
CA LYS B 499 -30.17 -38.04 -11.50
C LYS B 499 -30.21 -36.62 -12.06
N ASP B 500 -29.79 -35.61 -11.31
CA ASP B 500 -29.72 -34.24 -11.79
C ASP B 500 -28.30 -33.98 -12.30
N SER B 501 -28.15 -33.89 -13.60
CA SER B 501 -26.83 -33.50 -14.08
C SER B 501 -26.48 -32.05 -13.73
N GLY B 502 -27.27 -31.42 -12.85
CA GLY B 502 -27.00 -30.08 -12.37
C GLY B 502 -26.20 -30.08 -11.09
N LEU B 503 -26.23 -31.19 -10.36
CA LEU B 503 -25.42 -31.32 -9.15
C LEU B 503 -23.94 -31.32 -9.49
N ASP B 504 -23.18 -30.43 -8.84
CA ASP B 504 -21.73 -30.45 -8.92
C ASP B 504 -21.20 -31.32 -7.80
N LEU B 505 -20.85 -32.56 -8.14
CA LEU B 505 -20.29 -33.51 -7.19
C LEU B 505 -18.78 -33.65 -7.34
N GLY B 506 -18.16 -32.86 -8.19
CA GLY B 506 -16.74 -32.96 -8.38
C GLY B 506 -15.95 -31.96 -7.52
N PHE B 507 -14.63 -32.14 -7.55
CA PHE B 507 -13.74 -31.25 -6.83
C PHE B 507 -12.35 -31.34 -7.45
N LYS B 508 -11.49 -30.39 -7.09
CA LYS B 508 -10.09 -30.41 -7.47
C LYS B 508 -9.23 -30.57 -6.23
N VAL B 509 -8.06 -31.19 -6.37
CA VAL B 509 -7.18 -31.45 -5.24
C VAL B 509 -5.88 -30.68 -5.41
N TYR B 510 -5.52 -29.89 -4.41
CA TYR B 510 -4.28 -29.13 -4.42
C TYR B 510 -3.38 -29.58 -3.28
N THR B 511 -2.08 -29.41 -3.50
CA THR B 511 -1.08 -29.56 -2.45
C THR B 511 -0.43 -28.20 -2.20
N LEU B 512 0.33 -28.14 -1.10
CA LEU B 512 1.03 -26.93 -0.69
C LEU B 512 2.53 -27.15 -0.76
N GLN B 513 3.23 -26.20 -1.38
CA GLN B 513 4.68 -26.26 -1.50
C GLN B 513 5.27 -24.88 -1.29
N ASP B 514 6.53 -24.86 -0.86
CA ASP B 514 7.22 -23.62 -0.52
C ASP B 514 7.66 -22.83 -1.74
N LYS B 515 8.64 -21.94 -1.55
CA LYS B 515 9.20 -21.07 -2.60
C LYS B 515 8.10 -20.25 -3.29
N SER B 531 9.55 -22.87 -9.17
CA SER B 531 9.98 -24.07 -8.47
C SER B 531 9.62 -25.33 -9.26
N ASP B 532 8.87 -26.23 -8.62
CA ASP B 532 8.42 -27.47 -9.24
C ASP B 532 6.90 -27.44 -9.39
N LEU B 533 6.43 -26.64 -10.34
CA LEU B 533 5.00 -26.51 -10.55
C LEU B 533 4.76 -26.03 -11.98
N THR B 534 3.67 -26.52 -12.56
CA THR B 534 3.37 -26.26 -13.95
C THR B 534 3.06 -24.77 -14.19
N PRO B 535 3.05 -24.34 -15.45
CA PRO B 535 2.63 -22.95 -15.74
C PRO B 535 1.19 -22.67 -15.33
N PHE B 536 0.31 -23.65 -15.49
CA PHE B 536 -1.05 -23.53 -14.99
C PHE B 536 -1.06 -23.19 -13.50
N ASP B 537 -0.26 -23.92 -12.70
CA ASP B 537 -0.19 -23.68 -11.27
C ASP B 537 0.44 -22.33 -10.95
N LYS B 538 1.51 -21.98 -11.68
CA LYS B 538 2.03 -20.63 -11.59
C LYS B 538 0.94 -19.61 -11.86
N ALA B 539 0.09 -19.89 -12.87
CA ALA B 539 -1.01 -18.99 -13.19
C ALA B 539 -2.08 -19.04 -12.11
N LEU B 540 -2.42 -20.24 -11.64
CA LEU B 540 -3.40 -20.39 -10.56
C LEU B 540 -3.04 -19.52 -9.35
N ASN B 541 -1.82 -19.68 -8.83
CA ASN B 541 -1.39 -18.88 -7.69
C ASN B 541 -1.38 -17.38 -8.02
N LEU B 542 -1.23 -17.02 -9.29
CA LEU B 542 -1.24 -15.60 -9.62
C LEU B 542 -2.65 -15.02 -9.54
N ALA B 543 -3.62 -15.76 -10.09
CA ALA B 543 -5.01 -15.32 -10.03
C ALA B 543 -5.56 -15.38 -8.59
N LEU B 544 -5.04 -16.30 -7.79
CA LEU B 544 -5.44 -16.36 -6.38
C LEU B 544 -4.91 -15.17 -5.60
N GLN B 545 -3.79 -14.60 -6.04
CA GLN B 545 -3.25 -13.35 -5.51
C GLN B 545 -4.01 -12.13 -6.00
N CYS B 546 -4.82 -12.28 -7.05
CA CYS B 546 -5.54 -11.17 -7.67
C CYS B 546 -7.06 -11.27 -7.46
N GLY B 547 -7.49 -11.92 -6.38
CA GLY B 547 -8.87 -11.91 -5.95
C GLY B 547 -9.74 -13.04 -6.46
N LYS B 548 -9.46 -13.55 -7.66
CA LYS B 548 -10.29 -14.61 -8.24
C LYS B 548 -10.19 -15.87 -7.39
N THR B 549 -11.33 -16.53 -7.20
CA THR B 549 -11.44 -17.63 -6.25
C THR B 549 -11.32 -18.98 -6.97
N LEU B 550 -11.10 -20.03 -6.16
CA LEU B 550 -10.90 -21.36 -6.73
C LEU B 550 -12.09 -21.82 -7.56
N ASN B 551 -13.29 -21.33 -7.27
CA ASN B 551 -14.45 -21.77 -8.03
C ASN B 551 -14.58 -21.06 -9.38
N GLN B 552 -13.74 -20.08 -9.66
CA GLN B 552 -13.74 -19.43 -10.98
C GLN B 552 -12.76 -20.18 -11.87
N ALA B 553 -13.26 -20.67 -13.01
CA ALA B 553 -12.44 -21.40 -13.96
C ALA B 553 -11.22 -20.57 -14.34
N LEU B 554 -10.12 -20.75 -13.59
CA LEU B 554 -8.94 -19.91 -13.77
C LEU B 554 -8.14 -20.37 -14.97
N GLU B 555 -8.80 -21.14 -15.84
CA GLU B 555 -8.14 -21.83 -16.94
C GLU B 555 -8.93 -21.63 -18.22
N ILE B 556 -9.03 -20.38 -18.67
CA ILE B 556 -9.31 -20.20 -20.09
C ILE B 556 -8.19 -20.80 -20.92
N ILE B 557 -7.00 -20.96 -20.33
CA ILE B 557 -5.80 -21.59 -20.90
C ILE B 557 -5.63 -21.30 -22.39
N ILE B 558 -4.81 -20.32 -22.72
CA ILE B 558 -4.57 -19.89 -24.10
C ILE B 558 -3.09 -20.11 -24.41
N LYS B 559 -2.77 -21.29 -24.94
CA LYS B 559 -1.45 -21.62 -25.50
C LYS B 559 -0.37 -21.92 -24.47
N ASP B 560 -0.68 -22.78 -23.49
CA ASP B 560 0.26 -23.26 -22.47
C ASP B 560 1.23 -22.21 -21.93
N LYS B 561 0.83 -20.94 -22.00
CA LYS B 561 1.72 -19.81 -21.68
C LYS B 561 0.93 -18.57 -21.26
N LEU B 562 -0.30 -18.42 -21.76
CA LEU B 562 -1.18 -17.32 -21.37
C LEU B 562 -2.51 -17.90 -20.93
N TYR B 563 -3.07 -17.34 -19.86
CA TYR B 563 -4.28 -17.87 -19.26
C TYR B 563 -5.24 -16.73 -18.97
N LYS B 564 -6.52 -17.06 -18.85
CA LYS B 564 -7.54 -16.05 -18.56
C LYS B 564 -8.51 -16.60 -17.52
N CYS B 565 -9.02 -15.68 -16.69
CA CYS B 565 -10.01 -16.02 -15.68
C CYS B 565 -10.88 -14.78 -15.46
N GLU B 566 -12.19 -14.92 -15.60
CA GLU B 566 -13.11 -13.78 -15.64
C GLU B 566 -12.60 -12.87 -16.77
N ASP B 567 -12.54 -11.57 -16.57
CA ASP B 567 -12.11 -10.63 -17.59
C ASP B 567 -10.64 -10.27 -17.51
N ALA B 568 -9.81 -11.16 -16.95
CA ALA B 568 -8.42 -10.83 -16.65
C ALA B 568 -7.48 -11.87 -17.26
N TYR B 569 -6.40 -11.38 -17.85
CA TYR B 569 -5.40 -12.23 -18.47
C TYR B 569 -4.26 -12.49 -17.48
N PHE B 570 -3.60 -13.63 -17.65
CA PHE B 570 -2.53 -14.09 -16.75
C PHE B 570 -1.46 -14.77 -17.61
N CYS B 571 -0.33 -14.09 -17.78
CA CYS B 571 0.71 -14.51 -18.71
C CYS B 571 1.92 -15.03 -17.95
N ILE B 572 2.38 -16.23 -18.31
CA ILE B 572 3.50 -16.88 -17.64
C ILE B 572 4.75 -16.89 -18.53
N VAL B 573 4.58 -17.17 -19.81
CA VAL B 573 5.64 -16.95 -20.80
C VAL B 573 5.30 -15.65 -21.52
N CYS B 574 6.04 -14.59 -21.20
CA CYS B 574 5.86 -13.33 -21.91
C CYS B 574 6.64 -13.28 -23.22
N ASP B 575 7.73 -14.06 -23.30
CA ASP B 575 8.62 -13.98 -24.45
C ASP B 575 7.91 -14.34 -25.74
N GLU B 576 7.04 -15.35 -25.71
CA GLU B 576 6.29 -15.69 -26.91
C GLU B 576 5.51 -14.46 -27.38
N GLU B 577 6.03 -13.79 -28.42
CA GLU B 577 5.31 -12.69 -29.04
C GLU B 577 4.02 -13.14 -29.71
N ALA B 578 3.76 -14.45 -29.75
CA ALA B 578 2.42 -14.93 -30.04
C ALA B 578 1.43 -14.47 -28.97
N GLN B 579 1.87 -14.47 -27.71
CA GLN B 579 1.05 -13.88 -26.65
C GLN B 579 0.91 -12.38 -26.87
N GLU B 580 1.98 -11.72 -27.29
CA GLU B 580 1.90 -10.31 -27.66
C GLU B 580 0.91 -10.10 -28.80
N TYR B 581 0.76 -11.10 -29.68
CA TYR B 581 -0.18 -10.98 -30.79
C TYR B 581 -1.63 -11.07 -30.30
N LEU B 582 -1.93 -12.05 -29.45
CA LEU B 582 -3.29 -12.11 -28.89
C LEU B 582 -3.53 -10.92 -27.97
N ALA B 583 -2.51 -10.51 -27.22
CA ALA B 583 -2.67 -9.35 -26.35
C ALA B 583 -3.03 -8.09 -27.12
N LYS B 584 -2.68 -8.02 -28.41
CA LYS B 584 -3.01 -6.84 -29.20
C LYS B 584 -4.51 -6.57 -29.24
N SER B 585 -5.33 -7.61 -29.05
CA SER B 585 -6.77 -7.48 -28.93
C SER B 585 -7.14 -7.86 -27.49
N LYS B 586 -6.92 -6.91 -26.57
CA LYS B 586 -7.13 -7.16 -25.15
C LYS B 586 -8.31 -6.36 -24.61
N ASN B 587 -8.07 -5.08 -24.34
CA ASN B 587 -9.02 -4.17 -23.68
C ASN B 587 -9.35 -4.59 -22.25
N GLU B 588 -8.63 -5.58 -21.72
CA GLU B 588 -8.76 -6.05 -20.34
C GLU B 588 -7.43 -5.86 -19.62
N MET B 589 -7.40 -6.23 -18.34
CA MET B 589 -6.17 -6.18 -17.55
C MET B 589 -5.38 -7.48 -17.73
N ILE B 590 -4.05 -7.34 -17.80
CA ILE B 590 -3.16 -8.48 -18.06
C ILE B 590 -2.16 -8.56 -16.91
N PHE B 591 -2.05 -9.74 -16.29
CA PHE B 591 -1.32 -9.91 -15.04
C PHE B 591 -0.09 -10.79 -15.20
N LEU B 592 0.95 -10.48 -14.44
CA LEU B 592 2.27 -11.06 -14.60
C LEU B 592 2.92 -11.34 -13.24
N ASP B 593 3.42 -12.57 -13.03
CA ASP B 593 4.15 -12.86 -11.80
C ASP B 593 5.53 -12.22 -11.85
N GLY B 594 5.87 -11.50 -10.79
CA GLY B 594 7.14 -10.79 -10.74
C GLY B 594 8.33 -11.66 -10.42
N TYR B 595 8.14 -12.97 -10.40
CA TYR B 595 9.23 -13.90 -10.16
C TYR B 595 9.42 -14.93 -11.26
N GLU B 596 8.62 -14.89 -12.33
CA GLU B 596 8.91 -15.68 -13.52
C GLU B 596 9.80 -14.85 -14.47
N GLU B 597 10.37 -15.52 -15.47
CA GLU B 597 11.39 -14.93 -16.33
C GLU B 597 10.79 -14.47 -17.66
N ILE B 598 11.54 -13.61 -18.35
CA ILE B 598 11.10 -13.03 -19.64
C ILE B 598 12.28 -12.35 -20.31
N ASP B 599 12.01 -11.67 -21.44
CA ASP B 599 12.92 -10.74 -22.09
C ASP B 599 12.16 -9.45 -22.40
N LEU B 600 12.91 -8.37 -22.64
CA LEU B 600 12.38 -7.03 -22.40
C LEU B 600 11.62 -6.42 -23.58
N GLU B 601 11.80 -6.92 -24.80
CA GLU B 601 11.19 -6.27 -25.96
C GLU B 601 9.67 -6.30 -25.87
N ALA B 602 9.09 -7.47 -25.55
CA ALA B 602 7.65 -7.57 -25.40
C ALA B 602 7.15 -6.88 -24.13
N PHE B 603 8.02 -6.62 -23.17
CA PHE B 603 7.61 -5.90 -21.97
C PHE B 603 7.46 -4.40 -22.25
N LEU B 604 8.32 -3.85 -23.12
CA LEU B 604 8.49 -2.40 -23.17
C LEU B 604 7.34 -1.69 -23.87
N ASN B 605 6.78 -2.29 -24.93
CA ASN B 605 5.72 -1.62 -25.68
C ASN B 605 4.46 -1.45 -24.84
N LEU B 606 4.05 -2.50 -24.14
CA LEU B 606 2.88 -2.47 -23.27
C LEU B 606 3.24 -2.24 -21.82
N ASN B 607 4.36 -1.56 -21.56
CA ASN B 607 5.01 -1.60 -20.24
C ASN B 607 4.09 -1.11 -19.12
N ALA B 608 3.62 0.13 -19.22
CA ALA B 608 2.85 0.74 -18.14
C ALA B 608 1.36 0.76 -18.39
N SER B 609 0.91 0.38 -19.59
CA SER B 609 -0.50 0.49 -19.97
C SER B 609 -1.40 -0.28 -19.01
N PHE B 610 -1.46 -1.60 -19.14
CA PHE B 610 -2.38 -2.43 -18.36
C PHE B 610 -1.64 -3.68 -17.88
N LYS B 611 -0.57 -3.47 -17.09
CA LYS B 611 0.34 -4.55 -16.75
C LYS B 611 0.18 -4.92 -15.31
N GLU B 612 0.94 -4.32 -14.37
CA GLU B 612 0.96 -4.69 -12.96
C GLU B 612 1.60 -6.06 -12.74
N ARG B 613 2.68 -6.10 -11.96
CA ARG B 613 3.39 -7.32 -11.62
C ARG B 613 3.14 -7.70 -10.15
N LEU B 614 3.29 -8.99 -9.86
CA LEU B 614 3.10 -9.51 -8.50
C LEU B 614 4.43 -9.64 -7.76
N GLY C 55 2.75 -19.50 33.12
CA GLY C 55 2.01 -20.73 32.96
C GLY C 55 0.59 -20.42 32.54
N TYR C 56 -0.32 -21.36 32.77
CA TYR C 56 -1.71 -21.20 32.37
C TYR C 56 -2.55 -20.78 33.58
N GLU C 57 -3.20 -19.63 33.47
CA GLU C 57 -4.21 -19.31 34.46
C GLU C 57 -5.15 -18.25 33.90
N LEU C 58 -6.39 -18.26 34.39
CA LEU C 58 -7.33 -17.18 34.12
C LEU C 58 -7.10 -16.05 35.12
N THR C 59 -6.78 -14.86 34.62
CA THR C 59 -6.52 -13.68 35.44
C THR C 59 -7.59 -12.61 35.21
N TRP C 60 -7.71 -11.70 36.18
CA TRP C 60 -8.68 -10.62 36.18
C TRP C 60 -8.38 -9.68 37.34
N THR C 61 -8.71 -8.41 37.17
CA THR C 61 -8.36 -7.41 38.19
C THR C 61 -9.14 -7.65 39.47
N GLY C 62 -8.43 -7.57 40.59
CA GLY C 62 -9.00 -7.87 41.88
C GLY C 62 -8.95 -9.33 42.27
N LYS C 63 -8.42 -10.19 41.42
CA LYS C 63 -8.23 -11.59 41.82
C LYS C 63 -7.34 -11.69 43.06
N GLY C 64 -6.33 -10.82 43.14
CA GLY C 64 -5.44 -10.85 44.29
C GLY C 64 -6.15 -10.53 45.58
N PHE C 65 -6.97 -9.48 45.59
CA PHE C 65 -7.70 -9.12 46.80
C PHE C 65 -8.75 -10.16 47.15
N ALA C 66 -9.29 -10.87 46.16
CA ALA C 66 -10.28 -11.89 46.43
C ALA C 66 -9.66 -13.03 47.25
N ASN C 67 -8.49 -13.51 46.81
CA ASN C 67 -7.81 -14.54 47.59
C ASN C 67 -7.45 -14.02 48.98
N ALA C 68 -7.32 -12.71 49.12
CA ALA C 68 -7.02 -12.13 50.42
C ALA C 68 -8.22 -12.26 51.35
N LEU C 69 -9.41 -11.84 50.89
CA LEU C 69 -10.60 -11.95 51.71
C LEU C 69 -10.83 -13.38 52.20
N TYR C 70 -10.33 -14.39 51.48
CA TYR C 70 -10.47 -15.77 51.95
C TYR C 70 -9.74 -16.01 53.25
N SER C 71 -8.52 -15.48 53.37
CA SER C 71 -7.67 -15.69 54.51
C SER C 71 -8.00 -14.78 55.69
N GLU C 72 -8.92 -13.85 55.52
CA GLU C 72 -9.34 -13.03 56.65
C GLU C 72 -10.06 -13.90 57.67
N PRO C 73 -9.90 -13.62 58.96
CA PRO C 73 -10.60 -14.40 59.99
C PRO C 73 -12.05 -13.97 60.09
N CYS C 74 -12.87 -14.89 60.62
CA CYS C 74 -14.31 -14.65 60.67
C CYS C 74 -14.63 -13.60 61.72
N GLN C 75 -15.53 -12.68 61.36
CA GLN C 75 -15.87 -11.54 62.20
C GLN C 75 -17.16 -11.72 63.00
N LYS C 76 -17.85 -12.84 62.85
CA LYS C 76 -19.25 -12.93 63.23
C LYS C 76 -19.51 -14.11 64.17
N GLN C 77 -20.70 -14.10 64.78
CA GLN C 77 -21.18 -15.18 65.64
C GLN C 77 -22.65 -15.43 65.36
N LEU C 78 -23.15 -16.59 65.81
CA LEU C 78 -24.54 -16.99 65.56
C LEU C 78 -25.46 -16.50 66.70
N LYS C 79 -26.64 -16.03 66.31
CA LYS C 79 -27.73 -15.74 67.23
C LYS C 79 -28.94 -16.59 66.87
N LEU C 80 -29.46 -17.36 67.83
CA LEU C 80 -30.65 -18.15 67.59
C LEU C 80 -31.90 -17.27 67.53
N GLN C 81 -32.71 -17.48 66.50
CA GLN C 81 -33.92 -16.69 66.26
C GLN C 81 -35.22 -17.47 66.29
N GLU C 82 -35.21 -18.75 65.92
CA GLU C 82 -36.46 -19.48 65.75
C GLU C 82 -36.17 -20.97 65.72
N SER C 83 -37.08 -21.75 66.28
CA SER C 83 -36.98 -23.21 66.34
C SER C 83 -38.31 -23.78 65.84
N PHE C 84 -38.33 -24.21 64.57
CA PHE C 84 -39.55 -24.63 63.89
C PHE C 84 -39.65 -26.15 63.82
N THR C 85 -40.85 -26.67 64.10
CA THR C 85 -41.24 -28.07 64.05
C THR C 85 -42.72 -28.07 63.64
N PRO C 86 -43.11 -28.83 62.64
CA PRO C 86 -44.46 -28.67 62.10
C PRO C 86 -45.53 -29.44 62.85
N GLN C 87 -45.16 -30.54 63.49
CA GLN C 87 -46.16 -31.40 64.15
C GLN C 87 -46.58 -30.91 65.55
N SER C 91 -40.93 -30.81 69.74
CA SER C 91 -40.41 -32.17 69.83
C SER C 91 -38.93 -32.18 70.21
N LYS C 92 -38.07 -32.45 69.23
CA LYS C 92 -36.64 -32.67 69.45
C LYS C 92 -35.83 -31.47 68.97
N HIS C 93 -34.53 -31.55 69.23
CA HIS C 93 -33.59 -30.57 68.69
C HIS C 93 -33.42 -30.82 67.20
N PRO C 94 -33.73 -29.86 66.33
CA PRO C 94 -33.64 -30.12 64.89
C PRO C 94 -32.20 -30.34 64.47
N ASN C 95 -32.03 -31.21 63.49
CA ASN C 95 -30.72 -31.45 62.90
C ASN C 95 -30.38 -30.47 61.79
N ASN C 96 -31.31 -29.57 61.45
CA ASN C 96 -31.16 -28.70 60.30
C ASN C 96 -31.06 -27.25 60.72
N ALA C 97 -30.36 -26.46 59.91
CA ALA C 97 -30.15 -25.06 60.21
C ALA C 97 -30.42 -24.21 58.97
N ILE C 98 -30.92 -23.00 59.20
CA ILE C 98 -30.87 -21.93 58.22
C ILE C 98 -30.09 -20.79 58.84
N ILE C 99 -29.09 -20.30 58.12
CA ILE C 99 -28.28 -19.17 58.56
C ILE C 99 -28.61 -17.99 57.66
N ILE C 100 -29.05 -16.89 58.25
CA ILE C 100 -29.28 -15.65 57.51
C ILE C 100 -28.01 -14.82 57.58
N GLY C 101 -27.58 -14.31 56.44
CA GLY C 101 -26.36 -13.53 56.38
C GLY C 101 -25.60 -13.77 55.08
N ASP C 102 -24.42 -13.16 54.96
CA ASP C 102 -23.56 -13.37 53.81
C ASP C 102 -22.93 -14.75 53.90
N ASN C 103 -23.01 -15.54 52.81
CA ASN C 103 -22.43 -16.88 52.87
C ASN C 103 -20.93 -16.83 53.14
N LEU C 104 -20.26 -15.74 52.73
CA LEU C 104 -18.85 -15.58 53.03
C LEU C 104 -18.60 -15.67 54.53
N ASP C 105 -19.35 -14.88 55.31
CA ASP C 105 -19.24 -14.92 56.76
C ASP C 105 -19.69 -16.26 57.31
N ALA C 106 -20.80 -16.79 56.78
CA ALA C 106 -21.31 -18.08 57.24
C ALA C 106 -20.27 -19.16 57.03
N LEU C 107 -19.81 -19.33 55.78
CA LEU C 107 -18.83 -20.36 55.48
C LEU C 107 -17.63 -20.26 56.41
N LYS C 108 -17.03 -19.06 56.49
CA LYS C 108 -15.95 -18.83 57.44
C LYS C 108 -16.33 -19.26 58.85
N LEU C 109 -17.56 -18.97 59.27
CA LEU C 109 -18.00 -19.37 60.59
C LEU C 109 -18.13 -20.90 60.70
N LEU C 110 -18.67 -21.56 59.67
CA LEU C 110 -18.81 -23.00 59.84
C LEU C 110 -17.49 -23.74 59.67
N LYS C 111 -16.42 -23.06 59.25
CA LYS C 111 -15.16 -23.74 58.96
C LYS C 111 -14.64 -24.52 60.15
N SER C 112 -14.92 -24.07 61.37
CA SER C 112 -14.33 -24.69 62.57
C SER C 112 -14.94 -26.07 62.83
N ALA C 113 -16.25 -26.13 63.01
CA ALA C 113 -16.85 -27.42 63.30
C ALA C 113 -17.12 -28.26 62.05
N TYR C 114 -17.09 -27.66 60.86
CA TYR C 114 -17.55 -28.36 59.66
C TYR C 114 -16.46 -28.55 58.60
N SER C 115 -15.21 -28.29 58.93
CA SER C 115 -14.14 -28.65 58.01
C SER C 115 -14.19 -30.14 57.70
N GLU C 116 -14.38 -30.45 56.41
CA GLU C 116 -14.40 -31.82 55.91
C GLU C 116 -15.48 -32.66 56.58
N LYS C 117 -16.66 -32.06 56.74
CA LYS C 117 -17.82 -32.76 57.26
C LYS C 117 -18.99 -32.80 56.28
N ILE C 118 -18.96 -32.02 55.20
CA ILE C 118 -20.12 -31.88 54.33
C ILE C 118 -20.05 -32.92 53.21
N LYS C 119 -21.16 -33.60 52.96
CA LYS C 119 -21.18 -34.61 51.90
C LYS C 119 -21.35 -33.94 50.54
N MET C 120 -22.44 -33.19 50.34
CA MET C 120 -22.73 -32.51 49.08
C MET C 120 -22.97 -31.03 49.31
N ILE C 121 -22.37 -30.19 48.48
CA ILE C 121 -22.74 -28.78 48.38
C ILE C 121 -23.47 -28.59 47.04
N TYR C 122 -24.62 -27.93 47.08
CA TYR C 122 -25.28 -27.48 45.85
C TYR C 122 -25.45 -25.98 45.94
N ILE C 123 -24.97 -25.26 44.92
CA ILE C 123 -25.22 -23.82 44.86
C ILE C 123 -25.69 -23.44 43.47
N ASP C 124 -26.68 -22.55 43.43
CA ASP C 124 -27.22 -21.94 42.22
C ASP C 124 -26.93 -20.44 42.40
N PRO C 125 -25.71 -20.02 42.12
CA PRO C 125 -25.31 -18.65 42.37
C PRO C 125 -25.93 -17.72 41.33
N PRO C 126 -25.85 -16.39 41.53
CA PRO C 126 -26.22 -15.49 40.45
C PRO C 126 -25.45 -15.82 39.17
N TYR C 127 -26.16 -16.24 38.14
CA TYR C 127 -25.65 -16.05 36.79
C TYR C 127 -25.47 -14.55 36.62
N ASN C 128 -24.57 -14.16 35.74
CA ASN C 128 -24.32 -12.74 35.54
C ASN C 128 -24.82 -12.37 34.15
N THR C 129 -26.14 -12.46 33.99
CA THR C 129 -26.78 -12.32 32.70
C THR C 129 -26.89 -10.85 32.30
N GLY C 130 -27.34 -10.62 31.06
CA GLY C 130 -27.56 -9.27 30.61
C GLY C 130 -28.68 -8.58 31.35
N ASN C 131 -29.74 -9.33 31.67
CA ASN C 131 -30.89 -8.76 32.39
C ASN C 131 -30.54 -8.46 33.84
N ASP C 132 -30.21 -9.50 34.62
CA ASP C 132 -29.82 -9.31 36.02
C ASP C 132 -28.29 -9.27 36.09
N GLU C 133 -27.76 -8.06 35.85
CA GLU C 133 -26.32 -7.84 35.93
C GLU C 133 -25.87 -7.84 37.39
N PHE C 134 -24.72 -8.47 37.62
CA PHE C 134 -24.19 -8.64 38.97
C PHE C 134 -23.22 -7.50 39.29
N ILE C 135 -23.36 -6.92 40.48
CA ILE C 135 -22.60 -5.73 40.87
C ILE C 135 -21.17 -6.07 41.31
N TYR C 136 -21.04 -6.74 42.47
CA TYR C 136 -19.85 -7.09 43.25
C TYR C 136 -20.00 -6.48 44.64
N PRO C 137 -20.31 -7.30 45.62
CA PRO C 137 -20.72 -6.77 46.93
C PRO C 137 -19.58 -6.65 47.93
N ASP C 138 -18.56 -7.52 47.82
CA ASP C 138 -17.44 -7.49 48.76
C ASP C 138 -16.70 -6.16 48.76
N ASN C 139 -16.92 -5.30 47.74
CA ASN C 139 -16.28 -4.00 47.67
C ASN C 139 -16.47 -3.18 48.94
N PHE C 140 -17.61 -3.36 49.61
CA PHE C 140 -18.01 -2.51 50.72
C PHE C 140 -17.75 -3.15 52.08
N ARG C 141 -17.21 -4.36 52.10
CA ARG C 141 -16.94 -5.07 53.35
C ARG C 141 -15.93 -4.33 54.21
N GLN C 142 -16.04 -4.53 55.53
CA GLN C 142 -15.06 -3.94 56.43
C GLN C 142 -13.71 -4.64 56.31
N ASP C 143 -13.72 -5.97 56.07
CA ASP C 143 -12.47 -6.70 55.92
C ASP C 143 -11.81 -6.42 54.57
N TYR C 144 -12.60 -6.21 53.52
CA TYR C 144 -12.03 -5.85 52.23
C TYR C 144 -11.44 -4.43 52.27
N GLN C 145 -12.15 -3.50 52.93
CA GLN C 145 -11.62 -2.15 53.06
C GLN C 145 -10.37 -2.12 53.91
N LYS C 146 -10.17 -3.11 54.79
CA LYS C 146 -8.93 -3.20 55.56
C LYS C 146 -7.81 -3.85 54.78
N ILE C 147 -8.15 -4.83 53.93
CA ILE C 147 -7.16 -5.40 53.01
C ILE C 147 -6.54 -4.28 52.16
N LEU C 148 -7.37 -3.44 51.56
CA LEU C 148 -6.93 -2.37 50.68
C LEU C 148 -6.07 -1.33 51.38
N ARG C 149 -5.55 -1.64 52.58
CA ARG C 149 -4.65 -0.73 53.29
C ARG C 149 -3.41 -0.39 52.48
N GLU C 150 -3.07 -1.19 51.46
CA GLU C 150 -1.93 -0.87 50.60
C GLU C 150 -2.01 0.55 50.06
N VAL C 151 -3.20 0.97 49.63
CA VAL C 151 -3.42 2.34 49.15
C VAL C 151 -4.90 2.66 49.07
N SER C 165 -8.78 7.68 48.43
CA SER C 165 -8.32 6.53 47.65
C SER C 165 -7.26 6.96 46.63
N GLU C 166 -6.10 6.31 46.66
CA GLU C 166 -4.95 6.65 45.83
C GLU C 166 -4.74 5.57 44.78
N SER C 167 -4.90 5.95 43.51
CA SER C 167 -4.78 5.05 42.37
C SER C 167 -5.79 3.91 42.42
N LEU C 168 -6.63 3.88 43.46
CA LEU C 168 -7.63 2.84 43.64
C LEU C 168 -8.87 3.06 42.78
N LYS C 169 -9.01 4.25 42.18
CA LYS C 169 -10.07 4.46 41.20
C LYS C 169 -9.87 3.59 39.96
N PHE C 170 -8.63 3.15 39.71
CA PHE C 170 -8.33 2.32 38.54
C PHE C 170 -8.96 0.94 38.67
N PHE C 171 -8.70 0.25 39.79
CA PHE C 171 -9.34 -1.05 40.04
C PHE C 171 -10.84 -0.91 40.23
N LYS C 172 -11.33 0.28 40.59
CA LYS C 172 -12.76 0.48 40.72
C LYS C 172 -13.43 0.53 39.35
N ASN C 173 -12.89 1.32 38.43
CA ASN C 173 -13.42 1.35 37.07
C ASN C 173 -13.33 -0.03 36.41
N THR C 174 -12.35 -0.85 36.81
CA THR C 174 -12.10 -2.12 36.14
C THR C 174 -13.22 -3.13 36.37
N GLN C 175 -13.92 -3.06 37.50
CA GLN C 175 -15.03 -3.97 37.80
C GLN C 175 -16.34 -3.17 37.84
N GLY C 176 -16.89 -2.88 36.68
CA GLY C 176 -18.24 -2.35 36.61
C GLY C 176 -19.26 -3.40 36.99
N SER C 177 -20.49 -3.19 36.54
CA SER C 177 -21.51 -4.23 36.61
C SER C 177 -21.48 -5.02 35.31
N GLY C 178 -21.50 -6.35 35.42
CA GLY C 178 -21.50 -7.21 34.27
C GLY C 178 -20.13 -7.70 33.80
N THR C 179 -19.06 -7.06 34.25
CA THR C 179 -17.74 -7.60 33.97
C THR C 179 -17.60 -8.96 34.64
N HIS C 180 -16.81 -9.84 34.04
CA HIS C 180 -16.52 -11.10 34.71
C HIS C 180 -15.64 -10.89 35.92
N SER C 181 -14.77 -9.88 35.89
CA SER C 181 -13.86 -9.63 37.00
C SER C 181 -14.61 -9.58 38.32
N GLY C 182 -15.69 -8.78 38.39
CA GLY C 182 -16.42 -8.64 39.63
C GLY C 182 -17.08 -9.94 40.08
N TRP C 183 -17.63 -10.69 39.12
CA TRP C 183 -18.29 -11.95 39.45
C TRP C 183 -17.29 -13.00 39.96
N LEU C 184 -16.13 -13.09 39.30
CA LEU C 184 -15.13 -14.10 39.66
C LEU C 184 -14.51 -13.79 41.02
N SER C 185 -14.16 -12.52 41.25
CA SER C 185 -13.75 -12.09 42.60
C SER C 185 -14.79 -12.49 43.63
N PHE C 186 -16.06 -12.32 43.30
CA PHE C 186 -17.11 -12.70 44.24
C PHE C 186 -17.05 -14.19 44.54
N MET C 187 -16.92 -15.03 43.51
CA MET C 187 -17.03 -16.48 43.70
C MET C 187 -15.77 -17.11 44.31
N LEU C 188 -14.58 -16.55 44.07
CA LEU C 188 -13.34 -17.21 44.47
C LEU C 188 -13.30 -17.60 45.96
N PRO C 189 -13.38 -16.66 46.91
CA PRO C 189 -13.18 -17.06 48.30
C PRO C 189 -14.29 -17.96 48.82
N ARG C 190 -15.51 -17.83 48.31
CA ARG C 190 -16.60 -18.70 48.75
C ARG C 190 -16.39 -20.13 48.27
N LEU C 191 -15.97 -20.29 47.00
CA LEU C 191 -15.67 -21.62 46.49
C LEU C 191 -14.51 -22.26 47.24
N LYS C 192 -13.47 -21.48 47.56
CA LYS C 192 -12.39 -22.04 48.39
C LYS C 192 -12.94 -22.51 49.73
N LEU C 193 -13.74 -21.66 50.39
CA LEU C 193 -14.39 -22.06 51.64
C LEU C 193 -15.20 -23.35 51.45
N ALA C 194 -16.02 -23.38 50.40
CA ALA C 194 -16.80 -24.58 50.11
C ALA C 194 -15.92 -25.82 50.03
N ARG C 195 -14.74 -25.68 49.43
CA ARG C 195 -13.86 -26.85 49.32
C ARG C 195 -13.34 -27.25 50.69
N ASP C 196 -13.00 -26.28 51.52
CA ASP C 196 -12.59 -26.59 52.89
C ASP C 196 -13.64 -27.39 53.65
N LEU C 197 -14.92 -27.28 53.31
CA LEU C 197 -15.92 -27.93 54.13
C LEU C 197 -16.29 -29.32 53.63
N LEU C 198 -15.94 -29.64 52.40
CA LEU C 198 -16.27 -30.94 51.81
C LEU C 198 -15.46 -32.07 52.44
N LYS C 199 -16.12 -33.20 52.66
CA LYS C 199 -15.40 -34.44 52.92
C LYS C 199 -14.62 -34.83 51.67
N GLU C 200 -13.63 -35.69 51.86
CA GLU C 200 -12.85 -36.16 50.71
C GLU C 200 -13.76 -36.87 49.71
N ASP C 201 -14.78 -37.57 50.19
CA ASP C 201 -15.79 -38.17 49.33
C ASP C 201 -16.98 -37.25 49.09
N GLY C 202 -16.80 -35.96 49.26
CA GLY C 202 -17.83 -35.02 48.93
C GLY C 202 -17.71 -34.47 47.52
N VAL C 203 -18.78 -33.85 47.05
CA VAL C 203 -18.78 -33.20 45.76
C VAL C 203 -19.61 -31.93 45.85
N ILE C 204 -19.31 -30.98 44.98
CA ILE C 204 -20.05 -29.73 44.87
C ILE C 204 -20.66 -29.67 43.48
N PHE C 205 -21.94 -29.24 43.45
CA PHE C 205 -22.70 -28.98 42.23
C PHE C 205 -22.99 -27.50 42.14
N ILE C 206 -22.77 -26.91 40.97
CA ILE C 206 -22.96 -25.49 40.74
C ILE C 206 -23.74 -25.31 39.45
N SER C 207 -24.91 -24.66 39.54
CA SER C 207 -25.70 -24.31 38.38
C SER C 207 -25.20 -23.00 37.78
N ILE C 208 -25.26 -22.92 36.45
CA ILE C 208 -24.71 -21.77 35.76
C ILE C 208 -25.24 -21.80 34.35
N ASP C 209 -25.40 -20.63 33.74
CA ASP C 209 -25.71 -20.65 32.32
C ASP C 209 -24.48 -20.19 31.51
N ASP C 210 -24.68 -19.88 30.24
CA ASP C 210 -23.55 -19.64 29.32
C ASP C 210 -22.75 -18.40 29.70
N ASN C 211 -23.30 -17.51 30.50
CA ASN C 211 -22.61 -16.25 30.73
C ASN C 211 -21.32 -16.45 31.53
N GLU C 212 -21.27 -17.43 32.44
CA GLU C 212 -20.08 -17.62 33.28
C GLU C 212 -19.66 -19.07 33.42
N CYS C 213 -20.34 -20.00 32.74
CA CYS C 213 -19.92 -21.40 32.73
C CYS C 213 -18.41 -21.54 32.51
N ALA C 214 -17.90 -21.07 31.36
CA ALA C 214 -16.49 -21.30 31.06
C ALA C 214 -15.59 -20.72 32.14
N ASN C 215 -15.86 -19.46 32.56
CA ASN C 215 -15.09 -18.88 33.66
C ASN C 215 -15.18 -19.73 34.91
N LEU C 216 -16.40 -20.17 35.26
CA LEU C 216 -16.57 -20.97 36.46
C LEU C 216 -15.73 -22.24 36.39
N LYS C 217 -15.85 -22.98 35.29
CA LYS C 217 -15.10 -24.22 35.13
C LYS C 217 -13.60 -23.99 35.33
N ILE C 218 -13.07 -22.91 34.74
CA ILE C 218 -11.64 -22.69 34.87
C ILE C 218 -11.30 -22.28 36.30
N LEU C 219 -12.12 -21.42 36.91
CA LEU C 219 -11.91 -21.04 38.30
C LEU C 219 -11.99 -22.26 39.22
N CYS C 220 -12.99 -23.11 39.00
CA CYS C 220 -13.08 -24.34 39.79
C CYS C 220 -11.89 -25.27 39.53
N ASP C 221 -11.45 -25.37 38.26
CA ASP C 221 -10.22 -26.11 37.97
C ASP C 221 -9.11 -25.66 38.89
N GLU C 222 -8.94 -24.35 39.04
CA GLU C 222 -7.82 -23.84 39.84
C GLU C 222 -8.03 -24.08 41.33
N ILE C 223 -9.28 -23.99 41.82
CA ILE C 223 -9.53 -24.20 43.25
C ILE C 223 -9.50 -25.69 43.60
N PHE C 224 -10.21 -26.52 42.85
CA PHE C 224 -10.38 -27.92 43.22
C PHE C 224 -9.38 -28.86 42.55
N GLY C 225 -8.57 -28.38 41.63
CA GLY C 225 -7.72 -29.26 40.86
C GLY C 225 -8.40 -29.76 39.59
N GLU C 226 -7.74 -29.53 38.45
CA GLU C 226 -8.31 -29.89 37.16
C GLU C 226 -8.78 -31.34 37.14
N ASP C 227 -8.06 -32.22 37.84
CA ASP C 227 -8.36 -33.65 37.83
C ASP C 227 -9.54 -34.02 38.72
N ASN C 228 -10.05 -33.08 39.51
CA ASN C 228 -11.18 -33.34 40.37
C ASN C 228 -12.49 -32.90 39.73
N PHE C 229 -12.44 -32.47 38.47
CA PHE C 229 -13.66 -32.25 37.70
C PHE C 229 -14.37 -33.57 37.44
N VAL C 230 -15.57 -33.75 38.01
CA VAL C 230 -16.36 -34.94 37.73
C VAL C 230 -17.00 -34.84 36.35
N GLY C 231 -17.62 -33.72 36.05
CA GLY C 231 -18.32 -33.59 34.80
C GLY C 231 -19.40 -32.53 34.91
N ASP C 232 -20.04 -32.27 33.78
CA ASP C 232 -21.13 -31.32 33.72
C ASP C 232 -22.40 -32.04 33.30
N PHE C 233 -23.53 -31.55 33.79
CA PHE C 233 -24.83 -32.05 33.39
C PHE C 233 -25.55 -30.94 32.64
N ILE C 234 -26.45 -31.34 31.76
CA ILE C 234 -27.22 -30.43 30.90
C ILE C 234 -28.67 -30.50 31.35
N ARG C 235 -29.26 -29.33 31.62
CA ARG C 235 -30.66 -29.24 32.00
C ARG C 235 -31.39 -28.46 30.93
N LYS C 236 -32.51 -29.00 30.46
CA LYS C 236 -33.36 -28.29 29.53
C LYS C 236 -34.22 -27.29 30.28
N THR C 237 -34.20 -26.02 29.86
CA THR C 237 -34.87 -24.96 30.61
C THR C 237 -36.25 -24.66 30.08
N LYS C 238 -36.51 -24.92 28.81
CA LYS C 238 -37.77 -24.57 28.18
C LYS C 238 -37.83 -25.21 26.78
N SER C 239 -38.98 -25.02 26.14
CA SER C 239 -39.23 -25.67 24.86
C SER C 239 -38.95 -24.72 23.71
N THR C 240 -39.79 -23.71 23.56
CA THR C 240 -39.55 -22.68 22.57
C THR C 240 -38.95 -21.45 23.28
N THR C 241 -38.71 -20.39 22.52
CA THR C 241 -38.06 -19.23 23.08
C THR C 241 -38.80 -17.97 22.63
N ASN C 242 -38.81 -16.96 23.50
CA ASN C 242 -39.60 -15.76 23.31
C ASN C 242 -38.83 -14.76 22.46
N ASP C 243 -39.32 -14.56 21.21
CA ASP C 243 -38.80 -13.67 20.16
C ASP C 243 -37.78 -14.36 19.24
N ALA C 244 -36.62 -14.75 19.79
CA ALA C 244 -35.54 -15.40 19.03
C ALA C 244 -34.99 -14.53 17.90
N LYS C 245 -34.16 -13.55 18.24
CA LYS C 245 -33.82 -12.50 17.29
C LYS C 245 -33.01 -12.99 16.09
N ILE C 246 -32.32 -14.13 16.19
CA ILE C 246 -31.48 -14.58 15.09
C ILE C 246 -31.74 -16.06 14.78
N GLY C 247 -32.94 -16.55 15.07
CA GLY C 247 -33.31 -17.91 14.70
C GLY C 247 -32.73 -19.00 15.59
N LEU C 248 -32.11 -18.64 16.70
CA LEU C 248 -31.57 -19.62 17.62
C LEU C 248 -32.50 -19.76 18.82
N ASN C 249 -32.91 -20.98 19.12
CA ASN C 249 -33.73 -21.26 20.30
C ASN C 249 -32.83 -21.88 21.35
N TYR C 250 -32.26 -21.03 22.20
CA TYR C 250 -31.32 -21.46 23.24
C TYR C 250 -32.10 -21.94 24.46
N GLN C 251 -31.95 -23.21 24.80
CA GLN C 251 -32.89 -23.85 25.71
C GLN C 251 -32.21 -24.71 26.78
N HIS C 252 -30.99 -24.38 27.20
CA HIS C 252 -30.42 -25.23 28.24
C HIS C 252 -29.46 -24.45 29.14
N GLU C 253 -29.12 -25.07 30.28
CA GLU C 253 -28.09 -24.54 31.18
C GLU C 253 -27.23 -25.70 31.66
N PHE C 254 -26.31 -25.41 32.57
CA PHE C 254 -25.30 -26.35 32.99
C PHE C 254 -25.34 -26.58 34.48
N LEU C 255 -24.87 -27.76 34.88
CA LEU C 255 -24.62 -28.11 36.28
C LEU C 255 -23.20 -28.67 36.37
N LEU C 256 -22.28 -27.92 36.94
CA LEU C 256 -20.92 -28.40 37.06
C LEU C 256 -20.75 -29.14 38.37
N CYS C 257 -20.04 -30.26 38.31
CA CYS C 257 -19.79 -31.09 39.48
C CYS C 257 -18.29 -31.25 39.70
N TYR C 258 -17.80 -30.82 40.85
CA TYR C 258 -16.41 -31.02 41.25
C TYR C 258 -16.36 -31.89 42.49
N ALA C 259 -15.37 -32.78 42.53
CA ALA C 259 -15.14 -33.65 43.67
C ALA C 259 -14.06 -33.04 44.54
N LYS C 260 -14.17 -33.24 45.85
CA LYS C 260 -13.07 -32.85 46.70
C LYS C 260 -11.83 -33.66 46.33
N ASP C 261 -11.99 -34.96 46.16
CA ASP C 261 -10.95 -35.84 45.64
C ASP C 261 -11.62 -36.94 44.84
N LYS C 262 -11.48 -36.91 43.50
CA LYS C 262 -12.24 -37.84 42.67
C LYS C 262 -11.98 -39.29 43.01
N ASN C 263 -10.85 -39.62 43.65
CA ASN C 263 -10.58 -41.00 44.02
C ASN C 263 -11.63 -41.58 44.97
N TYR C 264 -12.42 -40.75 45.64
CA TYR C 264 -13.40 -41.22 46.60
C TYR C 264 -14.82 -40.86 46.19
N THR C 265 -15.03 -40.46 44.95
CA THR C 265 -16.36 -40.08 44.49
C THR C 265 -17.17 -41.32 44.12
N ASN C 266 -18.46 -41.31 44.50
CA ASN C 266 -19.43 -42.30 44.04
C ASN C 266 -20.76 -41.60 43.76
N LEU C 267 -21.15 -41.53 42.48
CA LEU C 267 -22.42 -40.95 42.07
C LEU C 267 -23.46 -41.98 41.64
N LEU C 268 -23.27 -43.26 42.00
CA LEU C 268 -24.29 -44.26 41.75
C LEU C 268 -25.55 -43.92 42.53
N GLY C 269 -26.69 -44.43 42.08
CA GLY C 269 -27.97 -44.09 42.67
C GLY C 269 -28.46 -45.04 43.74
N GLY C 270 -28.62 -46.32 43.39
CA GLY C 270 -29.16 -47.32 44.28
C GLY C 270 -28.43 -47.51 45.61
N GLU C 271 -27.26 -48.14 45.57
CA GLU C 271 -26.54 -48.50 46.79
C GLU C 271 -25.86 -47.28 47.43
N LYS C 272 -24.54 -47.38 47.61
CA LYS C 272 -23.76 -46.29 48.19
C LYS C 272 -23.71 -45.11 47.21
N ASN C 273 -24.46 -44.07 47.51
CA ASN C 273 -24.80 -43.04 46.52
C ASN C 273 -24.12 -41.70 46.78
N GLN C 366 -28.46 -51.02 40.63
CA GLN C 366 -27.64 -49.81 40.63
C GLN C 366 -28.06 -48.88 39.48
N LYS C 367 -27.70 -47.60 39.57
CA LYS C 367 -28.08 -46.61 38.57
C LYS C 367 -26.99 -45.55 38.44
N THR C 368 -26.51 -45.35 37.22
CA THR C 368 -25.54 -44.30 36.97
C THR C 368 -26.23 -42.94 36.84
N PHE C 369 -25.48 -41.90 37.17
CA PHE C 369 -25.84 -40.53 36.89
C PHE C 369 -25.51 -40.24 35.43
N ASP C 370 -26.52 -40.07 34.60
CA ASP C 370 -26.31 -39.85 33.17
C ASP C 370 -26.23 -38.36 32.87
N SER C 371 -25.19 -37.94 32.15
CA SER C 371 -24.93 -36.52 32.00
C SER C 371 -26.06 -35.78 31.27
N LEU C 372 -26.95 -36.49 30.57
CA LEU C 372 -28.07 -35.84 29.91
C LEU C 372 -29.42 -36.13 30.58
N ILE C 373 -29.40 -36.65 31.81
CA ILE C 373 -30.64 -37.04 32.46
C ILE C 373 -31.61 -35.86 32.54
N PHE C 374 -31.09 -34.65 32.75
CA PHE C 374 -31.92 -33.46 32.89
C PHE C 374 -32.26 -32.81 31.55
N SER C 375 -31.98 -33.46 30.43
CA SER C 375 -32.46 -32.90 29.17
C SER C 375 -33.93 -33.20 28.92
N ASP C 376 -34.52 -34.07 29.73
CA ASP C 376 -35.94 -34.38 29.72
C ASP C 376 -36.80 -33.15 30.00
N ASN C 377 -37.95 -33.09 29.34
CA ASN C 377 -38.96 -32.03 29.53
C ASN C 377 -39.44 -31.92 30.97
N CYS C 378 -39.24 -32.96 31.78
CA CYS C 378 -39.58 -32.96 33.20
C CYS C 378 -38.86 -31.88 34.00
N TYR C 379 -37.67 -31.45 33.58
CA TYR C 379 -36.90 -30.57 34.44
C TYR C 379 -36.79 -29.15 33.89
N MET C 380 -37.75 -28.74 33.07
CA MET C 380 -37.77 -27.37 32.59
C MET C 380 -38.24 -26.43 33.71
N ASN C 381 -37.97 -25.14 33.51
CA ASN C 381 -38.34 -24.11 34.47
C ASN C 381 -39.82 -24.17 34.89
N GLN C 382 -40.72 -24.50 33.96
CA GLN C 382 -42.15 -24.47 34.29
C GLN C 382 -42.46 -25.43 35.43
N ALA C 383 -41.73 -26.54 35.52
CA ALA C 383 -41.96 -27.47 36.63
C ALA C 383 -41.75 -26.78 37.95
N ALA C 384 -40.72 -25.93 38.05
CA ALA C 384 -40.41 -25.26 39.30
C ALA C 384 -41.44 -24.19 39.63
N THR C 385 -41.82 -23.40 38.63
CA THR C 385 -42.80 -22.35 38.87
C THR C 385 -44.14 -22.95 39.25
N LYS C 386 -44.46 -24.16 38.76
CA LYS C 386 -45.65 -24.86 39.20
C LYS C 386 -45.54 -25.26 40.68
N GLU C 387 -44.36 -25.72 41.11
CA GLU C 387 -44.15 -26.08 42.50
C GLU C 387 -44.38 -24.88 43.43
N LEU C 388 -43.77 -23.73 43.11
CA LEU C 388 -43.96 -22.53 43.93
C LEU C 388 -45.41 -22.07 43.94
N LEU C 389 -46.13 -22.25 42.83
CA LEU C 389 -47.52 -21.85 42.81
C LEU C 389 -48.35 -22.69 43.76
N ASN C 390 -48.10 -24.01 43.78
CA ASN C 390 -48.86 -24.89 44.65
C ASN C 390 -48.51 -24.70 46.12
N LEU C 391 -47.52 -23.86 46.42
CA LEU C 391 -47.22 -23.44 47.77
C LEU C 391 -47.72 -22.04 48.08
N GLY C 392 -48.42 -21.39 47.15
CA GLY C 392 -48.87 -20.03 47.34
C GLY C 392 -47.79 -18.98 47.22
N MET C 393 -46.59 -19.33 46.79
CA MET C 393 -45.51 -18.37 46.77
C MET C 393 -45.07 -18.01 45.36
N GLY C 394 -45.93 -18.31 44.37
CA GLY C 394 -45.55 -18.10 42.98
C GLY C 394 -45.14 -16.67 42.67
N GLU C 395 -45.80 -15.71 43.29
CA GLU C 395 -45.50 -14.33 42.97
C GLU C 395 -44.28 -13.80 43.71
N TYR C 396 -43.68 -14.61 44.59
CA TYR C 396 -42.68 -14.07 45.51
C TYR C 396 -41.24 -14.43 45.15
N PHE C 397 -41.01 -15.45 44.32
CA PHE C 397 -39.66 -15.79 43.87
C PHE C 397 -39.72 -16.21 42.41
N THR C 398 -38.81 -15.69 41.60
CA THR C 398 -39.13 -15.68 40.18
C THR C 398 -38.37 -16.70 39.30
N TYR C 399 -37.14 -17.12 39.65
CA TYR C 399 -36.42 -18.12 38.86
C TYR C 399 -35.97 -19.27 39.76
N PRO C 400 -36.91 -19.98 40.37
CA PRO C 400 -36.54 -21.11 41.25
C PRO C 400 -36.11 -22.34 40.47
N LYS C 401 -35.29 -23.15 41.11
CA LYS C 401 -35.07 -24.49 40.58
C LYS C 401 -36.19 -25.42 41.04
N GLY C 402 -36.32 -26.54 40.35
CA GLY C 402 -37.38 -27.48 40.59
C GLY C 402 -36.96 -28.62 41.49
N VAL C 403 -37.97 -29.21 42.14
CA VAL C 403 -37.72 -30.16 43.21
C VAL C 403 -37.18 -31.48 42.67
N GLU C 404 -37.86 -32.07 41.67
CA GLU C 404 -37.36 -33.34 41.13
C GLU C 404 -35.93 -33.21 40.62
N PHE C 405 -35.57 -32.05 40.06
CA PHE C 405 -34.17 -31.81 39.68
C PHE C 405 -33.24 -31.96 40.88
N MET C 406 -33.54 -31.25 41.98
CA MET C 406 -32.65 -31.33 43.13
C MET C 406 -32.69 -32.71 43.80
N LYS C 407 -33.85 -33.38 43.78
CA LYS C 407 -33.95 -34.71 44.37
C LYS C 407 -32.96 -35.67 43.72
N LYS C 408 -32.88 -35.63 42.37
CA LYS C 408 -31.98 -36.54 41.68
C LYS C 408 -30.54 -36.23 42.01
N ILE C 409 -30.19 -34.94 42.11
CA ILE C 409 -28.84 -34.60 42.53
C ILE C 409 -28.55 -35.21 43.89
N ILE C 410 -29.47 -35.03 44.85
CA ILE C 410 -29.23 -35.52 46.21
C ILE C 410 -29.16 -37.03 46.22
N LEU C 411 -30.06 -37.69 45.48
CA LEU C 411 -30.08 -39.14 45.45
C LEU C 411 -28.78 -39.76 44.92
N HIS C 412 -28.02 -39.03 44.10
CA HIS C 412 -26.82 -39.63 43.52
C HIS C 412 -25.56 -39.26 44.29
N SER C 413 -25.58 -38.15 45.04
CA SER C 413 -24.42 -37.67 45.79
C SER C 413 -24.52 -37.90 47.31
N THR C 414 -25.57 -38.54 47.79
CA THR C 414 -25.69 -38.83 49.22
C THR C 414 -26.29 -40.22 49.37
N THR C 415 -26.00 -40.84 50.51
CA THR C 415 -26.68 -42.04 50.95
C THR C 415 -27.86 -41.66 51.82
N PRO C 416 -28.78 -42.60 52.09
CA PRO C 416 -29.98 -42.24 52.89
C PRO C 416 -29.84 -42.42 54.41
N ASN C 417 -28.85 -43.18 54.88
CA ASN C 417 -28.85 -43.60 56.27
C ASN C 417 -27.57 -43.25 57.02
N GLU C 418 -26.63 -42.52 56.41
CA GLU C 418 -25.37 -42.18 57.04
C GLU C 418 -25.33 -40.75 57.55
N GLY C 419 -26.48 -40.10 57.63
CA GLY C 419 -26.55 -38.73 58.15
C GLY C 419 -25.78 -37.72 57.33
N ASP C 420 -25.76 -37.86 56.01
CA ASP C 420 -25.07 -36.89 55.18
C ASP C 420 -25.61 -35.49 55.41
N ILE C 421 -24.70 -34.53 55.54
CA ILE C 421 -25.06 -33.10 55.56
C ILE C 421 -25.00 -32.54 54.14
N ILE C 422 -25.98 -31.69 53.81
CA ILE C 422 -26.12 -31.02 52.52
C ILE C 422 -26.15 -29.53 52.78
N LEU C 423 -25.32 -28.79 52.05
CA LEU C 423 -25.16 -27.35 52.22
C LEU C 423 -25.51 -26.61 50.93
N ASP C 424 -26.52 -25.77 50.97
CA ASP C 424 -26.76 -24.80 49.90
C ASP C 424 -26.63 -23.41 50.50
N PHE C 425 -25.56 -22.69 50.12
CA PHE C 425 -25.31 -21.37 50.68
C PHE C 425 -25.68 -20.26 49.73
N PHE C 426 -26.60 -20.52 48.82
CA PHE C 426 -27.17 -19.54 47.90
C PHE C 426 -28.66 -19.84 47.77
N ALA C 427 -29.33 -19.99 48.91
CA ALA C 427 -30.53 -20.83 48.99
C ALA C 427 -31.67 -20.29 48.15
N GLY C 428 -31.80 -18.96 48.06
CA GLY C 428 -32.96 -18.37 47.43
C GLY C 428 -34.26 -18.92 47.98
N SER C 429 -35.08 -19.49 47.11
CA SER C 429 -36.36 -20.09 47.45
C SER C 429 -36.27 -21.30 48.38
N GLY C 430 -35.06 -21.80 48.70
CA GLY C 430 -34.92 -23.02 49.49
C GLY C 430 -35.33 -24.33 48.80
N THR C 431 -35.38 -24.35 47.46
CA THR C 431 -35.74 -25.58 46.73
C THR C 431 -34.92 -26.78 47.20
N THR C 432 -33.63 -26.60 47.40
CA THR C 432 -32.78 -27.73 47.82
C THR C 432 -33.36 -28.44 49.02
N VAL C 433 -33.84 -27.68 50.02
CA VAL C 433 -34.26 -28.28 51.27
C VAL C 433 -35.65 -28.91 51.16
N HIS C 434 -36.54 -28.28 50.41
CA HIS C 434 -37.74 -28.99 49.98
C HIS C 434 -37.38 -30.37 49.44
N ALA C 435 -36.33 -30.45 48.60
CA ALA C 435 -36.01 -31.73 47.98
C ALA C 435 -35.41 -32.72 48.98
N VAL C 436 -34.61 -32.22 49.92
CA VAL C 436 -34.05 -33.10 50.94
C VAL C 436 -35.15 -33.71 51.81
N MET C 437 -36.13 -32.90 52.22
CA MET C 437 -37.15 -33.44 53.12
C MET C 437 -38.04 -34.42 52.38
N GLU C 438 -38.45 -34.07 51.15
CA GLU C 438 -39.25 -34.96 50.35
C GLU C 438 -38.53 -36.29 50.14
N LEU C 439 -37.23 -36.22 49.79
CA LEU C 439 -36.44 -37.43 49.61
C LEU C 439 -36.35 -38.24 50.90
N ASN C 440 -36.08 -37.57 52.03
CA ASN C 440 -35.98 -38.26 53.31
C ASN C 440 -37.28 -38.96 53.66
N ALA C 441 -38.43 -38.30 53.42
CA ALA C 441 -39.71 -38.93 53.67
C ALA C 441 -39.90 -40.15 52.78
N GLU C 442 -39.42 -40.09 51.53
CA GLU C 442 -39.71 -41.16 50.58
C GLU C 442 -38.93 -42.43 50.91
N ASP C 443 -37.67 -42.30 51.32
CA ASP C 443 -36.88 -43.49 51.64
C ASP C 443 -36.58 -43.65 53.12
N LYS C 444 -37.27 -42.90 53.98
CA LYS C 444 -37.04 -43.00 55.42
C LYS C 444 -35.57 -42.70 55.75
N GLY C 445 -35.07 -41.60 55.18
CA GLY C 445 -33.69 -41.22 55.34
C GLY C 445 -33.48 -40.19 56.44
N ASN C 446 -32.19 -39.86 56.65
CA ASN C 446 -31.77 -38.98 57.74
C ASN C 446 -30.74 -37.97 57.27
N ARG C 447 -30.85 -37.49 56.04
CA ARG C 447 -30.00 -36.42 55.56
C ARG C 447 -30.34 -35.11 56.28
N GLU C 448 -29.31 -34.32 56.58
CA GLU C 448 -29.50 -33.03 57.23
C GLU C 448 -29.11 -31.90 56.28
N PHE C 449 -29.52 -30.68 56.63
CA PHE C 449 -29.18 -29.54 55.78
C PHE C 449 -28.77 -28.31 56.57
N ILE C 450 -27.89 -27.51 55.94
CA ILE C 450 -27.63 -26.13 56.30
C ILE C 450 -28.01 -25.28 55.10
N LEU C 451 -28.86 -24.28 55.31
CA LEU C 451 -29.13 -23.23 54.34
C LEU C 451 -28.40 -21.95 54.73
N VAL C 452 -27.97 -21.19 53.72
CA VAL C 452 -27.56 -19.80 53.91
C VAL C 452 -28.30 -18.96 52.90
N GLN C 453 -28.83 -17.84 53.36
CA GLN C 453 -29.48 -16.88 52.49
C GLN C 453 -29.22 -15.49 53.05
N ILE C 454 -28.69 -14.60 52.22
CA ILE C 454 -28.45 -13.24 52.67
C ILE C 454 -29.78 -12.54 52.86
N ASP C 455 -29.79 -11.54 53.74
CA ASP C 455 -31.01 -10.80 54.09
C ASP C 455 -31.08 -9.51 53.26
N GLU C 456 -31.22 -9.69 51.96
CA GLU C 456 -31.30 -8.54 51.07
C GLU C 456 -32.69 -7.93 51.17
N GLU C 457 -32.74 -6.61 51.31
CA GLU C 457 -34.00 -5.89 51.41
C GLU C 457 -34.85 -6.10 50.16
N ILE C 458 -36.13 -6.40 50.38
CA ILE C 458 -37.12 -6.50 49.31
C ILE C 458 -37.71 -5.11 49.06
N LYS C 459 -37.60 -4.64 47.83
CA LYS C 459 -38.02 -3.28 47.52
C LYS C 459 -39.53 -3.13 47.64
N GLU C 460 -39.98 -1.89 47.86
CA GLU C 460 -41.37 -1.64 48.24
C GLU C 460 -42.36 -2.09 47.17
N ASP C 461 -41.99 -1.98 45.90
CA ASP C 461 -42.89 -2.33 44.81
C ASP C 461 -42.88 -3.81 44.47
N GLU C 462 -41.85 -4.55 44.89
CA GLU C 462 -41.90 -6.00 44.74
C GLU C 462 -43.13 -6.54 45.46
N SER C 463 -43.74 -7.58 44.89
CA SER C 463 -44.98 -8.10 45.45
C SER C 463 -44.75 -8.74 46.82
N ALA C 464 -43.61 -9.39 47.00
CA ALA C 464 -43.37 -10.15 48.21
C ALA C 464 -43.22 -9.27 49.44
N TYR C 465 -43.17 -7.95 49.26
CA TYR C 465 -42.99 -7.04 50.38
C TYR C 465 -44.20 -7.07 51.31
N ASP C 466 -45.39 -6.85 50.75
CA ASP C 466 -46.60 -6.85 51.57
C ASP C 466 -46.83 -8.21 52.20
N PHE C 467 -46.52 -9.29 51.47
CA PHE C 467 -46.58 -10.62 52.06
C PHE C 467 -45.72 -10.71 53.31
N CYS C 468 -44.44 -10.33 53.18
CA CYS C 468 -43.55 -10.36 54.33
C CYS C 468 -44.07 -9.46 55.46
N LYS C 469 -44.52 -8.26 55.12
CA LYS C 469 -45.03 -7.34 56.13
C LYS C 469 -46.25 -7.92 56.83
N LYS C 470 -47.24 -8.35 56.05
CA LYS C 470 -48.55 -8.67 56.59
C LYS C 470 -48.64 -10.13 57.05
N GLU C 471 -48.28 -11.06 56.19
CA GLU C 471 -48.48 -12.45 56.54
C GLU C 471 -47.36 -13.00 57.42
N LEU C 472 -46.13 -12.52 57.24
CA LEU C 472 -44.99 -12.99 58.03
C LEU C 472 -44.61 -12.05 59.17
N LYS C 473 -45.34 -10.93 59.33
CA LYS C 473 -45.13 -10.00 60.44
C LYS C 473 -43.69 -9.50 60.52
N SER C 474 -43.01 -9.45 59.38
CA SER C 474 -41.60 -9.05 59.34
C SER C 474 -41.48 -7.53 59.38
N ALA C 475 -40.62 -7.03 60.27
CA ALA C 475 -40.41 -5.58 60.37
C ALA C 475 -39.88 -5.01 59.06
N LYS C 476 -38.80 -5.59 58.53
CA LYS C 476 -38.28 -5.18 57.23
C LYS C 476 -38.18 -6.39 56.29
N PRO C 477 -39.09 -6.51 55.33
CA PRO C 477 -39.07 -7.64 54.38
C PRO C 477 -37.70 -7.83 53.75
N VAL C 478 -37.23 -9.07 53.78
CA VAL C 478 -35.94 -9.46 53.20
C VAL C 478 -36.09 -10.86 52.60
N ILE C 479 -35.24 -11.18 51.61
CA ILE C 479 -35.43 -12.43 50.86
C ILE C 479 -35.41 -13.63 51.81
N SER C 480 -34.61 -13.56 52.88
CA SER C 480 -34.51 -14.66 53.83
C SER C 480 -35.86 -14.99 54.43
N ASP C 481 -36.73 -13.98 54.60
CA ASP C 481 -38.08 -14.20 55.09
C ASP C 481 -38.82 -15.21 54.23
N ILE C 482 -38.80 -15.02 52.91
CA ILE C 482 -39.61 -15.92 52.11
C ILE C 482 -38.89 -17.23 51.89
N THR C 483 -37.55 -17.22 51.94
CA THR C 483 -36.80 -18.47 52.02
C THR C 483 -37.39 -19.34 53.13
N ILE C 484 -37.35 -18.81 54.36
CA ILE C 484 -37.73 -19.60 55.53
C ILE C 484 -39.18 -20.06 55.41
N GLU C 485 -40.06 -19.17 54.92
CA GLU C 485 -41.48 -19.51 54.86
C GLU C 485 -41.74 -20.63 53.86
N ARG C 486 -41.11 -20.57 52.66
CA ARG C 486 -41.26 -21.68 51.72
C ARG C 486 -40.82 -22.97 52.38
N VAL C 487 -39.72 -22.94 53.14
CA VAL C 487 -39.24 -24.17 53.79
C VAL C 487 -40.27 -24.67 54.80
N LYS C 488 -40.92 -23.76 55.54
CA LYS C 488 -41.92 -24.22 56.52
C LYS C 488 -43.13 -24.81 55.81
N ARG C 489 -43.61 -24.11 54.78
CA ARG C 489 -44.74 -24.63 54.01
C ARG C 489 -44.42 -25.99 53.40
N ALA C 490 -43.23 -26.15 52.84
CA ALA C 490 -42.84 -27.46 52.33
C ALA C 490 -42.80 -28.48 53.46
N ALA C 491 -42.15 -28.13 54.58
CA ALA C 491 -42.07 -29.05 55.72
C ALA C 491 -43.46 -29.37 56.26
N GLN C 492 -44.33 -28.36 56.39
CA GLN C 492 -45.69 -28.62 56.88
C GLN C 492 -46.42 -29.59 55.97
N LYS C 493 -46.19 -29.48 54.66
CA LYS C 493 -46.93 -30.33 53.73
C LYS C 493 -46.43 -31.76 53.80
N ILE C 494 -45.10 -31.96 53.78
CA ILE C 494 -44.57 -33.32 53.84
C ILE C 494 -44.98 -33.99 55.16
N SER C 495 -45.00 -33.20 56.25
CA SER C 495 -45.36 -33.74 57.54
C SER C 495 -46.81 -34.21 57.55
N GLN C 496 -47.71 -33.49 56.89
CA GLN C 496 -49.10 -33.91 56.83
C GLN C 496 -49.25 -35.25 56.11
N LEU C 497 -48.48 -35.45 55.03
CA LEU C 497 -48.71 -36.59 54.14
C LEU C 497 -48.17 -37.90 54.70
N SER C 498 -47.19 -37.83 55.60
CA SER C 498 -46.51 -39.01 56.13
C SER C 498 -46.60 -38.97 57.64
N LYS C 499 -47.54 -39.70 58.22
CA LYS C 499 -47.65 -39.71 59.68
C LYS C 499 -46.57 -40.57 60.31
N ASP C 500 -45.32 -40.36 59.90
CA ASP C 500 -44.15 -40.79 60.64
C ASP C 500 -43.48 -39.57 61.24
N SER C 501 -43.16 -39.66 62.53
CA SER C 501 -42.44 -38.61 63.22
C SER C 501 -40.97 -38.93 63.43
N GLY C 502 -40.52 -40.07 62.91
CA GLY C 502 -39.11 -40.43 62.98
C GLY C 502 -38.22 -39.64 62.06
N LEU C 503 -38.79 -38.87 61.14
CA LEU C 503 -38.00 -38.01 60.28
C LEU C 503 -38.02 -36.57 60.79
N ASP C 504 -36.86 -35.94 60.75
CA ASP C 504 -36.66 -34.58 61.22
C ASP C 504 -37.06 -33.60 60.12
N LEU C 505 -38.22 -32.97 60.24
CA LEU C 505 -38.62 -31.89 59.35
C LEU C 505 -38.48 -30.51 59.98
N GLY C 506 -37.77 -30.41 61.10
CA GLY C 506 -37.58 -29.14 61.77
C GLY C 506 -36.25 -28.49 61.40
N PHE C 507 -36.11 -27.23 61.83
CA PHE C 507 -34.85 -26.52 61.66
C PHE C 507 -34.81 -25.39 62.68
N LYS C 508 -33.60 -24.88 62.92
CA LYS C 508 -33.39 -23.68 63.72
C LYS C 508 -32.85 -22.61 62.79
N VAL C 509 -33.27 -21.36 63.02
CA VAL C 509 -32.82 -20.23 62.22
C VAL C 509 -31.82 -19.42 63.05
N TYR C 510 -30.69 -19.08 62.45
CA TYR C 510 -29.66 -18.28 63.09
C TYR C 510 -29.38 -17.02 62.27
N THR C 511 -29.16 -15.90 62.94
CA THR C 511 -28.61 -14.73 62.27
C THR C 511 -27.14 -14.58 62.61
N LEU C 512 -26.48 -13.69 61.87
CA LEU C 512 -25.04 -13.44 62.02
C LEU C 512 -24.85 -12.04 62.59
N GLN C 513 -24.36 -11.98 63.82
CA GLN C 513 -23.94 -10.71 64.41
C GLN C 513 -22.42 -10.71 64.53
N ASP C 514 -21.83 -9.52 64.40
CA ASP C 514 -20.39 -9.35 64.56
C ASP C 514 -20.02 -9.10 66.02
N ASP C 532 -25.72 -8.02 73.23
CA ASP C 532 -27.07 -8.35 72.78
C ASP C 532 -27.13 -9.77 72.17
N LEU C 533 -26.54 -10.72 72.89
CA LEU C 533 -26.67 -12.14 72.59
C LEU C 533 -26.93 -12.89 73.89
N THR C 534 -27.78 -13.91 73.78
CA THR C 534 -28.26 -14.66 74.92
C THR C 534 -27.14 -15.47 75.55
N PRO C 535 -27.24 -15.80 76.84
CA PRO C 535 -26.32 -16.81 77.41
C PRO C 535 -26.24 -18.06 76.56
N PHE C 536 -27.39 -18.58 76.14
CA PHE C 536 -27.41 -19.70 75.21
C PHE C 536 -26.64 -19.40 73.94
N ASP C 537 -26.85 -18.21 73.35
CA ASP C 537 -26.12 -17.83 72.14
C ASP C 537 -24.61 -17.86 72.36
N LYS C 538 -24.15 -17.32 73.48
CA LYS C 538 -22.73 -17.32 73.77
C LYS C 538 -22.22 -18.75 73.94
N ALA C 539 -23.02 -19.60 74.59
CA ALA C 539 -22.66 -21.01 74.73
C ALA C 539 -22.65 -21.72 73.39
N LEU C 540 -23.68 -21.49 72.57
CA LEU C 540 -23.71 -22.11 71.25
C LEU C 540 -22.48 -21.73 70.44
N ASN C 541 -22.14 -20.43 70.43
CA ASN C 541 -20.93 -19.99 69.74
C ASN C 541 -19.69 -20.58 70.36
N LEU C 542 -19.70 -20.77 71.67
CA LEU C 542 -18.58 -21.44 72.33
C LEU C 542 -18.52 -22.91 71.93
N ALA C 543 -19.66 -23.60 71.92
CA ALA C 543 -19.65 -25.02 71.57
C ALA C 543 -19.24 -25.23 70.13
N LEU C 544 -19.66 -24.32 69.25
CA LEU C 544 -19.32 -24.44 67.84
C LEU C 544 -17.82 -24.35 67.63
N GLN C 545 -17.17 -23.39 68.30
CA GLN C 545 -15.73 -23.28 68.10
C GLN C 545 -14.96 -24.39 68.82
N CYS C 546 -15.61 -25.28 69.54
CA CYS C 546 -14.96 -26.47 70.08
C CYS C 546 -15.21 -27.71 69.22
N GLY C 547 -15.66 -27.53 67.98
CA GLY C 547 -15.89 -28.64 67.07
C GLY C 547 -17.26 -29.27 67.16
N LYS C 548 -18.17 -28.73 67.97
CA LYS C 548 -19.52 -29.25 68.01
C LYS C 548 -20.32 -28.70 66.85
N THR C 549 -21.12 -29.57 66.23
CA THR C 549 -21.90 -29.20 65.05
C THR C 549 -23.32 -28.80 65.46
N LEU C 550 -24.01 -28.15 64.51
CA LEU C 550 -25.33 -27.62 64.81
C LEU C 550 -26.34 -28.73 65.09
N ASN C 551 -26.18 -29.88 64.45
CA ASN C 551 -27.08 -31.00 64.73
C ASN C 551 -26.87 -31.64 66.10
N GLN C 552 -25.81 -31.29 66.81
CA GLN C 552 -25.61 -31.83 68.15
C GLN C 552 -26.40 -31.00 69.14
N ALA C 553 -27.19 -31.68 69.98
CA ALA C 553 -27.96 -31.00 71.02
C ALA C 553 -27.08 -29.99 71.75
N LEU C 554 -26.79 -28.85 71.11
CA LEU C 554 -25.85 -27.84 71.61
C LEU C 554 -26.34 -27.28 72.93
N GLU C 555 -27.41 -27.85 73.43
CA GLU C 555 -28.06 -27.43 74.65
C GLU C 555 -28.55 -28.69 75.36
N ILE C 556 -27.69 -29.27 76.18
CA ILE C 556 -28.18 -29.78 77.46
C ILE C 556 -28.18 -28.55 78.37
N ILE C 557 -29.35 -28.09 78.77
CA ILE C 557 -29.45 -26.88 79.58
C ILE C 557 -29.42 -27.28 81.05
N ILE C 558 -28.30 -27.00 81.72
CA ILE C 558 -28.17 -27.15 83.17
C ILE C 558 -28.18 -25.76 83.80
N LYS C 559 -29.39 -25.23 84.01
CA LYS C 559 -29.63 -23.88 84.50
C LYS C 559 -29.24 -22.81 83.48
N ASP C 560 -29.74 -21.58 83.64
CA ASP C 560 -29.41 -20.48 82.74
C ASP C 560 -27.93 -20.07 82.77
N LYS C 561 -27.04 -20.99 83.15
CA LYS C 561 -25.63 -20.73 83.43
C LYS C 561 -24.68 -21.76 82.83
N LEU C 562 -25.00 -23.04 82.94
CA LEU C 562 -24.14 -24.11 82.44
C LEU C 562 -24.84 -24.89 81.33
N TYR C 563 -24.06 -25.24 80.31
CA TYR C 563 -24.55 -25.99 79.15
C TYR C 563 -23.60 -27.14 78.86
N LYS C 564 -24.17 -28.24 78.35
CA LYS C 564 -23.41 -29.45 78.06
C LYS C 564 -23.73 -29.88 76.64
N CYS C 565 -22.69 -30.01 75.82
CA CYS C 565 -22.81 -30.57 74.48
C CYS C 565 -21.78 -31.68 74.37
N GLU C 566 -22.24 -32.89 74.04
CA GLU C 566 -21.41 -34.10 74.05
C GLU C 566 -20.88 -34.21 75.48
N ASP C 567 -19.57 -34.34 75.68
CA ASP C 567 -19.01 -34.43 77.03
C ASP C 567 -18.19 -33.19 77.39
N ALA C 568 -18.70 -32.01 77.04
CA ALA C 568 -18.05 -30.75 77.34
C ALA C 568 -19.03 -29.76 77.97
N TYR C 569 -18.60 -29.11 79.04
CA TYR C 569 -19.42 -28.12 79.76
C TYR C 569 -19.06 -26.71 79.29
N PHE C 570 -20.09 -25.89 79.07
CA PHE C 570 -19.91 -24.51 78.63
C PHE C 570 -20.65 -23.62 79.60
N CYS C 571 -19.89 -22.82 80.35
CA CYS C 571 -20.41 -22.08 81.49
C CYS C 571 -20.25 -20.59 81.25
N ILE C 572 -21.34 -19.86 81.34
CA ILE C 572 -21.35 -18.41 81.13
C ILE C 572 -21.65 -17.65 82.42
N VAL C 573 -22.13 -18.33 83.46
CA VAL C 573 -22.19 -17.78 84.81
C VAL C 573 -21.46 -18.76 85.73
N CYS C 574 -20.20 -18.44 86.07
CA CYS C 574 -19.45 -19.28 87.01
C CYS C 574 -20.07 -19.31 88.41
N ASP C 575 -20.89 -18.30 88.75
CA ASP C 575 -21.75 -18.19 89.94
C ASP C 575 -21.42 -19.15 91.07
N GLU C 576 -22.47 -19.79 91.61
CA GLU C 576 -22.32 -20.66 92.78
C GLU C 576 -23.13 -21.94 92.58
N GLU C 577 -24.39 -21.79 92.16
CA GLU C 577 -25.21 -22.95 91.82
C GLU C 577 -24.50 -23.86 90.84
N ALA C 578 -23.70 -23.29 89.95
CA ALA C 578 -23.00 -24.08 88.95
C ALA C 578 -21.82 -24.81 89.58
N GLN C 579 -20.99 -24.12 90.36
CA GLN C 579 -19.81 -24.77 90.93
C GLN C 579 -20.19 -25.96 91.80
N GLU C 580 -21.32 -25.88 92.51
CA GLU C 580 -21.80 -27.03 93.27
C GLU C 580 -22.24 -28.15 92.33
N TYR C 581 -22.87 -27.80 91.22
CA TYR C 581 -23.22 -28.76 90.19
C TYR C 581 -22.11 -28.95 89.16
N LEU C 582 -21.00 -28.22 89.29
CA LEU C 582 -19.78 -28.50 88.53
C LEU C 582 -18.84 -29.41 89.30
N ALA C 583 -18.87 -29.34 90.64
CA ALA C 583 -18.26 -30.35 91.50
C ALA C 583 -19.00 -31.69 91.45
N LYS C 584 -19.97 -31.79 90.53
CA LYS C 584 -20.67 -33.03 90.27
C LYS C 584 -19.70 -34.13 89.88
N SER C 585 -19.06 -34.00 88.72
CA SER C 585 -18.06 -34.96 88.28
C SER C 585 -17.06 -34.27 87.36
N LYS C 586 -15.79 -34.63 87.50
CA LYS C 586 -14.72 -33.98 86.73
C LYS C 586 -14.34 -34.78 85.50
N ASN C 587 -13.08 -34.62 85.05
CA ASN C 587 -12.58 -35.19 83.81
C ASN C 587 -13.30 -34.60 82.59
N GLU C 588 -14.63 -34.52 82.65
CA GLU C 588 -15.37 -33.76 81.65
C GLU C 588 -14.91 -32.32 81.68
N MET C 589 -14.70 -31.74 80.50
CA MET C 589 -14.03 -30.45 80.39
C MET C 589 -15.02 -29.29 80.60
N ILE C 590 -14.47 -28.11 80.89
CA ILE C 590 -15.25 -26.89 81.07
C ILE C 590 -14.59 -25.76 80.31
N PHE C 591 -15.35 -25.14 79.39
CA PHE C 591 -14.90 -24.01 78.57
C PHE C 591 -15.56 -22.71 79.01
N LEU C 592 -14.81 -21.62 78.89
CA LEU C 592 -15.27 -20.29 79.28
C LEU C 592 -15.13 -19.33 78.10
N ASP C 593 -16.09 -18.42 77.98
CA ASP C 593 -15.98 -17.34 77.00
C ASP C 593 -14.98 -16.32 77.50
N GLY C 594 -13.90 -16.11 76.74
CA GLY C 594 -12.85 -15.20 77.14
C GLY C 594 -13.29 -13.75 77.27
N TYR C 595 -14.39 -13.37 76.63
CA TYR C 595 -14.87 -12.00 76.65
C TYR C 595 -15.95 -11.77 77.70
N GLU C 596 -15.99 -12.61 78.74
CA GLU C 596 -16.84 -12.38 79.91
C GLU C 596 -15.96 -11.92 81.07
N GLU C 597 -16.57 -11.80 82.26
CA GLU C 597 -15.87 -11.17 83.38
C GLU C 597 -15.57 -12.13 84.53
N LEU C 600 -13.78 -13.30 93.13
CA LEU C 600 -13.02 -13.87 92.03
C LEU C 600 -13.06 -15.39 92.12
N GLU C 601 -12.01 -16.05 91.62
CA GLU C 601 -12.10 -17.47 91.32
C GLU C 601 -11.36 -18.37 92.30
N ALA C 602 -12.13 -18.96 93.19
CA ALA C 602 -11.88 -20.27 93.73
C ALA C 602 -12.24 -21.41 92.73
N PHE C 603 -12.58 -21.11 91.47
CA PHE C 603 -12.93 -22.15 90.50
C PHE C 603 -11.79 -23.16 90.33
N LEU C 604 -10.55 -22.68 90.36
CA LEU C 604 -9.40 -23.54 90.09
C LEU C 604 -9.23 -24.57 91.20
N ASN C 605 -10.36 -25.02 91.77
CA ASN C 605 -10.48 -26.25 92.52
C ASN C 605 -10.88 -27.42 91.63
N LEU C 606 -11.24 -27.16 90.38
CA LEU C 606 -11.47 -28.19 89.37
C LEU C 606 -10.36 -28.07 88.34
N ASN C 607 -9.47 -29.08 88.32
CA ASN C 607 -8.41 -29.26 87.33
C ASN C 607 -8.13 -28.01 86.51
N ALA C 608 -7.30 -27.11 87.05
CA ALA C 608 -6.91 -25.91 86.30
C ALA C 608 -6.32 -26.25 84.95
N SER C 609 -5.80 -27.48 84.80
CA SER C 609 -5.40 -28.01 83.50
C SER C 609 -6.61 -28.36 82.62
N PHE C 610 -7.83 -28.36 83.18
CA PHE C 610 -9.04 -28.74 82.46
C PHE C 610 -10.04 -27.59 82.37
N LYS C 611 -9.58 -26.35 82.47
CA LYS C 611 -10.38 -25.17 82.19
C LYS C 611 -9.73 -24.43 81.03
N GLU C 612 -10.47 -24.27 79.94
CA GLU C 612 -9.93 -23.71 78.71
C GLU C 612 -10.71 -22.45 78.35
N ARG C 613 -9.99 -21.33 78.20
CA ARG C 613 -10.59 -20.06 77.82
C ARG C 613 -10.37 -19.83 76.34
N LEU C 614 -11.47 -19.58 75.61
CA LEU C 614 -11.39 -19.25 74.19
C LEU C 614 -11.82 -17.80 73.95
N LEU D 37 38.55 0.64 -4.03
CA LEU D 37 38.89 1.33 -5.26
C LEU D 37 38.95 0.37 -6.44
N SER D 38 39.35 -0.87 -6.16
CA SER D 38 39.25 -1.92 -7.16
C SER D 38 37.82 -2.43 -7.31
N ALA D 39 37.05 -2.40 -6.22
CA ALA D 39 35.64 -2.80 -6.29
C ALA D 39 34.81 -1.79 -7.08
N ILE D 40 35.15 -0.51 -6.99
CA ILE D 40 34.45 0.53 -7.76
C ILE D 40 34.51 0.24 -9.25
N LYS D 41 35.52 -0.51 -9.70
CA LYS D 41 35.78 -0.66 -11.13
C LYS D 41 34.62 -1.32 -11.86
N MET D 42 33.90 -2.21 -11.20
CA MET D 42 32.71 -2.78 -11.83
C MET D 42 31.44 -2.06 -11.40
N LEU D 43 31.43 -1.49 -10.20
CA LEU D 43 30.31 -0.67 -9.77
C LEU D 43 30.00 0.43 -10.78
N LEU D 44 30.99 1.28 -11.08
CA LEU D 44 30.78 2.28 -12.12
C LEU D 44 30.60 1.64 -13.48
N GLY D 45 30.99 0.38 -13.64
CA GLY D 45 30.82 -0.37 -14.88
C GLY D 45 29.46 -1.02 -15.04
N PHE D 46 28.96 -1.66 -13.98
CA PHE D 46 27.58 -2.12 -13.99
C PHE D 46 26.64 -0.93 -14.19
N ASN D 47 27.00 0.24 -13.67
CA ASN D 47 26.17 1.41 -13.86
C ASN D 47 26.13 1.81 -15.33
N GLU D 48 27.29 1.99 -15.96
CA GLU D 48 27.32 2.29 -17.38
C GLU D 48 26.50 1.27 -18.17
N SER D 49 26.72 -0.02 -17.90
CA SER D 49 25.96 -1.06 -18.59
C SER D 49 24.45 -0.93 -18.35
N MET D 50 24.05 -0.54 -17.12
CA MET D 50 22.63 -0.35 -16.84
C MET D 50 22.08 0.91 -17.52
N ASN D 51 22.89 1.95 -17.64
CA ASN D 51 22.42 3.15 -18.33
C ASN D 51 22.21 2.89 -19.82
N ASP D 52 23.03 2.03 -20.43
CA ASP D 52 22.83 1.71 -21.84
C ASP D 52 21.46 1.09 -22.09
N ILE D 53 21.02 0.19 -21.21
CA ILE D 53 19.68 -0.37 -21.37
C ILE D 53 18.61 0.61 -20.88
N SER D 54 18.90 1.41 -19.86
CA SER D 54 17.93 2.43 -19.45
C SER D 54 17.69 3.44 -20.56
N GLY D 55 18.74 3.80 -21.30
CA GLY D 55 18.59 4.71 -22.42
C GLY D 55 18.88 6.16 -22.07
N TYR D 56 18.36 7.03 -22.93
CA TYR D 56 18.53 8.48 -22.80
C TYR D 56 17.80 9.02 -21.55
N GLU D 57 18.50 9.85 -20.77
CA GLU D 57 17.95 10.41 -19.54
C GLU D 57 18.89 11.47 -18.99
N LEU D 58 18.31 12.61 -18.57
CA LEU D 58 19.03 13.60 -17.79
C LEU D 58 18.93 13.21 -16.33
N THR D 59 20.07 13.05 -15.66
CA THR D 59 20.10 12.57 -14.30
C THR D 59 20.77 13.61 -13.41
N TRP D 60 20.38 13.59 -12.14
CA TRP D 60 20.94 14.53 -11.17
C TRP D 60 20.57 14.03 -9.77
N THR D 61 21.25 14.55 -8.76
CA THR D 61 21.09 14.07 -7.39
C THR D 61 19.71 14.46 -6.86
N GLY D 62 18.92 13.47 -6.47
CA GLY D 62 17.64 13.76 -5.85
C GLY D 62 16.45 13.76 -6.78
N LYS D 63 16.64 13.44 -8.06
CA LYS D 63 15.51 13.29 -8.97
C LYS D 63 14.47 12.32 -8.39
N GLY D 64 14.92 11.26 -7.72
CA GLY D 64 13.98 10.29 -7.17
C GLY D 64 13.11 10.88 -6.08
N PHE D 65 13.71 11.68 -5.20
CA PHE D 65 12.91 12.35 -4.17
C PHE D 65 12.05 13.44 -4.76
N ALA D 66 12.51 14.08 -5.84
CA ALA D 66 11.70 15.06 -6.52
C ALA D 66 10.45 14.41 -7.11
N ASN D 67 10.57 13.19 -7.61
CA ASN D 67 9.39 12.57 -8.20
C ASN D 67 8.46 12.04 -7.13
N ALA D 68 9.02 11.70 -5.96
CA ALA D 68 8.19 11.20 -4.87
C ALA D 68 7.38 12.32 -4.23
N LEU D 69 7.95 13.53 -4.16
CA LEU D 69 7.22 14.66 -3.58
C LEU D 69 5.98 14.99 -4.41
N TYR D 70 6.04 14.73 -5.72
CA TYR D 70 4.85 14.88 -6.57
C TYR D 70 3.69 14.04 -6.08
N SER D 71 3.97 12.83 -5.59
CA SER D 71 2.93 11.87 -5.24
C SER D 71 2.46 11.96 -3.81
N GLU D 72 3.10 12.77 -2.98
CA GLU D 72 2.65 12.90 -1.60
C GLU D 72 1.32 13.63 -1.55
N PRO D 73 0.37 13.15 -0.74
CA PRO D 73 -0.96 13.77 -0.72
C PRO D 73 -0.89 15.23 -0.29
N CYS D 74 -1.86 16.01 -0.76
CA CYS D 74 -1.88 17.44 -0.44
C CYS D 74 -2.08 17.64 1.05
N GLN D 75 -1.24 18.49 1.64
CA GLN D 75 -1.15 18.63 3.08
C GLN D 75 -1.84 19.89 3.61
N LYS D 76 -2.49 20.68 2.76
CA LYS D 76 -2.94 22.02 3.11
C LYS D 76 -4.41 22.20 2.74
N GLN D 77 -4.99 23.31 3.23
CA GLN D 77 -6.29 23.77 2.75
C GLN D 77 -6.30 25.29 2.65
N LEU D 78 -7.39 25.79 2.06
CA LEU D 78 -7.55 27.19 1.70
C LEU D 78 -8.29 27.93 2.80
N LYS D 79 -7.87 29.17 3.05
CA LYS D 79 -8.57 30.07 3.95
C LYS D 79 -8.73 31.40 3.24
N LEU D 80 -9.98 31.85 3.11
CA LEU D 80 -10.23 33.15 2.50
C LEU D 80 -9.56 34.25 3.32
N GLN D 81 -8.95 35.21 2.64
CA GLN D 81 -8.28 36.32 3.32
C GLN D 81 -8.82 37.68 2.93
N GLU D 82 -9.42 37.84 1.75
CA GLU D 82 -9.75 39.15 1.21
C GLU D 82 -10.57 38.99 -0.06
N SER D 83 -11.38 40.01 -0.33
CA SER D 83 -12.09 40.13 -1.59
C SER D 83 -11.93 41.55 -2.09
N PHE D 84 -11.50 41.69 -3.34
CA PHE D 84 -11.24 42.99 -3.91
C PHE D 84 -12.13 43.21 -5.13
N THR D 85 -12.55 44.45 -5.32
CA THR D 85 -13.36 44.86 -6.47
C THR D 85 -12.99 46.30 -6.75
N PRO D 86 -12.54 46.57 -7.97
CA PRO D 86 -12.12 47.93 -8.32
C PRO D 86 -13.30 48.91 -8.22
N GLN D 87 -14.19 48.88 -9.20
CA GLN D 87 -15.32 49.80 -9.26
C GLN D 87 -16.59 49.11 -8.75
N THR D 88 -17.63 49.92 -8.56
CA THR D 88 -18.88 49.47 -7.96
C THR D 88 -19.67 48.55 -8.89
N SER D 89 -18.98 47.65 -9.58
CA SER D 89 -19.67 46.60 -10.33
C SER D 89 -20.39 45.64 -9.40
N ALA D 90 -19.90 45.50 -8.17
CA ALA D 90 -20.57 44.74 -7.12
C ALA D 90 -20.83 43.29 -7.51
N SER D 91 -20.03 42.75 -8.44
CA SER D 91 -20.10 41.35 -8.82
C SER D 91 -19.63 40.49 -7.65
N LYS D 92 -20.57 40.11 -6.78
CA LYS D 92 -20.22 39.61 -5.45
C LYS D 92 -19.16 38.52 -5.48
N HIS D 93 -19.21 37.64 -6.47
CA HIS D 93 -18.18 36.62 -6.59
C HIS D 93 -17.35 36.85 -7.84
N PRO D 94 -16.12 37.35 -7.73
CA PRO D 94 -15.24 37.39 -8.89
C PRO D 94 -14.79 36.00 -9.28
N ASN D 95 -14.58 35.81 -10.58
CA ASN D 95 -14.09 34.52 -11.05
C ASN D 95 -12.57 34.40 -10.94
N ASN D 96 -11.88 35.41 -10.42
CA ASN D 96 -10.42 35.46 -10.39
C ASN D 96 -9.88 35.15 -9.00
N ALA D 97 -8.73 34.47 -8.94
CA ALA D 97 -8.18 34.04 -7.66
C ALA D 97 -6.69 34.37 -7.56
N ILE D 98 -6.25 34.61 -6.33
CA ILE D 98 -4.84 34.74 -5.99
C ILE D 98 -4.59 33.90 -4.75
N ILE D 99 -3.63 32.98 -4.82
CA ILE D 99 -3.32 32.10 -3.70
C ILE D 99 -1.92 32.44 -3.19
N ILE D 100 -1.82 32.71 -1.90
CA ILE D 100 -0.54 32.96 -1.25
C ILE D 100 -0.02 31.63 -0.72
N GLY D 101 1.26 31.34 -0.96
CA GLY D 101 1.87 30.14 -0.43
C GLY D 101 2.71 29.42 -1.47
N ASP D 102 3.16 28.22 -1.13
CA ASP D 102 4.02 27.42 -2.00
C ASP D 102 3.22 26.89 -3.18
N ASN D 103 3.63 27.27 -4.40
CA ASN D 103 2.96 26.75 -5.59
C ASN D 103 2.87 25.23 -5.58
N LEU D 104 3.84 24.54 -4.96
CA LEU D 104 3.76 23.08 -4.85
C LEU D 104 2.49 22.65 -4.13
N ASP D 105 2.25 23.23 -2.95
CA ASP D 105 1.04 22.92 -2.20
C ASP D 105 -0.20 23.43 -2.92
N ALA D 106 -0.10 24.58 -3.58
CA ALA D 106 -1.25 25.13 -4.30
C ALA D 106 -1.72 24.18 -5.39
N LEU D 107 -0.81 23.81 -6.30
CA LEU D 107 -1.21 22.97 -7.43
C LEU D 107 -1.76 21.62 -6.95
N LYS D 108 -1.08 21.01 -5.99
CA LYS D 108 -1.64 19.79 -5.40
C LYS D 108 -3.07 20.01 -4.94
N LEU D 109 -3.35 21.18 -4.38
CA LEU D 109 -4.69 21.46 -3.86
C LEU D 109 -5.67 21.82 -4.97
N LEU D 110 -5.20 22.47 -6.04
CA LEU D 110 -6.05 22.69 -7.20
C LEU D 110 -6.26 21.43 -8.04
N LYS D 111 -5.45 20.39 -7.81
CA LYS D 111 -5.47 19.23 -8.72
C LYS D 111 -6.82 18.53 -8.70
N SER D 112 -7.57 18.63 -7.61
CA SER D 112 -8.90 18.04 -7.54
C SER D 112 -9.84 18.70 -8.55
N ALA D 113 -10.12 20.00 -8.34
CA ALA D 113 -11.13 20.67 -9.14
C ALA D 113 -10.62 21.10 -10.51
N TYR D 114 -9.34 21.47 -10.62
CA TYR D 114 -8.83 22.14 -11.79
C TYR D 114 -8.05 21.21 -12.73
N SER D 115 -8.14 19.90 -12.54
CA SER D 115 -7.46 18.96 -13.42
C SER D 115 -8.03 18.98 -14.83
N GLU D 116 -7.16 19.09 -15.83
CA GLU D 116 -7.56 19.16 -17.24
C GLU D 116 -8.54 20.31 -17.49
N LYS D 117 -8.34 21.42 -16.78
CA LYS D 117 -9.23 22.57 -16.87
C LYS D 117 -8.54 23.88 -17.25
N ILE D 118 -7.23 23.97 -17.12
CA ILE D 118 -6.51 25.22 -17.36
C ILE D 118 -6.13 25.30 -18.82
N LYS D 119 -6.34 26.48 -19.43
CA LYS D 119 -6.12 26.63 -20.86
C LYS D 119 -4.69 27.04 -21.17
N MET D 120 -4.12 27.93 -20.36
CA MET D 120 -2.74 28.37 -20.57
C MET D 120 -2.08 28.63 -19.24
N ILE D 121 -0.89 28.08 -19.05
CA ILE D 121 -0.04 28.40 -17.92
C ILE D 121 1.09 29.27 -18.42
N TYR D 122 1.55 30.19 -17.58
CA TYR D 122 2.79 30.89 -17.84
C TYR D 122 3.60 30.96 -16.54
N ILE D 123 4.88 30.61 -16.58
CA ILE D 123 5.74 30.74 -15.40
C ILE D 123 7.07 31.36 -15.79
N ASP D 124 7.56 32.23 -14.92
CA ASP D 124 8.86 32.88 -15.04
C ASP D 124 9.60 32.49 -13.76
N PRO D 125 10.07 31.25 -13.67
CA PRO D 125 10.70 30.79 -12.43
C PRO D 125 12.03 31.48 -12.22
N PRO D 126 12.63 31.36 -11.04
CA PRO D 126 14.01 31.84 -10.87
C PRO D 126 14.94 31.18 -11.88
N TYR D 127 15.79 32.00 -12.49
CA TYR D 127 16.70 31.51 -13.53
C TYR D 127 17.88 30.73 -12.99
N ASN D 128 18.17 30.81 -11.69
CA ASN D 128 19.39 30.24 -11.11
C ASN D 128 20.66 30.81 -11.77
N THR D 129 20.74 32.15 -11.85
CA THR D 129 21.90 32.84 -12.41
C THR D 129 23.06 32.84 -11.43
N GLY D 130 24.13 33.54 -11.79
CA GLY D 130 25.30 33.60 -10.91
C GLY D 130 25.09 34.46 -9.67
N ASN D 131 24.41 35.59 -9.82
CA ASN D 131 24.20 36.51 -8.70
C ASN D 131 22.96 36.15 -7.88
N ASP D 132 21.79 36.12 -8.52
CA ASP D 132 20.59 35.62 -7.86
C ASP D 132 20.60 34.09 -7.91
N GLU D 133 21.60 33.53 -7.23
CA GLU D 133 21.75 32.09 -7.16
C GLU D 133 20.62 31.48 -6.35
N PHE D 134 20.28 30.25 -6.71
CA PHE D 134 19.07 29.56 -6.24
C PHE D 134 19.42 28.48 -5.23
N ILE D 135 18.77 28.50 -4.07
CA ILE D 135 18.94 27.48 -3.05
C ILE D 135 17.74 26.54 -3.12
N TYR D 136 17.99 25.24 -3.08
CA TYR D 136 16.91 24.25 -3.04
C TYR D 136 16.12 24.39 -1.74
N PRO D 137 14.81 24.66 -1.81
CA PRO D 137 14.01 24.82 -0.58
C PRO D 137 13.25 23.59 -0.11
N ASP D 138 12.97 22.61 -0.99
CA ASP D 138 11.99 21.60 -0.64
C ASP D 138 12.47 20.64 0.44
N ASN D 139 13.76 20.64 0.78
CA ASN D 139 14.26 19.71 1.80
C ASN D 139 14.02 20.28 3.20
N PHE D 140 13.02 21.16 3.32
CA PHE D 140 12.50 21.62 4.59
C PHE D 140 11.01 21.31 4.70
N ARG D 141 10.56 20.18 4.15
CA ARG D 141 9.13 19.88 4.05
C ARG D 141 8.74 18.49 4.55
N GLN D 142 7.83 17.85 3.81
CA GLN D 142 7.55 16.42 3.91
C GLN D 142 8.57 15.59 3.12
N ASP D 143 9.46 16.25 2.38
CA ASP D 143 10.72 15.64 1.97
C ASP D 143 11.39 14.99 3.18
N TYR D 144 11.12 15.50 4.38
CA TYR D 144 11.59 14.86 5.61
C TYR D 144 10.91 13.51 5.82
N GLN D 145 9.58 13.45 5.67
CA GLN D 145 8.89 12.18 5.78
C GLN D 145 9.34 11.20 4.72
N LYS D 146 9.52 11.68 3.48
CA LYS D 146 10.07 10.84 2.41
C LYS D 146 11.44 10.29 2.83
N ILE D 147 12.31 11.16 3.35
CA ILE D 147 13.63 10.70 3.80
C ILE D 147 13.54 9.83 5.04
N LEU D 148 12.41 9.84 5.76
CA LEU D 148 12.25 8.93 6.89
C LEU D 148 11.90 7.52 6.42
N ARG D 149 11.06 7.42 5.38
CA ARG D 149 10.88 6.14 4.71
C ARG D 149 12.19 5.60 4.15
N GLU D 150 13.16 6.48 3.85
CA GLU D 150 14.51 6.06 3.50
C GLU D 150 15.36 5.99 4.76
N VAL D 151 16.57 6.55 4.75
CA VAL D 151 17.46 6.55 5.91
C VAL D 151 17.61 7.98 6.44
N GLY D 152 17.22 8.18 7.70
CA GLY D 152 17.34 9.48 8.36
C GLY D 152 18.13 9.35 9.66
N GLU D 164 20.21 13.02 11.27
CA GLU D 164 20.14 13.21 9.83
C GLU D 164 20.78 12.05 9.07
N SER D 165 21.89 11.52 9.61
CA SER D 165 22.65 10.36 9.11
C SER D 165 23.70 10.72 8.05
N GLU D 166 24.82 10.01 8.07
CA GLU D 166 25.99 10.39 7.28
C GLU D 166 25.68 10.45 5.80
N SER D 167 24.80 9.56 5.31
CA SER D 167 24.51 9.53 3.88
C SER D 167 23.78 10.81 3.45
N LEU D 168 22.84 11.29 4.26
CA LEU D 168 22.09 12.50 3.90
C LEU D 168 23.00 13.70 3.76
N LYS D 169 24.08 13.77 4.54
CA LYS D 169 25.06 14.85 4.40
C LYS D 169 25.86 14.75 3.12
N PHE D 170 25.75 13.66 2.37
CA PHE D 170 26.38 13.56 1.06
C PHE D 170 25.48 14.10 -0.05
N PHE D 171 24.18 13.78 -0.01
CA PHE D 171 23.29 14.22 -1.08
C PHE D 171 23.06 15.73 -1.05
N LYS D 172 22.94 16.31 0.15
CA LYS D 172 22.73 17.75 0.27
C LYS D 172 24.00 18.56 0.02
N ASN D 173 25.19 17.93 0.11
CA ASN D 173 26.43 18.61 -0.22
C ASN D 173 26.63 18.70 -1.74
N THR D 174 26.39 17.60 -2.45
CA THR D 174 26.42 17.57 -3.90
C THR D 174 25.27 18.34 -4.54
N GLN D 175 24.41 18.96 -3.73
CA GLN D 175 23.21 19.65 -4.19
C GLN D 175 23.02 20.93 -3.37
N GLY D 176 24.05 21.78 -3.36
CA GLY D 176 24.03 23.00 -2.57
C GLY D 176 24.24 24.23 -3.43
N SER D 177 23.51 25.29 -3.10
CA SER D 177 23.60 26.61 -3.76
C SER D 177 23.25 26.41 -5.24
N GLY D 178 23.92 27.11 -6.16
CA GLY D 178 23.46 27.19 -7.53
C GLY D 178 23.72 25.99 -8.42
N THR D 179 23.61 24.78 -7.89
CA THR D 179 23.73 23.59 -8.72
C THR D 179 22.51 23.46 -9.61
N HIS D 180 22.69 22.73 -10.71
CA HIS D 180 21.54 22.33 -11.50
C HIS D 180 20.63 21.38 -10.75
N SER D 181 21.23 20.46 -9.98
CA SER D 181 20.49 19.38 -9.35
C SER D 181 19.39 19.92 -8.45
N GLY D 182 19.73 20.90 -7.60
CA GLY D 182 18.71 21.45 -6.73
C GLY D 182 17.59 22.12 -7.51
N TRP D 183 17.95 22.85 -8.57
CA TRP D 183 16.93 23.56 -9.35
C TRP D 183 16.05 22.58 -10.11
N LEU D 184 16.63 21.52 -10.67
CA LEU D 184 15.82 20.54 -11.38
C LEU D 184 14.93 19.78 -10.40
N SER D 185 15.48 19.37 -9.25
CA SER D 185 14.66 18.73 -8.24
C SER D 185 13.50 19.62 -7.84
N PHE D 186 13.75 20.92 -7.70
CA PHE D 186 12.68 21.86 -7.41
C PHE D 186 11.68 21.94 -8.57
N MET D 187 12.15 22.01 -9.81
CA MET D 187 11.22 22.26 -10.91
C MET D 187 10.35 21.04 -11.22
N LEU D 188 10.91 19.82 -11.12
CA LEU D 188 10.19 18.59 -11.49
C LEU D 188 8.76 18.47 -10.92
N PRO D 189 8.54 18.42 -9.59
CA PRO D 189 7.18 18.11 -9.12
C PRO D 189 6.17 19.19 -9.47
N ARG D 190 6.58 20.45 -9.50
CA ARG D 190 5.65 21.52 -9.86
C ARG D 190 5.31 21.46 -11.34
N LEU D 191 6.27 21.07 -12.19
CA LEU D 191 5.96 20.94 -13.62
C LEU D 191 5.05 19.75 -13.89
N LYS D 192 5.27 18.65 -13.17
CA LYS D 192 4.39 17.51 -13.35
C LYS D 192 2.96 17.87 -12.99
N LEU D 193 2.79 18.67 -11.92
CA LEU D 193 1.46 19.08 -11.50
C LEU D 193 0.83 20.05 -12.50
N ALA D 194 1.64 20.95 -13.05
CA ALA D 194 1.16 21.87 -14.06
C ALA D 194 0.57 21.11 -15.25
N ARG D 195 1.19 19.98 -15.62
CA ARG D 195 0.66 19.22 -16.75
C ARG D 195 -0.71 18.65 -16.42
N ASP D 196 -0.87 18.10 -15.21
CA ASP D 196 -2.15 17.55 -14.78
C ASP D 196 -3.30 18.57 -14.92
N LEU D 197 -3.03 19.85 -14.69
CA LEU D 197 -4.10 20.85 -14.73
C LEU D 197 -4.40 21.34 -16.13
N LEU D 198 -3.47 21.23 -17.08
CA LEU D 198 -3.78 21.69 -18.43
C LEU D 198 -4.85 20.84 -19.08
N LYS D 199 -5.71 21.48 -19.86
CA LYS D 199 -6.66 20.69 -20.59
C LYS D 199 -6.05 20.24 -21.91
N GLU D 200 -6.67 19.22 -22.51
CA GLU D 200 -6.29 18.64 -23.79
C GLU D 200 -5.71 19.69 -24.74
N ASP D 201 -6.39 20.83 -24.86
CA ASP D 201 -5.94 21.91 -25.73
C ASP D 201 -5.13 22.96 -24.97
N GLY D 202 -4.52 22.58 -23.85
CA GLY D 202 -3.72 23.51 -23.08
C GLY D 202 -2.25 23.52 -23.49
N VAL D 203 -1.61 24.67 -23.27
CA VAL D 203 -0.17 24.81 -23.42
C VAL D 203 0.38 25.47 -22.17
N ILE D 204 1.68 25.26 -21.95
CA ILE D 204 2.43 25.91 -20.88
C ILE D 204 3.58 26.68 -21.49
N PHE D 205 3.76 27.93 -21.05
CA PHE D 205 4.88 28.76 -21.43
C PHE D 205 5.79 28.97 -20.23
N ILE D 206 7.10 28.84 -20.44
CA ILE D 206 8.08 28.97 -19.36
C ILE D 206 9.22 29.87 -19.83
N SER D 207 9.35 31.03 -19.19
CA SER D 207 10.49 31.91 -19.40
C SER D 207 11.74 31.32 -18.74
N ILE D 208 12.91 31.63 -19.29
CA ILE D 208 14.16 31.05 -18.80
C ILE D 208 15.32 31.66 -19.58
N ASP D 209 16.51 31.70 -18.96
CA ASP D 209 17.68 32.19 -19.67
C ASP D 209 18.69 31.06 -19.96
N ASP D 210 19.93 31.42 -20.27
CA ASP D 210 20.90 30.44 -20.77
C ASP D 210 21.33 29.48 -19.67
N ASN D 211 21.24 29.90 -18.40
CA ASN D 211 21.72 29.07 -17.30
C ASN D 211 21.00 27.73 -17.25
N GLU D 212 19.69 27.73 -17.44
CA GLU D 212 18.94 26.50 -17.25
C GLU D 212 18.07 26.16 -18.46
N CYS D 213 18.20 26.90 -19.57
CA CYS D 213 17.38 26.59 -20.74
C CYS D 213 17.49 25.12 -21.14
N ALA D 214 18.71 24.64 -21.40
CA ALA D 214 18.86 23.27 -21.89
C ALA D 214 18.36 22.25 -20.86
N ASN D 215 18.67 22.47 -19.58
CA ASN D 215 18.16 21.57 -18.55
C ASN D 215 16.64 21.60 -18.51
N LEU D 216 16.04 22.80 -18.64
CA LEU D 216 14.58 22.92 -18.62
C LEU D 216 13.96 22.21 -19.81
N LYS D 217 14.49 22.47 -21.02
CA LYS D 217 13.96 21.85 -22.24
C LYS D 217 13.95 20.34 -22.12
N ILE D 218 15.00 19.76 -21.56
CA ILE D 218 15.08 18.30 -21.44
C ILE D 218 14.16 17.81 -20.34
N LEU D 219 13.99 18.58 -19.27
CA LEU D 219 13.08 18.17 -18.21
C LEU D 219 11.64 18.20 -18.68
N CYS D 220 11.25 19.22 -19.45
CA CYS D 220 9.90 19.24 -19.97
C CYS D 220 9.69 18.15 -21.02
N ASP D 221 10.70 17.88 -21.84
CA ASP D 221 10.60 16.75 -22.76
C ASP D 221 10.21 15.48 -22.00
N GLU D 222 10.87 15.21 -20.87
CA GLU D 222 10.57 14.01 -20.11
C GLU D 222 9.17 14.03 -19.49
N ILE D 223 8.61 15.21 -19.22
CA ILE D 223 7.33 15.32 -18.52
C ILE D 223 6.16 15.43 -19.50
N PHE D 224 6.29 16.27 -20.53
CA PHE D 224 5.25 16.48 -21.53
C PHE D 224 5.42 15.62 -22.77
N GLY D 225 6.55 14.91 -22.90
CA GLY D 225 6.84 14.24 -24.14
C GLY D 225 7.49 15.15 -25.16
N GLU D 226 8.61 14.72 -25.74
CA GLU D 226 9.29 15.55 -26.72
C GLU D 226 8.36 15.95 -27.85
N ASP D 227 7.47 15.04 -28.27
CA ASP D 227 6.54 15.36 -29.36
C ASP D 227 5.64 16.53 -29.02
N ASN D 228 5.35 16.76 -27.75
CA ASN D 228 4.48 17.84 -27.35
C ASN D 228 5.21 19.14 -27.16
N PHE D 229 6.51 19.18 -27.49
CA PHE D 229 7.23 20.44 -27.54
C PHE D 229 6.68 21.29 -28.69
N VAL D 230 6.26 22.52 -28.39
CA VAL D 230 5.69 23.35 -29.45
C VAL D 230 6.77 24.11 -30.20
N GLY D 231 7.77 24.60 -29.51
CA GLY D 231 8.66 25.61 -30.04
C GLY D 231 9.14 26.53 -28.94
N ASP D 232 10.12 27.34 -29.27
CA ASP D 232 10.72 28.27 -28.32
C ASP D 232 10.72 29.65 -28.94
N PHE D 233 10.49 30.67 -28.10
CA PHE D 233 10.48 32.04 -28.56
C PHE D 233 11.65 32.77 -27.94
N ILE D 234 12.08 33.82 -28.63
CA ILE D 234 13.27 34.58 -28.29
C ILE D 234 12.83 35.99 -27.93
N ARG D 235 13.19 36.45 -26.75
CA ARG D 235 12.91 37.81 -26.31
C ARG D 235 14.22 38.59 -26.25
N LYS D 236 14.30 39.68 -27.01
CA LYS D 236 15.40 40.61 -26.81
C LYS D 236 15.29 41.29 -25.43
N THR D 237 16.38 41.28 -24.66
CA THR D 237 16.35 41.72 -23.27
C THR D 237 16.87 43.14 -23.08
N LYS D 238 17.74 43.61 -23.96
CA LYS D 238 18.46 44.88 -23.80
C LYS D 238 19.18 45.14 -25.12
N SER D 239 19.85 46.29 -25.20
CA SER D 239 20.60 46.73 -26.38
C SER D 239 22.10 46.63 -26.20
N THR D 240 22.60 47.10 -25.06
CA THR D 240 24.02 47.11 -24.75
C THR D 240 24.19 46.54 -23.36
N THR D 241 25.09 45.58 -23.21
CA THR D 241 25.12 44.80 -21.98
C THR D 241 25.99 45.46 -20.93
N ASN D 242 25.65 45.16 -19.66
CA ASN D 242 26.37 45.54 -18.45
C ASN D 242 27.86 45.72 -18.70
N ASP D 243 28.56 44.60 -18.84
CA ASP D 243 30.01 44.59 -19.07
C ASP D 243 30.33 43.51 -20.09
N ALA D 244 31.07 43.90 -21.14
CA ALA D 244 31.42 42.97 -22.21
C ALA D 244 32.84 42.45 -21.99
N LYS D 245 32.98 41.65 -20.93
CA LYS D 245 34.29 41.16 -20.51
C LYS D 245 35.05 40.49 -21.65
N ILE D 246 34.34 39.83 -22.57
CA ILE D 246 35.01 39.10 -23.63
C ILE D 246 34.46 39.54 -24.99
N GLY D 247 34.02 40.79 -25.09
CA GLY D 247 33.56 41.30 -26.37
C GLY D 247 32.20 40.81 -26.79
N LEU D 248 31.55 39.98 -25.97
CA LEU D 248 30.22 39.46 -26.23
C LEU D 248 29.17 40.44 -25.71
N ASN D 249 28.08 40.61 -26.47
CA ASN D 249 26.93 41.40 -26.04
C ASN D 249 25.70 40.49 -26.04
N TYR D 250 25.41 39.88 -24.89
CA TYR D 250 24.40 38.85 -24.75
C TYR D 250 23.07 39.49 -24.35
N GLN D 251 22.07 39.38 -25.22
CA GLN D 251 20.93 40.28 -25.19
C GLN D 251 19.60 39.55 -25.35
N HIS D 252 19.49 38.28 -24.97
CA HIS D 252 18.22 37.61 -25.22
C HIS D 252 17.98 36.50 -24.20
N GLU D 253 16.74 36.03 -24.18
CA GLU D 253 16.33 34.91 -23.34
C GLU D 253 15.30 34.09 -24.11
N PHE D 254 14.78 33.08 -23.45
CA PHE D 254 13.94 32.09 -24.08
C PHE D 254 12.56 32.01 -23.45
N LEU D 255 11.61 31.63 -24.28
CA LEU D 255 10.24 31.33 -23.86
C LEU D 255 9.90 29.95 -24.42
N LEU D 256 9.96 28.92 -23.59
CA LEU D 256 9.59 27.58 -24.00
C LEU D 256 8.09 27.36 -23.95
N CYS D 257 7.56 26.69 -24.97
CA CYS D 257 6.15 26.31 -25.07
C CYS D 257 6.03 24.81 -25.25
N TYR D 258 5.33 24.17 -24.32
CA TYR D 258 4.91 22.78 -24.41
C TYR D 258 3.39 22.69 -24.40
N ALA D 259 2.86 21.70 -25.11
CA ALA D 259 1.44 21.41 -25.16
C ALA D 259 1.11 20.19 -24.31
N LYS D 260 -0.07 20.21 -23.69
CA LYS D 260 -0.55 18.99 -23.06
C LYS D 260 -0.69 17.87 -24.09
N ASP D 261 -1.26 18.19 -25.25
CA ASP D 261 -1.45 17.24 -26.35
C ASP D 261 -1.39 18.04 -27.65
N LYS D 262 -0.21 18.05 -28.29
CA LYS D 262 0.05 18.89 -29.46
C LYS D 262 -0.95 18.66 -30.58
N ASN D 263 -1.78 17.62 -30.51
CA ASN D 263 -2.82 17.43 -31.52
C ASN D 263 -3.91 18.48 -31.42
N TYR D 264 -4.18 18.97 -30.22
CA TYR D 264 -5.33 19.84 -29.99
C TYR D 264 -4.94 21.30 -29.79
N THR D 265 -3.77 21.71 -30.28
CA THR D 265 -3.32 23.05 -29.97
C THR D 265 -3.35 23.95 -31.20
N ASN D 266 -3.60 25.23 -30.94
CA ASN D 266 -3.77 26.25 -31.96
C ASN D 266 -3.30 27.56 -31.38
N LEU D 267 -2.20 28.10 -31.91
CA LEU D 267 -1.61 29.35 -31.44
C LEU D 267 -1.87 30.52 -32.37
N LEU D 268 -2.90 30.45 -33.21
CA LEU D 268 -3.31 31.61 -33.98
C LEU D 268 -3.85 32.70 -33.05
N GLY D 269 -4.23 33.85 -33.60
CA GLY D 269 -4.66 34.96 -32.78
C GLY D 269 -6.15 35.07 -32.48
N GLY D 270 -6.99 34.80 -33.47
CA GLY D 270 -8.42 35.04 -33.33
C GLY D 270 -9.18 34.05 -32.47
N GLU D 271 -10.42 33.75 -32.86
CA GLU D 271 -11.21 32.74 -32.18
C GLU D 271 -10.78 31.32 -32.53
N LYS D 272 -9.73 31.18 -33.34
CA LYS D 272 -9.06 29.90 -33.58
C LYS D 272 -9.98 28.81 -34.13
N GLN D 366 -6.31 35.04 -40.35
CA GLN D 366 -5.61 34.34 -39.28
C GLN D 366 -4.12 34.69 -39.25
N LYS D 367 -3.59 34.93 -38.04
CA LYS D 367 -2.24 35.45 -37.86
C LYS D 367 -1.43 34.51 -36.97
N THR D 368 -0.25 34.13 -37.44
CA THR D 368 0.55 33.11 -36.78
C THR D 368 1.38 33.72 -35.64
N PHE D 369 1.84 32.84 -34.76
CA PHE D 369 2.75 33.19 -33.68
C PHE D 369 4.19 32.96 -34.16
N ASP D 370 4.91 34.05 -34.41
CA ASP D 370 6.26 33.99 -34.97
C ASP D 370 7.30 33.83 -33.88
N SER D 371 8.14 32.80 -34.01
CA SER D 371 9.12 32.45 -32.98
C SER D 371 10.08 33.59 -32.66
N LEU D 372 10.16 34.63 -33.50
CA LEU D 372 11.07 35.74 -33.28
C LEU D 372 10.33 37.05 -33.05
N ILE D 373 9.03 36.95 -32.75
CA ILE D 373 8.21 38.15 -32.60
C ILE D 373 8.75 39.05 -31.49
N PHE D 374 9.27 38.46 -30.40
CA PHE D 374 9.73 39.26 -29.26
C PHE D 374 11.19 39.66 -29.35
N SER D 375 11.81 39.54 -30.51
CA SER D 375 13.19 39.99 -30.67
C SER D 375 13.25 41.47 -30.94
N ASP D 376 12.11 42.13 -31.00
CA ASP D 376 12.01 43.55 -31.27
C ASP D 376 12.28 44.35 -29.99
N ASN D 377 12.83 45.56 -30.16
CA ASN D 377 13.13 46.46 -29.06
C ASN D 377 11.92 46.67 -28.15
N CYS D 378 10.70 46.49 -28.66
CA CYS D 378 9.48 46.68 -27.89
C CYS D 378 9.43 45.84 -26.64
N TYR D 379 10.10 44.69 -26.59
CA TYR D 379 9.89 43.79 -25.46
C TYR D 379 11.10 43.71 -24.53
N MET D 380 11.95 44.74 -24.53
CA MET D 380 13.15 44.70 -23.73
C MET D 380 12.82 44.97 -22.28
N ASN D 381 13.83 44.81 -21.43
CA ASN D 381 13.59 44.94 -19.99
C ASN D 381 13.09 46.33 -19.60
N GLN D 382 13.62 47.36 -20.27
CA GLN D 382 13.25 48.74 -19.98
C GLN D 382 11.74 48.98 -20.10
N ALA D 383 11.06 48.27 -21.01
CA ALA D 383 9.61 48.45 -21.10
C ALA D 383 8.94 48.09 -19.78
N ALA D 384 9.31 46.93 -19.22
CA ALA D 384 8.68 46.44 -18.01
C ALA D 384 8.94 47.36 -16.82
N THR D 385 10.20 47.77 -16.63
CA THR D 385 10.49 48.62 -15.47
C THR D 385 9.82 49.98 -15.63
N LYS D 386 9.57 50.39 -16.86
CA LYS D 386 8.81 51.61 -17.12
C LYS D 386 7.40 51.49 -16.58
N GLU D 387 6.82 50.27 -16.59
CA GLU D 387 5.43 50.11 -16.19
C GLU D 387 5.29 50.08 -14.68
N LEU D 388 6.24 49.45 -13.98
CA LEU D 388 6.18 49.49 -12.51
C LEU D 388 6.36 50.92 -12.00
N LEU D 389 7.31 51.66 -12.57
CA LEU D 389 7.45 53.07 -12.25
C LEU D 389 6.12 53.81 -12.37
N ASN D 390 5.38 53.54 -13.45
CA ASN D 390 4.13 54.25 -13.67
C ASN D 390 3.08 53.86 -12.65
N LEU D 391 3.24 52.72 -12.00
CA LEU D 391 2.36 52.28 -10.93
C LEU D 391 2.91 52.62 -9.55
N GLY D 392 3.99 53.40 -9.47
CA GLY D 392 4.60 53.71 -8.19
C GLY D 392 5.31 52.55 -7.52
N MET D 393 5.57 51.45 -8.22
CA MET D 393 6.19 50.29 -7.61
C MET D 393 7.55 50.00 -8.23
N GLY D 394 8.19 51.05 -8.77
CA GLY D 394 9.52 50.89 -9.34
C GLY D 394 10.49 50.31 -8.34
N GLU D 395 10.50 50.82 -7.11
CA GLU D 395 11.50 50.41 -6.14
C GLU D 395 11.21 49.07 -5.48
N TYR D 396 10.13 48.36 -5.85
CA TYR D 396 9.67 47.25 -5.03
C TYR D 396 9.79 45.86 -5.66
N PHE D 397 9.93 45.75 -7.00
CA PHE D 397 10.25 44.45 -7.58
C PHE D 397 11.28 44.63 -8.70
N THR D 398 12.25 43.72 -8.76
CA THR D 398 13.52 44.03 -9.41
C THR D 398 13.52 43.71 -10.92
N TYR D 399 13.19 42.48 -11.32
CA TYR D 399 13.26 42.11 -12.73
C TYR D 399 11.89 41.63 -13.19
N PRO D 400 10.95 42.55 -13.40
CA PRO D 400 9.61 42.19 -13.86
C PRO D 400 9.55 41.93 -15.36
N LYS D 401 8.68 41.02 -15.74
CA LYS D 401 8.32 40.92 -17.15
C LYS D 401 7.43 42.11 -17.53
N GLY D 402 7.19 42.26 -18.82
CA GLY D 402 6.54 43.43 -19.37
C GLY D 402 5.14 43.08 -19.85
N VAL D 403 4.24 44.06 -19.76
CA VAL D 403 2.82 43.82 -20.02
C VAL D 403 2.59 43.45 -21.48
N GLU D 404 3.18 44.21 -22.42
CA GLU D 404 2.97 43.90 -23.84
C GLU D 404 3.48 42.51 -24.24
N PHE D 405 4.56 42.04 -23.61
CA PHE D 405 5.03 40.66 -23.79
C PHE D 405 4.01 39.63 -23.32
N MET D 406 3.48 39.77 -22.10
CA MET D 406 2.53 38.77 -21.62
C MET D 406 1.24 38.82 -22.42
N LYS D 407 0.84 40.01 -22.87
CA LYS D 407 -0.41 40.16 -23.60
C LYS D 407 -0.38 39.33 -24.88
N LYS D 408 0.71 39.44 -25.66
CA LYS D 408 0.73 38.68 -26.90
C LYS D 408 0.72 37.19 -26.63
N ILE D 409 1.29 36.75 -25.51
CA ILE D 409 1.21 35.35 -25.16
C ILE D 409 -0.25 34.94 -24.93
N ILE D 410 -0.96 35.70 -24.11
CA ILE D 410 -2.35 35.36 -23.82
C ILE D 410 -3.17 35.40 -25.10
N LEU D 411 -2.90 36.39 -25.96
CA LEU D 411 -3.68 36.54 -27.19
C LEU D 411 -3.54 35.32 -28.09
N HIS D 412 -2.37 34.67 -28.12
CA HIS D 412 -2.21 33.56 -29.04
C HIS D 412 -2.62 32.23 -28.43
N SER D 413 -2.68 32.14 -27.10
CA SER D 413 -2.92 30.87 -26.43
C SER D 413 -4.31 30.74 -25.82
N THR D 414 -5.18 31.74 -25.96
CA THR D 414 -6.51 31.69 -25.38
C THR D 414 -7.53 32.32 -26.32
N THR D 415 -8.78 31.81 -26.26
CA THR D 415 -9.89 32.45 -26.94
C THR D 415 -10.47 33.56 -26.06
N PRO D 416 -11.08 34.58 -26.66
CA PRO D 416 -11.57 35.69 -25.83
C PRO D 416 -12.82 35.36 -25.02
N ASN D 417 -13.76 34.59 -25.57
CA ASN D 417 -15.08 34.43 -24.97
C ASN D 417 -15.39 32.95 -24.75
N GLU D 418 -14.63 32.31 -23.86
CA GLU D 418 -14.89 30.90 -23.57
C GLU D 418 -14.53 30.50 -22.14
N GLY D 419 -14.30 31.45 -21.24
CA GLY D 419 -13.96 31.11 -19.86
C GLY D 419 -12.59 30.51 -19.67
N ASP D 420 -11.67 30.74 -20.61
CA ASP D 420 -10.33 30.17 -20.47
C ASP D 420 -9.66 30.70 -19.20
N ILE D 421 -9.01 29.81 -18.47
CA ILE D 421 -8.31 30.17 -17.24
C ILE D 421 -6.81 30.22 -17.50
N ILE D 422 -6.18 31.33 -17.10
CA ILE D 422 -4.74 31.50 -17.11
C ILE D 422 -4.20 31.30 -15.69
N LEU D 423 -3.23 30.41 -15.54
CA LEU D 423 -2.62 30.14 -14.24
C LEU D 423 -1.14 30.50 -14.30
N ASP D 424 -0.68 31.25 -13.28
CA ASP D 424 0.73 31.66 -13.17
C ASP D 424 1.16 31.48 -11.72
N PHE D 425 1.90 30.40 -11.43
CA PHE D 425 2.26 30.08 -10.04
C PHE D 425 3.70 30.47 -9.69
N PHE D 426 4.22 31.51 -10.34
CA PHE D 426 5.41 32.19 -9.88
C PHE D 426 5.13 33.68 -10.08
N ALA D 427 4.11 34.18 -9.36
CA ALA D 427 3.46 35.45 -9.67
C ALA D 427 4.44 36.61 -9.77
N GLY D 428 5.44 36.66 -8.87
CA GLY D 428 6.27 37.84 -8.80
C GLY D 428 5.42 39.09 -8.72
N SER D 429 5.70 40.06 -9.59
CA SER D 429 4.96 41.32 -9.56
C SER D 429 3.58 41.20 -10.18
N GLY D 430 3.20 40.01 -10.67
CA GLY D 430 1.86 39.84 -11.21
C GLY D 430 1.64 40.44 -12.57
N THR D 431 2.72 40.66 -13.34
CA THR D 431 2.59 41.13 -14.73
C THR D 431 1.60 40.30 -15.52
N THR D 432 1.50 39.01 -15.22
CA THR D 432 0.67 38.13 -16.02
C THR D 432 -0.78 38.52 -15.95
N VAL D 433 -1.29 38.84 -14.75
CA VAL D 433 -2.71 39.19 -14.63
C VAL D 433 -2.96 40.65 -14.95
N HIS D 434 -1.98 41.54 -14.73
CA HIS D 434 -2.07 42.86 -15.32
C HIS D 434 -2.36 42.73 -16.81
N ALA D 435 -1.70 41.76 -17.46
CA ALA D 435 -1.85 41.59 -18.91
C ALA D 435 -3.21 41.00 -19.28
N VAL D 436 -3.71 40.01 -18.52
CA VAL D 436 -5.00 39.43 -18.90
C VAL D 436 -6.14 40.41 -18.62
N MET D 437 -6.01 41.25 -17.58
CA MET D 437 -7.03 42.26 -17.35
C MET D 437 -7.03 43.28 -18.48
N GLU D 438 -5.84 43.80 -18.81
CA GLU D 438 -5.76 44.83 -19.83
C GLU D 438 -6.24 44.30 -21.17
N LEU D 439 -6.03 43.00 -21.41
CA LEU D 439 -6.46 42.35 -22.63
C LEU D 439 -7.97 42.07 -22.63
N ASN D 440 -8.51 41.57 -21.52
CA ASN D 440 -9.95 41.38 -21.45
C ASN D 440 -10.70 42.68 -21.72
N ALA D 441 -10.09 43.81 -21.36
CA ALA D 441 -10.77 45.10 -21.45
C ALA D 441 -10.75 45.70 -22.85
N GLU D 442 -10.07 45.07 -23.81
CA GLU D 442 -10.04 45.61 -25.16
C GLU D 442 -10.88 44.83 -26.14
N ASP D 443 -10.90 43.50 -26.05
CA ASP D 443 -11.83 42.69 -26.83
C ASP D 443 -12.99 42.17 -25.99
N LYS D 444 -13.12 42.63 -24.75
CA LYS D 444 -14.28 42.34 -23.91
C LYS D 444 -14.39 40.86 -23.60
N GLY D 445 -13.24 40.23 -23.38
CA GLY D 445 -13.18 38.80 -23.10
C GLY D 445 -13.46 38.47 -21.65
N ASN D 446 -13.65 37.17 -21.39
CA ASN D 446 -14.04 36.67 -20.08
C ASN D 446 -12.96 35.78 -19.47
N ARG D 447 -11.70 36.01 -19.84
CA ARG D 447 -10.62 35.18 -19.30
C ARG D 447 -10.53 35.34 -17.79
N GLU D 448 -10.15 34.26 -17.12
CA GLU D 448 -10.01 34.28 -15.67
C GLU D 448 -8.59 33.86 -15.33
N PHE D 449 -8.13 34.28 -14.16
CA PHE D 449 -6.77 33.99 -13.78
C PHE D 449 -6.70 33.36 -12.39
N ILE D 450 -5.54 32.76 -12.13
CA ILE D 450 -5.18 32.23 -10.81
C ILE D 450 -3.70 32.54 -10.63
N LEU D 451 -3.36 33.29 -9.58
CA LEU D 451 -1.98 33.59 -9.24
C LEU D 451 -1.59 32.83 -7.99
N VAL D 452 -0.37 32.30 -7.97
CA VAL D 452 0.22 31.81 -6.73
C VAL D 452 1.53 32.54 -6.49
N GLN D 453 1.74 32.95 -5.24
CA GLN D 453 2.94 33.69 -4.86
C GLN D 453 3.32 33.32 -3.44
N ILE D 454 4.54 32.80 -3.27
CA ILE D 454 5.10 32.50 -1.96
C ILE D 454 5.14 33.76 -1.10
N ASP D 455 4.93 33.58 0.20
CA ASP D 455 4.97 34.69 1.16
C ASP D 455 6.37 34.81 1.78
N GLU D 456 7.35 35.09 0.93
CA GLU D 456 8.73 35.19 1.38
C GLU D 456 8.92 36.49 2.15
N GLU D 457 9.60 36.42 3.28
CA GLU D 457 9.77 37.61 4.09
C GLU D 457 10.67 38.60 3.37
N ILE D 458 10.21 39.84 3.26
CA ILE D 458 11.05 40.93 2.80
C ILE D 458 11.93 41.37 3.95
N LYS D 459 13.18 41.74 3.65
CA LYS D 459 14.08 42.16 4.71
C LYS D 459 14.19 43.69 4.77
N GLU D 460 14.52 44.19 5.96
CA GLU D 460 14.37 45.62 6.26
C GLU D 460 15.26 46.51 5.40
N ASP D 461 16.30 45.96 4.77
CA ASP D 461 17.16 46.76 3.91
C ASP D 461 16.57 46.99 2.52
N GLU D 462 15.62 46.16 2.10
CA GLU D 462 14.92 46.36 0.83
C GLU D 462 13.80 47.38 1.02
N SER D 463 13.69 48.31 0.06
CA SER D 463 12.81 49.46 0.25
C SER D 463 11.34 49.07 0.38
N ALA D 464 10.95 47.92 -0.17
CA ALA D 464 9.55 47.51 -0.10
C ALA D 464 9.10 47.22 1.33
N TYR D 465 10.05 47.01 2.25
CA TYR D 465 9.73 46.76 3.66
C TYR D 465 8.93 47.91 4.25
N ASP D 466 9.49 49.12 4.21
CA ASP D 466 8.77 50.29 4.71
C ASP D 466 7.42 50.46 4.01
N PHE D 467 7.32 50.04 2.74
CA PHE D 467 6.09 50.22 1.96
C PHE D 467 4.98 49.29 2.43
N CYS D 468 5.28 47.99 2.53
CA CYS D 468 4.26 47.04 3.01
C CYS D 468 3.78 47.37 4.42
N LYS D 469 4.72 47.61 5.33
CA LYS D 469 4.37 47.81 6.74
C LYS D 469 3.62 49.11 6.98
N LYS D 470 3.80 50.15 6.15
CA LYS D 470 2.91 51.30 6.30
C LYS D 470 1.80 51.31 5.26
N GLU D 471 2.15 51.55 3.98
CA GLU D 471 1.13 51.74 2.95
C GLU D 471 0.14 50.56 2.93
N LEU D 472 0.67 49.36 2.88
CA LEU D 472 -0.15 48.15 2.98
C LEU D 472 -0.36 47.70 4.43
N LYS D 473 0.23 48.42 5.38
CA LYS D 473 0.12 48.16 6.82
C LYS D 473 0.21 46.67 7.15
N SER D 474 1.14 45.99 6.49
CA SER D 474 1.35 44.57 6.71
C SER D 474 2.21 44.35 7.93
N ALA D 475 1.75 43.47 8.83
CA ALA D 475 2.54 43.14 10.02
C ALA D 475 3.90 42.57 9.64
N LYS D 476 3.91 41.57 8.75
CA LYS D 476 5.14 41.03 8.18
C LYS D 476 5.22 41.43 6.71
N PRO D 477 6.22 42.19 6.27
CA PRO D 477 6.34 42.43 4.82
C PRO D 477 6.71 41.13 4.11
N VAL D 478 5.84 40.68 3.22
CA VAL D 478 6.12 39.52 2.39
C VAL D 478 5.89 39.90 0.93
N ILE D 479 6.60 39.22 0.04
CA ILE D 479 6.58 39.55 -1.38
C ILE D 479 5.15 39.50 -1.93
N SER D 480 4.31 38.64 -1.37
CA SER D 480 2.93 38.57 -1.84
C SER D 480 2.17 39.87 -1.60
N ASP D 481 2.50 40.61 -0.52
CA ASP D 481 1.92 41.94 -0.34
C ASP D 481 2.09 42.78 -1.59
N ILE D 482 3.33 42.89 -2.07
CA ILE D 482 3.55 43.78 -3.20
C ILE D 482 3.03 43.15 -4.48
N THR D 483 2.96 41.81 -4.56
CA THR D 483 2.22 41.15 -5.63
C THR D 483 0.79 41.71 -5.72
N ILE D 484 0.07 41.64 -4.61
CA ILE D 484 -1.35 42.00 -4.59
C ILE D 484 -1.55 43.50 -4.77
N GLU D 485 -0.64 44.34 -4.26
CA GLU D 485 -0.85 45.77 -4.46
C GLU D 485 -0.68 46.17 -5.92
N ARG D 486 0.25 45.52 -6.65
CA ARG D 486 0.41 45.80 -8.08
C ARG D 486 -0.85 45.41 -8.85
N VAL D 487 -1.36 44.20 -8.59
CA VAL D 487 -2.60 43.75 -9.21
C VAL D 487 -3.74 44.73 -8.91
N LYS D 488 -3.84 45.19 -7.66
CA LYS D 488 -4.88 46.15 -7.28
C LYS D 488 -4.72 47.45 -8.05
N ARG D 489 -3.50 48.00 -8.07
CA ARG D 489 -3.31 49.29 -8.71
C ARG D 489 -3.65 49.21 -10.19
N ALA D 490 -3.25 48.12 -10.85
CA ALA D 490 -3.54 47.94 -12.26
C ALA D 490 -5.04 47.74 -12.49
N ALA D 491 -5.70 46.92 -11.67
CA ALA D 491 -7.16 46.81 -11.76
C ALA D 491 -7.80 48.18 -11.63
N GLN D 492 -7.29 49.00 -10.71
CA GLN D 492 -7.85 50.34 -10.54
C GLN D 492 -7.72 51.15 -11.81
N LYS D 493 -6.48 51.31 -12.31
CA LYS D 493 -6.28 52.21 -13.44
C LYS D 493 -7.04 51.73 -14.66
N ILE D 494 -7.15 50.41 -14.84
CA ILE D 494 -7.93 49.87 -15.95
C ILE D 494 -9.41 50.14 -15.76
N SER D 495 -9.91 49.92 -14.54
CA SER D 495 -11.30 50.27 -14.25
C SER D 495 -11.56 51.73 -14.57
N GLN D 496 -10.70 52.62 -14.07
CA GLN D 496 -10.93 54.05 -14.25
C GLN D 496 -10.86 54.47 -15.71
N LEU D 497 -10.30 53.64 -16.58
CA LEU D 497 -10.31 53.89 -18.02
C LEU D 497 -11.46 53.21 -18.74
N SER D 498 -12.01 52.12 -18.19
CA SER D 498 -13.10 51.42 -18.82
C SER D 498 -14.44 52.12 -18.59
N LYS D 499 -15.39 51.82 -19.47
CA LYS D 499 -16.78 52.20 -19.26
C LYS D 499 -17.69 50.98 -19.15
N ASP D 500 -17.11 49.83 -18.78
CA ASP D 500 -17.79 48.54 -18.86
C ASP D 500 -18.16 48.08 -17.46
N SER D 501 -19.46 48.10 -17.16
CA SER D 501 -19.96 47.61 -15.88
C SER D 501 -19.59 46.14 -15.68
N GLY D 502 -19.72 45.33 -16.74
CA GLY D 502 -19.55 43.90 -16.64
C GLY D 502 -18.21 43.37 -17.12
N LEU D 503 -17.13 44.07 -16.80
CA LEU D 503 -15.77 43.58 -17.00
C LEU D 503 -15.19 43.28 -15.64
N ASP D 504 -14.77 42.03 -15.42
CA ASP D 504 -14.42 41.52 -14.10
C ASP D 504 -12.95 41.82 -13.79
N LEU D 505 -12.73 42.69 -12.81
CA LEU D 505 -11.40 43.14 -12.44
C LEU D 505 -11.02 42.79 -11.02
N GLY D 506 -11.94 42.22 -10.24
CA GLY D 506 -11.66 41.87 -8.86
C GLY D 506 -11.19 40.44 -8.72
N PHE D 507 -10.94 40.04 -7.49
CA PHE D 507 -10.40 38.71 -7.22
C PHE D 507 -10.57 38.45 -5.73
N LYS D 508 -10.25 37.23 -5.33
CA LYS D 508 -10.19 36.82 -3.94
C LYS D 508 -8.78 36.35 -3.61
N VAL D 509 -8.30 36.71 -2.42
CA VAL D 509 -7.02 36.21 -1.93
C VAL D 509 -7.32 35.06 -0.98
N TYR D 510 -6.78 33.88 -1.30
CA TYR D 510 -6.83 32.76 -0.39
C TYR D 510 -5.44 32.52 0.17
N THR D 511 -5.40 31.99 1.38
CA THR D 511 -4.15 31.65 2.04
C THR D 511 -4.14 30.14 2.26
N LEU D 512 -2.95 29.60 2.55
CA LEU D 512 -2.77 28.16 2.63
C LEU D 512 -2.30 27.79 4.03
N GLN D 513 -3.20 27.22 4.83
CA GLN D 513 -2.89 26.87 6.21
C GLN D 513 -2.68 25.37 6.36
N ASP D 514 -1.69 25.01 7.21
CA ASP D 514 -1.35 23.61 7.40
C ASP D 514 -2.47 22.84 8.07
N LYS D 515 -3.17 23.48 9.01
CA LYS D 515 -4.16 22.89 9.91
C LYS D 515 -4.83 21.61 9.40
N VAL D 516 -5.15 21.56 8.11
CA VAL D 516 -5.75 20.38 7.48
C VAL D 516 -6.98 19.88 8.23
N SER D 531 -8.73 24.14 12.42
CA SER D 531 -8.90 24.79 13.72
C SER D 531 -8.99 26.31 13.55
N ASP D 532 -8.19 26.87 12.64
CA ASP D 532 -8.25 28.28 12.29
C ASP D 532 -9.00 28.48 10.96
N LEU D 533 -10.07 27.74 10.75
CA LEU D 533 -10.86 27.81 9.52
C LEU D 533 -12.31 28.12 9.89
N THR D 534 -12.78 29.29 9.44
CA THR D 534 -14.19 29.63 9.56
C THR D 534 -15.04 28.60 8.82
N PRO D 535 -16.32 28.46 9.19
CA PRO D 535 -17.15 27.45 8.51
C PRO D 535 -17.19 27.60 7.00
N PHE D 536 -17.23 28.83 6.48
CA PHE D 536 -17.23 29.01 5.03
C PHE D 536 -15.94 28.49 4.41
N ASP D 537 -14.81 28.58 5.12
CA ASP D 537 -13.58 28.01 4.60
C ASP D 537 -13.60 26.49 4.67
N LYS D 538 -14.08 25.92 5.78
CA LYS D 538 -14.32 24.49 5.86
C LYS D 538 -15.17 24.01 4.69
N ALA D 539 -16.23 24.75 4.36
CA ALA D 539 -17.09 24.40 3.24
C ALA D 539 -16.46 24.73 1.90
N LEU D 540 -15.63 25.78 1.85
CA LEU D 540 -14.93 26.08 0.60
C LEU D 540 -14.02 24.93 0.19
N ASN D 541 -13.32 24.33 1.17
CA ASN D 541 -12.50 23.16 0.87
C ASN D 541 -13.37 21.96 0.54
N LEU D 542 -14.49 21.78 1.26
CA LEU D 542 -15.42 20.72 0.94
C LEU D 542 -15.87 20.81 -0.51
N ALA D 543 -16.36 21.99 -0.93
CA ALA D 543 -16.77 22.17 -2.32
C ALA D 543 -15.59 22.01 -3.27
N LEU D 544 -14.38 22.38 -2.84
CA LEU D 544 -13.24 22.35 -3.74
C LEU D 544 -12.89 20.93 -4.13
N GLN D 545 -12.94 19.99 -3.19
CA GLN D 545 -12.53 18.62 -3.45
C GLN D 545 -13.60 17.80 -4.16
N CYS D 546 -14.82 18.32 -4.31
CA CYS D 546 -15.86 17.65 -5.08
C CYS D 546 -16.03 18.23 -6.49
N GLY D 547 -15.00 18.88 -7.02
CA GLY D 547 -15.02 19.32 -8.41
C GLY D 547 -15.55 20.70 -8.67
N LYS D 548 -15.83 21.49 -7.63
CA LYS D 548 -16.33 22.84 -7.81
C LYS D 548 -15.15 23.81 -7.90
N THR D 549 -15.14 24.62 -8.95
CA THR D 549 -14.05 25.53 -9.21
C THR D 549 -14.14 26.77 -8.32
N LEU D 550 -12.98 27.39 -8.06
CA LEU D 550 -12.94 28.64 -7.31
C LEU D 550 -13.79 29.72 -7.98
N ASN D 551 -13.99 29.63 -9.31
CA ASN D 551 -14.89 30.54 -10.02
C ASN D 551 -16.35 30.40 -9.59
N GLN D 552 -16.71 29.31 -8.91
CA GLN D 552 -18.10 29.02 -8.58
C GLN D 552 -18.39 29.44 -7.14
N ALA D 553 -19.49 30.16 -6.92
CA ALA D 553 -19.83 30.69 -5.61
C ALA D 553 -20.62 29.69 -4.79
N LEU D 554 -20.35 29.67 -3.48
CA LEU D 554 -20.92 28.65 -2.61
C LEU D 554 -22.24 29.14 -1.96
N ILE D 558 -26.71 28.86 4.54
CA ILE D 558 -27.73 28.76 5.57
C ILE D 558 -27.21 29.25 6.92
N LYS D 559 -26.52 30.40 6.89
CA LYS D 559 -25.97 31.05 8.07
C LYS D 559 -25.09 30.10 8.88
N ASP D 560 -23.81 30.02 8.54
CA ASP D 560 -22.84 29.21 9.27
C ASP D 560 -23.19 27.73 9.31
N LYS D 561 -24.26 27.31 8.63
CA LYS D 561 -24.73 25.93 8.70
C LYS D 561 -24.58 25.21 7.37
N LEU D 562 -25.34 25.57 6.34
CA LEU D 562 -25.34 24.86 5.07
C LEU D 562 -25.12 25.82 3.91
N TYR D 563 -24.38 25.36 2.90
CA TYR D 563 -24.01 26.18 1.75
C TYR D 563 -24.39 25.46 0.46
N LYS D 564 -24.65 26.24 -0.59
CA LYS D 564 -25.08 25.72 -1.88
C LYS D 564 -24.23 26.35 -2.97
N CYS D 565 -23.26 25.60 -3.47
CA CYS D 565 -22.54 25.94 -4.69
C CYS D 565 -23.17 25.16 -5.84
N GLU D 566 -23.62 25.88 -6.87
CA GLU D 566 -24.64 25.41 -7.81
C GLU D 566 -25.68 24.57 -7.06
N ASP D 567 -26.05 23.41 -7.59
CA ASP D 567 -27.13 22.59 -7.02
C ASP D 567 -26.65 21.65 -5.92
N ALA D 568 -25.80 22.09 -5.00
CA ALA D 568 -25.35 21.23 -3.91
C ALA D 568 -25.51 21.90 -2.56
N PHE D 570 -23.66 21.22 0.37
CA PHE D 570 -22.54 21.28 1.32
C PHE D 570 -22.97 21.86 2.66
N CYS D 571 -22.57 21.22 3.76
CA CYS D 571 -22.90 21.75 5.08
C CYS D 571 -21.90 21.25 6.10
N ILE D 572 -21.65 22.11 7.10
CA ILE D 572 -20.61 21.87 8.11
C ILE D 572 -21.20 21.26 9.37
N VAL D 573 -22.26 21.87 9.91
CA VAL D 573 -23.05 21.30 11.00
C VAL D 573 -24.35 20.78 10.40
N CYS D 574 -24.53 19.46 10.44
CA CYS D 574 -25.67 18.81 9.77
C CYS D 574 -26.71 18.43 10.82
N ASP D 575 -27.49 19.42 11.25
CA ASP D 575 -28.44 19.19 12.33
C ASP D 575 -29.87 19.58 11.94
N GLU D 576 -30.61 20.12 12.90
CA GLU D 576 -32.06 20.30 12.76
C GLU D 576 -32.40 21.19 11.56
N GLU D 577 -31.92 22.43 11.57
CA GLU D 577 -32.33 23.40 10.55
C GLU D 577 -32.13 22.84 9.15
N ALA D 578 -31.00 22.16 8.93
CA ALA D 578 -30.70 21.56 7.63
C ALA D 578 -31.51 20.29 7.37
N GLN D 579 -31.85 19.53 8.43
CA GLN D 579 -32.61 18.30 8.24
C GLN D 579 -33.96 18.58 7.60
N GLU D 580 -34.64 19.64 8.02
CA GLU D 580 -35.89 20.02 7.38
C GLU D 580 -35.65 20.68 6.02
N TYR D 581 -34.47 21.27 5.82
CA TYR D 581 -34.12 21.93 4.57
C TYR D 581 -33.93 20.96 3.41
N LEU D 582 -34.16 19.66 3.61
CA LEU D 582 -34.03 18.67 2.54
C LEU D 582 -35.26 18.61 1.63
N LYS D 584 -36.94 23.25 0.54
CA LYS D 584 -37.18 22.02 -0.21
C LYS D 584 -36.46 22.05 -1.56
N SER D 585 -35.79 20.95 -1.89
CA SER D 585 -35.06 20.85 -3.14
C SER D 585 -34.52 19.43 -3.36
N LYS D 586 -35.43 18.45 -3.31
CA LYS D 586 -35.05 17.06 -3.50
C LYS D 586 -34.11 16.89 -4.69
N ASN D 587 -33.42 15.76 -4.73
CA ASN D 587 -32.49 15.48 -5.83
C ASN D 587 -31.42 16.56 -5.97
N GLU D 588 -30.57 16.68 -4.96
CA GLU D 588 -29.51 17.68 -4.97
C GLU D 588 -28.14 17.02 -4.84
N MET D 589 -28.12 15.80 -4.32
CA MET D 589 -26.87 15.05 -4.14
C MET D 589 -25.87 15.86 -3.31
N ILE D 590 -26.34 16.34 -2.16
CA ILE D 590 -25.54 17.23 -1.33
C ILE D 590 -24.43 16.46 -0.59
N PHE D 591 -23.27 17.10 -0.44
CA PHE D 591 -22.10 16.48 0.15
C PHE D 591 -22.00 16.78 1.64
N LEU D 592 -21.22 15.96 2.35
CA LEU D 592 -21.04 16.10 3.78
C LEU D 592 -19.57 15.88 4.15
N ASP D 593 -19.13 16.56 5.21
CA ASP D 593 -17.72 16.58 5.58
C ASP D 593 -17.41 15.48 6.59
N GLY D 594 -16.25 15.59 7.24
CA GLY D 594 -15.83 14.61 8.23
C GLY D 594 -15.03 15.21 9.37
#